data_4IEF
#
_entry.id   4IEF
#
_cell.length_a   84.420
_cell.length_b   133.140
_cell.length_c   109.830
_cell.angle_alpha   90.00
_cell.angle_beta   90.52
_cell.angle_gamma   90.00
#
_symmetry.space_group_name_H-M   'P 1 21 1'
#
loop_
_entity.id
_entity.type
_entity.pdbx_description
1 polymer 'Gingipain R2 Pro-Domain'
2 polymer 'Gingipain R2 Mature Domain'
3 non-polymer 'CHLORIDE ION'
4 non-polymer 'BARIUM ION'
5 non-polymer 'CALCIUM ION'
6 non-polymer 2-AMINO-2-HYDROXYMETHYL-PROPANE-1,3-DIOL
7 non-polymer 'SODIUM ION'
8 non-polymer 'MAGNESIUM ION'
9 non-polymer GLYCEROL
10 water water
#
loop_
_entity_poly.entity_id
_entity_poly.type
_entity_poly.pdbx_seq_one_letter_code
_entity_poly.pdbx_strand_id
1 'polypeptide(L)'
;GPLGSQPAERGRNPQVRLLSAEQSMSKVQFRMDNLQFTGVQTSKGVAQVPTFTEGVNISEKGTPILPILSRSLAVSETRA
MKVEVVSSKFIEKKDVLIAPSKGVISRAENPDQIPYVYGQSYNEDKFFPGEIATLSDPFILRDVRGQVVNFAPLQYNPVT
KTLRIYTEIVVAVSETAEAGQNTISLVKNSTFTGFEDIYKSVFMNYEATR
;
A,C,E,G
2 'polypeptide(L)'
;YTPVEEKENGRMIVIVPKKYEEDIEDFVDWKNQRGLRTEVKVAEDIASPVTANAIQQFVKQEYEKEGNDLTYVLLVGDHK
DIPAKITPGIKSDQVYGQIVGNDHYNEVFIGRFSCESKEDLKTQIDRTIHYERNITTEDKWLGQALCIASAEGGPSADNG
ESDIQHENIIANLLTQYGYTKIIKCYDPGVTPKNIIDAFNGGISLANYTGHGSETAWGTSHFGTTHVKQLTNSNQLPFIF
DVA(CSD)VNGDFLYNVPCFAEALMRAQKDGKPTGTVAIIASTINQSWASPMRGQDEMNEILCEKHPNNIKRTFGGVTMN
GMFAMVEKYKKDGEKMLDTWTVFGDPSLLVRTLVPTKMQVTAPANISASAQTFEVACDYNGAIATLSDDGDMVGTAIVKD
GKAIIKLNESIADETNLTLTVVGYNKVTVIKDVKVEGHHHHHH
;
B,D,F,H
#
# COMPACT_ATOMS: atom_id res chain seq x y z
N ARG A 12 -23.34 -5.04 -33.40
CA ARG A 12 -22.66 -6.26 -32.93
C ARG A 12 -23.58 -7.47 -33.06
N ASN A 13 -23.03 -8.60 -33.57
CA ASN A 13 -23.79 -9.85 -33.71
C ASN A 13 -23.86 -10.52 -32.33
N PRO A 14 -25.07 -10.66 -31.72
CA PRO A 14 -25.16 -11.26 -30.38
C PRO A 14 -24.96 -12.77 -30.36
N GLN A 15 -25.09 -13.42 -31.53
CA GLN A 15 -24.97 -14.87 -31.67
C GLN A 15 -23.48 -15.31 -31.81
N VAL A 16 -22.56 -14.34 -32.01
CA VAL A 16 -21.12 -14.62 -32.06
C VAL A 16 -20.63 -14.69 -30.61
N ARG A 17 -20.14 -15.87 -30.18
CA ARG A 17 -19.68 -16.09 -28.81
C ARG A 17 -18.42 -16.95 -28.72
N LEU A 18 -17.61 -16.68 -27.67
CA LEU A 18 -16.38 -17.41 -27.35
C LEU A 18 -16.78 -18.69 -26.61
N LEU A 19 -16.59 -19.84 -27.25
CA LEU A 19 -16.94 -21.14 -26.65
C LEU A 19 -15.88 -21.59 -25.65
N SER A 20 -14.59 -21.50 -26.03
CA SER A 20 -13.47 -21.91 -25.20
C SER A 20 -12.25 -20.98 -25.39
N ALA A 21 -11.42 -20.86 -24.34
CA ALA A 21 -10.19 -20.06 -24.33
C ALA A 21 -9.22 -20.64 -23.30
N GLU A 22 -8.12 -21.20 -23.80
CA GLU A 22 -7.03 -21.81 -23.02
C GLU A 22 -5.73 -21.25 -23.56
N GLN A 23 -4.95 -20.55 -22.69
CA GLN A 23 -3.70 -19.83 -23.01
C GLN A 23 -3.90 -18.96 -24.29
N SER A 24 -3.30 -19.35 -25.42
CA SER A 24 -3.43 -18.59 -26.68
C SER A 24 -4.45 -19.25 -27.64
N MET A 25 -4.92 -20.48 -27.32
CA MET A 25 -5.91 -21.24 -28.10
C MET A 25 -7.33 -20.71 -27.80
N SER A 26 -8.15 -20.53 -28.85
CA SER A 26 -9.51 -20.00 -28.74
C SER A 26 -10.50 -20.70 -29.67
N LYS A 27 -11.72 -20.93 -29.16
CA LYS A 27 -12.82 -21.54 -29.90
C LYS A 27 -13.92 -20.51 -30.05
N VAL A 28 -14.13 -20.03 -31.30
CA VAL A 28 -15.10 -18.96 -31.56
C VAL A 28 -16.25 -19.52 -32.42
N GLN A 29 -17.47 -19.25 -31.98
CA GLN A 29 -18.69 -19.65 -32.68
C GLN A 29 -19.33 -18.46 -33.37
N PHE A 30 -19.64 -18.63 -34.65
CA PHE A 30 -20.39 -17.67 -35.45
C PHE A 30 -21.75 -18.26 -35.72
N ARG A 31 -22.79 -17.43 -35.65
CA ARG A 31 -24.14 -17.81 -36.02
C ARG A 31 -24.73 -16.68 -36.84
N MET A 32 -25.38 -17.04 -37.98
CA MET A 32 -26.00 -16.08 -38.88
C MET A 32 -27.13 -15.32 -38.16
N ASP A 33 -27.10 -13.99 -38.25
CA ASP A 33 -28.10 -13.16 -37.60
C ASP A 33 -28.61 -12.09 -38.56
N ASN A 34 -29.94 -11.98 -38.66
CA ASN A 34 -30.70 -11.02 -39.48
C ASN A 34 -30.18 -10.92 -40.94
N LEU A 35 -30.01 -12.09 -41.61
CA LEU A 35 -29.57 -12.09 -43.01
C LEU A 35 -30.68 -11.51 -43.91
N GLN A 36 -30.36 -10.43 -44.63
CA GLN A 36 -31.28 -9.75 -45.54
C GLN A 36 -30.67 -9.58 -46.92
N PHE A 37 -31.52 -9.39 -47.94
CA PHE A 37 -31.09 -9.18 -49.33
C PHE A 37 -31.77 -7.93 -49.87
N THR A 38 -30.98 -7.00 -50.40
CA THR A 38 -31.44 -5.75 -50.99
C THR A 38 -31.31 -5.85 -52.51
N GLY A 39 -32.43 -5.68 -53.20
CA GLY A 39 -32.47 -5.71 -54.65
C GLY A 39 -31.87 -4.45 -55.26
N VAL A 40 -30.91 -4.63 -56.18
CA VAL A 40 -30.24 -3.52 -56.86
C VAL A 40 -30.29 -3.73 -58.39
N GLN A 41 -30.24 -2.62 -59.13
CA GLN A 41 -30.26 -2.58 -60.58
C GLN A 41 -28.89 -2.90 -61.16
N THR A 42 -28.82 -3.93 -62.02
CA THR A 42 -27.55 -4.26 -62.68
C THR A 42 -27.81 -4.56 -64.16
N SER A 43 -26.72 -4.67 -64.94
CA SER A 43 -26.74 -5.01 -66.38
C SER A 43 -27.32 -6.42 -66.61
N LYS A 44 -27.18 -7.33 -65.62
CA LYS A 44 -27.69 -8.70 -65.68
C LYS A 44 -29.09 -8.82 -65.02
N GLY A 45 -29.73 -7.68 -64.75
CA GLY A 45 -31.03 -7.61 -64.11
C GLY A 45 -30.94 -7.28 -62.63
N VAL A 46 -31.98 -7.63 -61.87
CA VAL A 46 -32.02 -7.37 -60.42
C VAL A 46 -31.13 -8.37 -59.70
N ALA A 47 -30.14 -7.83 -58.99
CA ALA A 47 -29.19 -8.59 -58.20
C ALA A 47 -29.40 -8.30 -56.71
N GLN A 48 -28.91 -9.18 -55.84
CA GLN A 48 -29.11 -9.05 -54.40
C GLN A 48 -27.84 -8.66 -53.65
N VAL A 49 -27.96 -7.65 -52.78
CA VAL A 49 -26.88 -7.20 -51.90
C VAL A 49 -27.14 -7.85 -50.53
N PRO A 50 -26.36 -8.86 -50.13
CA PRO A 50 -26.61 -9.49 -48.82
C PRO A 50 -26.09 -8.63 -47.67
N THR A 51 -26.84 -8.63 -46.54
CA THR A 51 -26.49 -7.92 -45.30
C THR A 51 -26.84 -8.78 -44.10
N PHE A 52 -26.01 -8.74 -43.05
CA PHE A 52 -26.27 -9.43 -41.79
C PHE A 52 -25.61 -8.64 -40.66
N THR A 53 -26.08 -8.84 -39.42
CA THR A 53 -25.56 -8.16 -38.22
C THR A 53 -24.03 -8.35 -38.11
N GLU A 54 -23.31 -7.22 -38.05
CA GLU A 54 -21.84 -7.11 -37.95
C GLU A 54 -21.14 -7.58 -39.25
N GLY A 55 -21.91 -7.76 -40.32
CA GLY A 55 -21.40 -8.14 -41.62
C GLY A 55 -20.78 -6.96 -42.34
N VAL A 56 -19.58 -7.16 -42.92
CA VAL A 56 -18.85 -6.09 -43.61
C VAL A 56 -18.42 -6.59 -45.01
N ASN A 57 -18.65 -5.76 -46.04
CA ASN A 57 -18.27 -6.07 -47.41
C ASN A 57 -16.86 -5.53 -47.68
N ILE A 58 -15.89 -6.44 -47.83
CA ILE A 58 -14.50 -6.16 -48.17
C ILE A 58 -14.14 -6.90 -49.49
N SER A 59 -15.19 -7.37 -50.20
CA SER A 59 -15.07 -8.10 -51.48
C SER A 59 -14.46 -7.21 -52.56
N GLU A 60 -13.51 -7.77 -53.31
CA GLU A 60 -12.80 -7.14 -54.43
C GLU A 60 -13.80 -6.69 -55.50
N LYS A 61 -13.54 -5.52 -56.12
CA LYS A 61 -14.38 -4.93 -57.16
C LYS A 61 -14.65 -5.94 -58.29
N GLY A 62 -15.92 -6.13 -58.61
CA GLY A 62 -16.37 -7.03 -59.67
C GLY A 62 -16.63 -8.46 -59.24
N THR A 63 -16.27 -8.80 -57.98
CA THR A 63 -16.49 -10.14 -57.40
C THR A 63 -17.78 -10.09 -56.55
N PRO A 64 -18.45 -11.24 -56.25
CA PRO A 64 -19.71 -11.15 -55.51
C PRO A 64 -19.61 -10.49 -54.12
N ILE A 65 -20.61 -9.66 -53.75
CA ILE A 65 -20.69 -9.02 -52.42
C ILE A 65 -21.02 -10.13 -51.44
N LEU A 66 -20.01 -10.57 -50.70
CA LEU A 66 -20.16 -11.65 -49.73
C LEU A 66 -19.60 -11.18 -48.39
N PRO A 67 -20.45 -10.47 -47.60
CA PRO A 67 -19.99 -9.91 -46.33
C PRO A 67 -19.38 -10.92 -45.38
N ILE A 68 -18.41 -10.44 -44.58
CA ILE A 68 -17.69 -11.21 -43.60
C ILE A 68 -17.90 -10.63 -42.19
N LEU A 69 -17.61 -11.43 -41.17
CA LEU A 69 -17.66 -10.99 -39.78
C LEU A 69 -16.26 -11.18 -39.21
N SER A 70 -15.71 -10.12 -38.61
CA SER A 70 -14.35 -10.13 -38.07
C SER A 70 -14.33 -9.87 -36.57
N ARG A 71 -13.47 -10.63 -35.86
CA ARG A 71 -13.27 -10.53 -34.42
C ARG A 71 -11.80 -10.66 -34.08
N SER A 72 -11.36 -9.85 -33.11
CA SER A 72 -9.96 -9.81 -32.66
C SER A 72 -9.74 -10.75 -31.50
N LEU A 73 -8.58 -11.43 -31.54
CA LEU A 73 -8.19 -12.35 -30.48
C LEU A 73 -6.79 -12.08 -29.99
N ALA A 74 -6.59 -12.20 -28.67
CA ALA A 74 -5.27 -12.14 -28.05
C ALA A 74 -4.63 -13.52 -28.35
N VAL A 75 -3.51 -13.55 -29.13
CA VAL A 75 -2.90 -14.81 -29.59
C VAL A 75 -1.47 -15.03 -28.99
N SER A 76 -0.74 -16.06 -29.50
CA SER A 76 0.61 -16.42 -29.08
C SER A 76 1.60 -15.28 -29.30
N GLU A 77 2.59 -15.19 -28.43
CA GLU A 77 3.61 -14.13 -28.44
C GLU A 77 4.74 -14.43 -29.45
N THR A 78 5.04 -15.73 -29.70
CA THR A 78 6.15 -16.14 -30.55
C THR A 78 5.78 -17.02 -31.77
N ARG A 79 4.66 -17.77 -31.74
CA ARG A 79 4.35 -18.69 -32.83
C ARG A 79 3.23 -18.23 -33.77
N ALA A 80 3.28 -18.75 -35.02
CA ALA A 80 2.32 -18.50 -36.09
C ALA A 80 1.03 -19.23 -35.78
N MET A 81 -0.10 -18.53 -35.89
CA MET A 81 -1.41 -19.09 -35.59
C MET A 81 -2.06 -19.69 -36.84
N LYS A 82 -2.99 -20.64 -36.62
CA LYS A 82 -3.77 -21.26 -37.67
C LYS A 82 -5.25 -21.23 -37.28
N VAL A 83 -6.13 -21.30 -38.28
CA VAL A 83 -7.56 -21.34 -38.05
C VAL A 83 -8.12 -22.61 -38.69
N GLU A 84 -8.87 -23.39 -37.90
CA GLU A 84 -9.49 -24.63 -38.36
C GLU A 84 -10.97 -24.57 -38.11
N VAL A 85 -11.77 -24.96 -39.11
CA VAL A 85 -13.22 -25.04 -38.98
C VAL A 85 -13.51 -26.39 -38.32
N VAL A 86 -13.92 -26.37 -37.04
CA VAL A 86 -14.20 -27.61 -36.30
C VAL A 86 -15.68 -28.02 -36.46
N SER A 87 -16.54 -27.06 -36.80
CA SER A 87 -17.98 -27.28 -36.97
C SER A 87 -18.55 -26.24 -37.95
N SER A 88 -19.41 -26.70 -38.88
CA SER A 88 -20.07 -25.85 -39.89
C SER A 88 -21.39 -26.45 -40.31
N LYS A 89 -22.35 -25.59 -40.67
CA LYS A 89 -23.71 -25.95 -41.10
C LYS A 89 -24.18 -24.93 -42.12
N PHE A 90 -24.66 -25.38 -43.29
CA PHE A 90 -25.14 -24.44 -44.29
C PHE A 90 -26.44 -24.90 -44.96
N ILE A 91 -27.14 -23.93 -45.56
CA ILE A 91 -28.36 -24.11 -46.35
C ILE A 91 -28.08 -23.53 -47.74
N GLU A 92 -28.71 -24.08 -48.77
CA GLU A 92 -28.49 -23.62 -50.14
C GLU A 92 -29.67 -22.84 -50.67
N LYS A 93 -29.36 -21.72 -51.35
CA LYS A 93 -30.31 -20.85 -52.03
C LYS A 93 -29.98 -20.91 -53.52
N LYS A 94 -30.90 -21.46 -54.33
CA LYS A 94 -30.67 -21.65 -55.77
C LYS A 94 -31.27 -20.53 -56.61
N ASP A 95 -30.68 -20.34 -57.82
CA ASP A 95 -31.02 -19.33 -58.84
C ASP A 95 -31.02 -17.92 -58.23
N VAL A 96 -29.95 -17.60 -57.51
CA VAL A 96 -29.75 -16.32 -56.85
C VAL A 96 -28.71 -15.53 -57.65
N LEU A 97 -29.00 -14.26 -57.91
CA LEU A 97 -28.04 -13.38 -58.57
C LEU A 97 -27.51 -12.44 -57.50
N ILE A 98 -26.25 -12.66 -57.06
CA ILE A 98 -25.59 -11.83 -56.06
C ILE A 98 -24.93 -10.66 -56.79
N ALA A 99 -25.13 -9.44 -56.28
CA ALA A 99 -24.59 -8.21 -56.84
C ALA A 99 -23.05 -8.17 -56.78
N PRO A 100 -22.37 -7.61 -57.82
CA PRO A 100 -20.91 -7.54 -57.78
C PRO A 100 -20.43 -6.36 -56.91
N SER A 101 -19.29 -6.52 -56.27
CA SER A 101 -18.75 -5.46 -55.41
C SER A 101 -18.28 -4.25 -56.21
N LYS A 102 -18.52 -3.06 -55.65
CA LYS A 102 -18.08 -1.78 -56.21
C LYS A 102 -16.65 -1.50 -55.74
N GLY A 103 -16.17 -2.30 -54.82
CA GLY A 103 -14.84 -2.18 -54.23
C GLY A 103 -14.78 -1.03 -53.25
N VAL A 104 -13.55 -0.56 -52.98
CA VAL A 104 -13.34 0.58 -52.08
C VAL A 104 -13.74 1.84 -52.86
N ILE A 105 -14.76 2.55 -52.35
CA ILE A 105 -15.26 3.79 -52.94
C ILE A 105 -14.65 4.96 -52.16
N SER A 106 -14.14 5.97 -52.87
CA SER A 106 -13.60 7.18 -52.27
C SER A 106 -14.75 8.16 -52.00
N ARG A 107 -14.61 9.02 -50.97
CA ARG A 107 -15.64 10.04 -50.70
C ARG A 107 -15.47 11.22 -51.67
N ALA A 108 -14.58 11.08 -52.68
CA ALA A 108 -14.40 12.03 -53.78
C ALA A 108 -15.44 11.71 -54.90
N GLU A 109 -16.08 10.53 -54.78
CA GLU A 109 -17.08 10.00 -55.71
C GLU A 109 -18.47 9.93 -55.08
N ASN A 110 -19.50 9.75 -55.91
CA ASN A 110 -20.89 9.56 -55.47
C ASN A 110 -21.22 8.06 -55.72
N PRO A 111 -21.41 7.23 -54.66
CA PRO A 111 -21.66 5.79 -54.89
C PRO A 111 -22.98 5.50 -55.58
N ASP A 112 -23.96 6.41 -55.45
CA ASP A 112 -25.29 6.31 -56.08
C ASP A 112 -25.16 6.41 -57.61
N GLN A 113 -24.08 7.06 -58.09
CA GLN A 113 -23.76 7.26 -59.50
C GLN A 113 -22.81 6.17 -60.04
N ILE A 114 -22.23 5.32 -59.16
CA ILE A 114 -21.33 4.23 -59.54
C ILE A 114 -22.20 2.99 -59.81
N PRO A 115 -22.10 2.36 -61.00
CA PRO A 115 -22.95 1.20 -61.27
C PRO A 115 -22.31 -0.09 -60.77
N TYR A 116 -23.13 -1.14 -60.64
CA TYR A 116 -22.66 -2.47 -60.28
C TYR A 116 -22.11 -3.10 -61.57
N VAL A 117 -20.81 -3.38 -61.62
CA VAL A 117 -20.15 -3.95 -62.79
C VAL A 117 -19.60 -5.34 -62.43
N TYR A 118 -19.96 -6.33 -63.25
CA TYR A 118 -19.54 -7.72 -63.08
C TYR A 118 -18.14 -7.93 -63.67
N GLY A 119 -17.27 -8.58 -62.90
CA GLY A 119 -15.91 -8.89 -63.32
C GLY A 119 -15.83 -10.26 -63.95
N GLN A 120 -14.62 -10.69 -64.36
CA GLN A 120 -14.35 -11.98 -65.00
C GLN A 120 -14.64 -13.16 -64.07
N SER A 121 -14.59 -12.92 -62.74
CA SER A 121 -14.87 -13.92 -61.69
C SER A 121 -16.28 -14.54 -61.83
N TYR A 122 -17.22 -13.81 -62.50
CA TYR A 122 -18.61 -14.25 -62.74
C TYR A 122 -18.73 -15.31 -63.86
N ASN A 123 -17.61 -15.67 -64.50
CA ASN A 123 -17.57 -16.71 -65.53
C ASN A 123 -16.85 -17.97 -64.99
N GLU A 124 -16.38 -17.93 -63.72
CA GLU A 124 -15.64 -19.02 -63.07
C GLU A 124 -16.58 -19.93 -62.27
N ASP A 125 -16.60 -21.23 -62.63
CA ASP A 125 -17.44 -22.24 -61.99
C ASP A 125 -16.76 -22.78 -60.71
N LYS A 126 -16.86 -21.99 -59.63
CA LYS A 126 -16.33 -22.28 -58.29
C LYS A 126 -17.01 -21.38 -57.25
N PHE A 127 -16.90 -21.73 -55.95
CA PHE A 127 -17.48 -20.94 -54.87
C PHE A 127 -16.51 -19.90 -54.39
N PHE A 128 -16.98 -18.63 -54.37
CA PHE A 128 -16.23 -17.47 -53.91
C PHE A 128 -16.66 -17.10 -52.48
N PRO A 129 -15.75 -16.65 -51.58
CA PRO A 129 -14.30 -16.43 -51.76
C PRO A 129 -13.49 -17.72 -51.79
N GLY A 130 -14.06 -18.81 -51.28
CA GLY A 130 -13.43 -20.13 -51.22
C GLY A 130 -13.32 -20.68 -49.82
N GLU A 131 -12.73 -19.89 -48.90
CA GLU A 131 -12.54 -20.25 -47.49
C GLU A 131 -13.67 -19.64 -46.65
N ILE A 132 -14.19 -20.41 -45.70
CA ILE A 132 -15.27 -19.93 -44.83
C ILE A 132 -14.69 -19.28 -43.56
N ALA A 133 -13.36 -19.44 -43.33
CA ALA A 133 -12.65 -18.85 -42.20
C ALA A 133 -11.18 -18.57 -42.54
N THR A 134 -10.72 -17.35 -42.23
CA THR A 134 -9.35 -16.90 -42.45
C THR A 134 -8.82 -16.10 -41.25
N LEU A 135 -7.50 -15.83 -41.25
CA LEU A 135 -6.83 -15.00 -40.27
C LEU A 135 -6.21 -13.81 -40.96
N SER A 136 -6.34 -12.62 -40.35
CA SER A 136 -5.68 -11.42 -40.87
C SER A 136 -4.25 -11.39 -40.32
N ASP A 137 -3.39 -10.47 -40.82
CA ASP A 137 -1.99 -10.36 -40.39
C ASP A 137 -1.87 -10.06 -38.89
N PRO A 138 -0.97 -10.75 -38.15
CA PRO A 138 -0.87 -10.49 -36.70
C PRO A 138 -0.35 -9.09 -36.38
N PHE A 139 -0.82 -8.54 -35.25
CA PHE A 139 -0.45 -7.20 -34.82
C PHE A 139 -0.04 -7.20 -33.36
N ILE A 140 0.63 -6.13 -32.92
CA ILE A 140 0.99 -5.96 -31.52
C ILE A 140 0.31 -4.68 -31.03
N LEU A 141 -0.52 -4.81 -29.98
CA LEU A 141 -1.18 -3.70 -29.32
C LEU A 141 -0.54 -3.59 -27.94
N ARG A 142 0.49 -2.73 -27.84
CA ARG A 142 1.31 -2.45 -26.66
C ARG A 142 2.01 -3.73 -26.16
N ASP A 143 1.44 -4.46 -25.19
CA ASP A 143 2.04 -5.66 -24.61
C ASP A 143 1.32 -6.95 -25.05
N VAL A 144 0.31 -6.85 -25.93
CA VAL A 144 -0.45 -8.03 -26.36
C VAL A 144 -0.37 -8.21 -27.89
N ARG A 145 -0.02 -9.44 -28.33
CA ARG A 145 0.02 -9.81 -29.74
C ARG A 145 -1.39 -10.28 -30.10
N GLY A 146 -1.99 -9.64 -31.08
CA GLY A 146 -3.33 -9.95 -31.52
C GLY A 146 -3.42 -10.41 -32.95
N GLN A 147 -4.55 -11.05 -33.29
CA GLN A 147 -4.84 -11.52 -34.64
C GLN A 147 -6.36 -11.57 -34.83
N VAL A 148 -6.82 -11.12 -36.02
CA VAL A 148 -8.25 -11.08 -36.34
C VAL A 148 -8.65 -12.34 -37.11
N VAL A 149 -9.72 -13.02 -36.63
CA VAL A 149 -10.31 -14.18 -37.29
C VAL A 149 -11.53 -13.67 -38.12
N ASN A 150 -11.61 -14.08 -39.39
CA ASN A 150 -12.70 -13.69 -40.29
C ASN A 150 -13.58 -14.88 -40.67
N PHE A 151 -14.89 -14.71 -40.49
CA PHE A 151 -15.88 -15.70 -40.91
C PHE A 151 -16.47 -15.25 -42.22
N ALA A 152 -16.48 -16.14 -43.24
CA ALA A 152 -17.08 -15.85 -44.54
C ALA A 152 -18.29 -16.82 -44.70
N PRO A 153 -19.45 -16.48 -44.11
CA PRO A 153 -20.59 -17.41 -44.13
C PRO A 153 -21.44 -17.40 -45.40
N LEU A 154 -21.03 -16.59 -46.40
CA LEU A 154 -21.75 -16.50 -47.65
C LEU A 154 -20.80 -16.90 -48.79
N GLN A 155 -21.03 -18.09 -49.35
CA GLN A 155 -20.24 -18.67 -50.44
C GLN A 155 -21.12 -18.74 -51.68
N TYR A 156 -20.68 -18.13 -52.79
CA TYR A 156 -21.49 -18.04 -53.99
C TYR A 156 -20.75 -18.45 -55.23
N ASN A 157 -21.37 -19.37 -55.98
CA ASN A 157 -20.90 -19.85 -57.27
C ASN A 157 -21.64 -19.03 -58.34
N PRO A 158 -20.94 -18.14 -59.08
CA PRO A 158 -21.64 -17.27 -60.06
C PRO A 158 -22.19 -17.99 -61.29
N VAL A 159 -21.55 -19.08 -61.72
CA VAL A 159 -21.95 -19.85 -62.90
C VAL A 159 -23.22 -20.67 -62.60
N THR A 160 -23.29 -21.35 -61.44
CA THR A 160 -24.45 -22.18 -61.07
C THR A 160 -25.56 -21.35 -60.41
N LYS A 161 -25.25 -20.09 -59.98
CA LYS A 161 -26.16 -19.15 -59.30
C LYS A 161 -26.62 -19.74 -57.95
N THR A 162 -25.73 -20.50 -57.30
CA THR A 162 -26.00 -21.14 -56.02
C THR A 162 -25.29 -20.39 -54.89
N LEU A 163 -26.07 -20.01 -53.88
CA LEU A 163 -25.57 -19.35 -52.69
C LEU A 163 -25.67 -20.30 -51.49
N ARG A 164 -24.55 -20.47 -50.78
CA ARG A 164 -24.47 -21.27 -49.56
C ARG A 164 -24.48 -20.33 -48.37
N ILE A 165 -25.49 -20.46 -47.50
CA ILE A 165 -25.65 -19.65 -46.30
C ILE A 165 -25.24 -20.47 -45.09
N TYR A 166 -24.09 -20.14 -44.50
CA TYR A 166 -23.59 -20.84 -43.32
C TYR A 166 -24.26 -20.26 -42.08
N THR A 167 -25.22 -21.02 -41.52
CA THR A 167 -26.01 -20.61 -40.36
C THR A 167 -25.16 -20.69 -39.09
N GLU A 168 -24.16 -21.59 -39.06
CA GLU A 168 -23.24 -21.75 -37.93
C GLU A 168 -21.85 -22.16 -38.42
N ILE A 169 -20.82 -21.53 -37.83
CA ILE A 169 -19.40 -21.80 -38.06
C ILE A 169 -18.68 -21.74 -36.72
N VAL A 170 -18.01 -22.84 -36.33
CA VAL A 170 -17.21 -22.88 -35.12
C VAL A 170 -15.76 -23.08 -35.54
N VAL A 171 -14.88 -22.15 -35.15
CA VAL A 171 -13.47 -22.23 -35.50
C VAL A 171 -12.58 -22.40 -34.26
N ALA A 172 -11.45 -23.09 -34.45
CA ALA A 172 -10.42 -23.25 -33.43
C ALA A 172 -9.17 -22.49 -33.90
N VAL A 173 -8.79 -21.45 -33.16
CA VAL A 173 -7.61 -20.66 -33.47
C VAL A 173 -6.52 -21.11 -32.50
N SER A 174 -5.50 -21.79 -33.02
CA SER A 174 -4.40 -22.37 -32.25
C SER A 174 -3.04 -22.08 -32.85
N GLU A 175 -1.97 -22.23 -32.06
CA GLU A 175 -0.60 -21.99 -32.52
C GLU A 175 -0.05 -23.20 -33.25
N THR A 176 0.90 -22.95 -34.18
CA THR A 176 1.57 -23.98 -34.97
C THR A 176 3.01 -24.14 -34.47
N ALA A 177 3.79 -25.02 -35.14
CA ALA A 177 5.21 -25.28 -34.88
C ALA A 177 6.07 -24.21 -35.56
N GLU A 178 5.44 -23.31 -36.32
CA GLU A 178 6.08 -22.23 -37.07
C GLU A 178 6.22 -20.95 -36.27
N ALA A 179 7.34 -20.25 -36.50
CA ALA A 179 7.58 -18.93 -35.89
C ALA A 179 6.70 -17.91 -36.58
N GLY A 180 6.07 -17.05 -35.80
CA GLY A 180 5.13 -16.06 -36.31
C GLY A 180 5.71 -14.76 -36.82
N GLN A 181 4.91 -14.06 -37.64
CA GLN A 181 5.22 -12.74 -38.18
C GLN A 181 4.87 -11.74 -37.11
N ASN A 182 5.61 -10.62 -37.03
CA ASN A 182 5.35 -9.51 -36.10
C ASN A 182 5.21 -10.02 -34.64
N THR A 183 6.32 -10.57 -34.11
CA THR A 183 6.40 -11.13 -32.75
C THR A 183 7.14 -10.17 -31.81
N ILE A 184 6.79 -10.23 -30.52
CA ILE A 184 7.31 -9.34 -29.46
C ILE A 184 8.52 -9.91 -28.67
N SER A 185 9.22 -9.00 -27.96
CA SER A 185 10.37 -9.20 -27.07
C SER A 185 11.50 -10.00 -27.73
N THR A 191 4.83 -1.34 -12.89
CA THR A 191 4.37 -1.73 -14.23
C THR A 191 3.15 -0.89 -14.65
N PHE A 192 2.94 -0.73 -15.97
CA PHE A 192 1.83 0.06 -16.53
C PHE A 192 0.60 -0.85 -16.70
N THR A 193 -0.57 -0.37 -16.22
CA THR A 193 -1.84 -1.11 -16.22
C THR A 193 -2.98 -0.41 -17.03
N GLY A 194 -2.69 0.77 -17.58
CA GLY A 194 -3.65 1.60 -18.30
C GLY A 194 -4.30 1.03 -19.54
N PHE A 195 -3.67 0.03 -20.19
CA PHE A 195 -4.21 -0.58 -21.41
C PHE A 195 -5.03 -1.85 -21.16
N GLU A 196 -5.20 -2.27 -19.89
CA GLU A 196 -5.95 -3.47 -19.50
C GLU A 196 -7.40 -3.43 -20.01
N ASP A 197 -8.08 -2.29 -19.85
CA ASP A 197 -9.46 -2.12 -20.30
C ASP A 197 -9.56 -2.05 -21.84
N ILE A 198 -8.47 -1.60 -22.50
CA ILE A 198 -8.39 -1.55 -23.97
C ILE A 198 -8.33 -3.00 -24.48
N TYR A 199 -7.47 -3.85 -23.85
CA TYR A 199 -7.31 -5.26 -24.21
C TYR A 199 -8.63 -6.02 -24.07
N LYS A 200 -9.39 -5.72 -22.99
CA LYS A 200 -10.67 -6.36 -22.67
C LYS A 200 -11.73 -6.05 -23.73
N SER A 201 -11.73 -4.81 -24.27
CA SER A 201 -12.68 -4.36 -25.27
C SER A 201 -12.28 -4.75 -26.70
N VAL A 202 -10.97 -4.81 -27.00
CA VAL A 202 -10.47 -5.18 -28.33
C VAL A 202 -10.54 -6.72 -28.50
N PHE A 203 -9.99 -7.49 -27.55
CA PHE A 203 -9.93 -8.94 -27.63
C PHE A 203 -11.10 -9.59 -26.87
N MET A 204 -11.85 -10.46 -27.56
CA MET A 204 -13.00 -11.15 -26.97
C MET A 204 -12.58 -12.34 -26.08
N ASN A 205 -11.28 -12.71 -26.08
CA ASN A 205 -10.75 -13.82 -25.28
C ASN A 205 -9.76 -13.35 -24.18
N TYR A 206 -9.59 -12.01 -23.99
CA TYR A 206 -8.65 -11.45 -23.02
C TYR A 206 -9.04 -11.73 -21.56
N GLU A 207 -10.30 -11.45 -21.15
CA GLU A 207 -10.77 -11.69 -19.78
C GLU A 207 -10.72 -13.19 -19.43
N ALA A 208 -11.00 -14.07 -20.42
CA ALA A 208 -10.98 -15.53 -20.27
C ALA A 208 -9.58 -16.08 -19.98
N GLY B 10 -0.49 6.94 -16.92
CA GLY B 10 0.45 7.16 -18.01
C GLY B 10 1.16 8.50 -17.94
N ARG B 11 1.73 8.94 -19.08
CA ARG B 11 2.46 10.19 -19.16
C ARG B 11 2.45 10.76 -20.57
N MET B 12 2.71 12.08 -20.69
CA MET B 12 2.71 12.80 -21.97
C MET B 12 4.04 13.53 -22.20
N ILE B 13 4.44 13.59 -23.48
CA ILE B 13 5.61 14.36 -23.92
C ILE B 13 5.10 15.39 -24.91
N VAL B 14 5.45 16.65 -24.68
CA VAL B 14 5.11 17.74 -25.57
C VAL B 14 6.36 18.06 -26.39
N ILE B 15 6.32 17.78 -27.71
CA ILE B 15 7.44 18.08 -28.62
C ILE B 15 7.16 19.50 -29.13
N VAL B 16 8.05 20.44 -28.78
CA VAL B 16 7.83 21.85 -29.08
C VAL B 16 9.02 22.50 -29.82
N PRO B 17 8.76 23.34 -30.86
CA PRO B 17 9.86 24.08 -31.50
C PRO B 17 10.45 25.06 -30.48
N LYS B 18 11.75 25.31 -30.54
CA LYS B 18 12.48 26.19 -29.60
C LYS B 18 11.78 27.57 -29.45
N LYS B 19 11.23 28.13 -30.54
CA LYS B 19 10.56 29.43 -30.54
C LYS B 19 9.26 29.45 -29.69
N TYR B 20 8.67 28.27 -29.42
CA TYR B 20 7.43 28.16 -28.64
C TYR B 20 7.65 27.55 -27.23
N GLU B 21 8.90 27.28 -26.83
CA GLU B 21 9.30 26.62 -25.56
C GLU B 21 8.74 27.34 -24.31
N GLU B 22 8.85 28.68 -24.26
CA GLU B 22 8.38 29.48 -23.12
C GLU B 22 6.85 29.57 -23.08
N ASP B 23 6.20 29.50 -24.25
CA ASP B 23 4.74 29.64 -24.41
C ASP B 23 3.92 28.45 -23.91
N ILE B 24 4.49 27.24 -23.87
CA ILE B 24 3.76 26.03 -23.46
C ILE B 24 3.85 25.75 -21.94
N GLU B 25 4.58 26.60 -21.20
CA GLU B 25 4.85 26.47 -19.77
C GLU B 25 3.57 26.33 -18.90
N ASP B 26 2.56 27.20 -19.12
CA ASP B 26 1.29 27.18 -18.38
C ASP B 26 0.49 25.91 -18.66
N PHE B 27 0.56 25.41 -19.92
CA PHE B 27 -0.11 24.18 -20.36
C PHE B 27 0.45 22.96 -19.61
N VAL B 28 1.79 22.85 -19.56
CA VAL B 28 2.53 21.75 -18.92
C VAL B 28 2.26 21.76 -17.41
N ASP B 29 2.15 22.97 -16.81
CA ASP B 29 1.85 23.14 -15.38
C ASP B 29 0.50 22.55 -15.06
N TRP B 30 -0.50 22.87 -15.88
CA TRP B 30 -1.87 22.41 -15.69
C TRP B 30 -2.00 20.90 -15.85
N LYS B 31 -1.36 20.30 -16.87
CA LYS B 31 -1.45 18.84 -17.09
C LYS B 31 -0.92 18.05 -15.89
N ASN B 32 0.24 18.48 -15.34
CA ASN B 32 0.86 17.86 -14.17
C ASN B 32 0.02 18.11 -12.92
N GLN B 33 -0.54 19.34 -12.79
CA GLN B 33 -1.41 19.75 -11.69
C GLN B 33 -2.67 18.87 -11.62
N ARG B 34 -3.24 18.47 -12.78
CA ARG B 34 -4.48 17.69 -12.82
C ARG B 34 -4.24 16.15 -12.83
N GLY B 35 -3.00 15.70 -12.68
CA GLY B 35 -2.66 14.28 -12.57
C GLY B 35 -2.02 13.60 -13.76
N LEU B 36 -1.67 14.36 -14.83
CA LEU B 36 -1.01 13.73 -15.98
C LEU B 36 0.44 14.21 -16.08
N ARG B 37 1.40 13.29 -15.80
CA ARG B 37 2.83 13.54 -15.87
C ARG B 37 3.20 14.03 -17.28
N THR B 38 3.64 15.30 -17.39
CA THR B 38 3.92 15.90 -18.68
C THR B 38 5.31 16.52 -18.69
N GLU B 39 6.12 16.11 -19.67
CA GLU B 39 7.47 16.58 -19.91
C GLU B 39 7.56 17.25 -21.28
N VAL B 40 8.59 18.08 -21.45
CA VAL B 40 8.82 18.83 -22.68
C VAL B 40 10.09 18.35 -23.36
N LYS B 41 10.04 18.26 -24.69
CA LYS B 41 11.20 17.98 -25.51
C LYS B 41 11.28 19.03 -26.61
N VAL B 42 12.39 19.79 -26.65
CA VAL B 42 12.60 20.81 -27.68
C VAL B 42 12.89 20.04 -28.98
N ALA B 43 12.09 20.31 -30.02
CA ALA B 43 12.18 19.62 -31.32
C ALA B 43 13.61 19.68 -31.93
N GLU B 44 14.30 20.83 -31.81
CA GLU B 44 15.64 21.05 -32.33
C GLU B 44 16.69 20.23 -31.55
N ASP B 45 16.37 19.81 -30.29
CA ASP B 45 17.25 18.98 -29.49
C ASP B 45 17.22 17.52 -29.97
N ILE B 46 16.14 17.12 -30.69
CA ILE B 46 16.02 15.78 -31.30
C ILE B 46 16.91 15.74 -32.55
N ALA B 47 16.69 16.68 -33.48
CA ALA B 47 17.44 16.89 -34.73
C ALA B 47 17.19 18.30 -35.26
N SER B 48 18.17 18.87 -35.98
CA SER B 48 18.06 20.21 -36.55
C SER B 48 18.60 20.19 -37.99
N PRO B 49 17.74 20.29 -39.05
CA PRO B 49 16.28 20.46 -39.02
C PRO B 49 15.53 19.23 -38.53
N VAL B 50 14.29 19.46 -38.07
CA VAL B 50 13.40 18.46 -37.53
C VAL B 50 12.85 17.62 -38.68
N THR B 51 13.09 16.30 -38.63
CA THR B 51 12.62 15.37 -39.67
C THR B 51 11.65 14.34 -39.05
N ALA B 52 10.81 13.73 -39.89
CA ALA B 52 9.82 12.73 -39.48
C ALA B 52 10.51 11.49 -38.87
N ASN B 53 11.62 11.05 -39.49
CA ASN B 53 12.42 9.91 -39.08
C ASN B 53 13.04 10.08 -37.70
N ALA B 54 13.52 11.31 -37.39
CA ALA B 54 14.14 11.63 -36.11
C ALA B 54 13.10 11.66 -35.00
N ILE B 55 11.88 12.15 -35.28
CA ILE B 55 10.76 12.18 -34.33
C ILE B 55 10.40 10.73 -33.95
N GLN B 56 10.34 9.83 -34.94
CA GLN B 56 10.03 8.40 -34.76
C GLN B 56 10.98 7.71 -33.80
N GLN B 57 12.30 7.84 -34.03
CA GLN B 57 13.32 7.18 -33.21
C GLN B 57 13.36 7.77 -31.78
N PHE B 58 12.98 9.06 -31.62
CA PHE B 58 12.91 9.70 -30.31
C PHE B 58 11.70 9.18 -29.51
N VAL B 59 10.52 9.15 -30.15
CA VAL B 59 9.28 8.69 -29.50
C VAL B 59 9.47 7.21 -29.08
N LYS B 60 10.07 6.38 -29.96
CA LYS B 60 10.38 4.97 -29.72
C LYS B 60 11.33 4.81 -28.51
N GLN B 61 12.41 5.65 -28.43
CA GLN B 61 13.39 5.58 -27.33
C GLN B 61 12.76 6.09 -26.02
N GLU B 62 11.84 7.07 -26.09
CA GLU B 62 11.13 7.59 -24.90
C GLU B 62 10.16 6.56 -24.36
N TYR B 63 9.51 5.80 -25.28
CA TYR B 63 8.55 4.74 -24.97
C TYR B 63 9.26 3.61 -24.20
N GLU B 64 10.51 3.28 -24.60
CA GLU B 64 11.34 2.21 -24.04
C GLU B 64 11.97 2.58 -22.68
N LYS B 65 11.79 3.83 -22.20
CA LYS B 65 12.33 4.26 -20.90
C LYS B 65 11.55 3.61 -19.75
N GLU B 66 12.24 3.44 -18.60
CA GLU B 66 11.81 2.85 -17.32
C GLU B 66 10.32 3.05 -17.02
N GLY B 67 9.59 1.95 -16.87
CA GLY B 67 8.16 1.99 -16.55
C GLY B 67 7.22 1.69 -17.70
N ASN B 68 7.67 1.94 -18.96
CA ASN B 68 6.93 1.73 -20.21
C ASN B 68 5.51 2.35 -20.10
N ASP B 69 5.43 3.59 -19.60
CA ASP B 69 4.19 4.30 -19.31
C ASP B 69 3.88 5.48 -20.25
N LEU B 70 4.68 5.68 -21.33
CA LEU B 70 4.41 6.74 -22.31
C LEU B 70 3.08 6.45 -22.99
N THR B 71 2.12 7.40 -22.95
CA THR B 71 0.78 7.21 -23.49
C THR B 71 0.38 8.32 -24.49
N TYR B 72 0.84 9.56 -24.27
CA TYR B 72 0.46 10.66 -25.16
C TYR B 72 1.66 11.43 -25.65
N VAL B 73 1.57 11.91 -26.90
CA VAL B 73 2.57 12.77 -27.52
C VAL B 73 1.80 13.93 -28.15
N LEU B 74 2.08 15.16 -27.72
CA LEU B 74 1.48 16.35 -28.30
C LEU B 74 2.54 17.06 -29.14
N LEU B 75 2.27 17.22 -30.44
CA LEU B 75 3.15 17.91 -31.36
C LEU B 75 2.70 19.37 -31.43
N VAL B 76 3.64 20.31 -31.26
CA VAL B 76 3.32 21.74 -31.31
C VAL B 76 3.91 22.33 -32.59
N GLY B 77 3.08 23.03 -33.36
CA GLY B 77 3.52 23.68 -34.58
C GLY B 77 2.89 23.13 -35.84
N ASP B 78 2.99 23.90 -36.94
CA ASP B 78 2.50 23.46 -38.24
C ASP B 78 3.51 22.46 -38.84
N HIS B 79 3.27 21.97 -40.07
CA HIS B 79 4.13 20.96 -40.70
C HIS B 79 5.58 21.44 -40.90
N LYS B 80 5.80 22.75 -41.16
CA LYS B 80 7.14 23.33 -41.31
C LYS B 80 7.93 23.29 -39.99
N ASP B 81 7.21 23.33 -38.83
CA ASP B 81 7.81 23.28 -37.49
C ASP B 81 8.10 21.81 -37.09
N ILE B 82 7.10 20.94 -37.16
CA ILE B 82 7.23 19.50 -36.92
C ILE B 82 6.55 18.82 -38.12
N PRO B 83 7.31 18.11 -38.97
CA PRO B 83 6.68 17.52 -40.16
C PRO B 83 5.87 16.27 -39.85
N ALA B 84 4.94 15.96 -40.75
CA ALA B 84 4.17 14.73 -40.71
C ALA B 84 4.97 13.71 -41.50
N LYS B 85 4.78 12.42 -41.21
CA LYS B 85 5.46 11.38 -41.97
C LYS B 85 4.78 11.27 -43.34
N ILE B 86 5.57 11.31 -44.42
CA ILE B 86 5.06 11.25 -45.79
C ILE B 86 5.57 9.98 -46.47
N THR B 87 4.63 9.16 -46.96
CA THR B 87 4.85 7.91 -47.68
C THR B 87 3.85 7.93 -48.87
N PRO B 88 4.02 7.15 -49.98
CA PRO B 88 3.05 7.23 -51.10
C PRO B 88 1.57 7.20 -50.66
N GLY B 89 0.87 8.28 -50.96
CA GLY B 89 -0.54 8.47 -50.64
C GLY B 89 -0.87 8.62 -49.16
N ILE B 90 0.16 8.87 -48.31
CA ILE B 90 -0.02 9.00 -46.87
C ILE B 90 0.70 10.24 -46.31
N LYS B 91 -0.01 11.01 -45.47
CA LYS B 91 0.45 12.13 -44.66
C LYS B 91 0.01 11.76 -43.27
N SER B 92 0.95 11.46 -42.35
CA SER B 92 0.54 10.96 -41.04
C SER B 92 1.30 11.50 -39.84
N ASP B 93 0.55 11.71 -38.74
CA ASP B 93 1.02 12.05 -37.39
C ASP B 93 0.84 10.82 -36.52
N GLN B 94 -0.25 10.05 -36.78
CA GLN B 94 -0.64 8.84 -36.05
C GLN B 94 0.44 7.75 -36.06
N VAL B 95 1.21 7.61 -37.17
CA VAL B 95 2.29 6.61 -37.31
C VAL B 95 3.37 6.79 -36.22
N TYR B 96 3.51 8.01 -35.66
CA TYR B 96 4.47 8.29 -34.58
C TYR B 96 4.15 7.50 -33.31
N GLY B 97 2.88 7.11 -33.14
CA GLY B 97 2.40 6.31 -32.02
C GLY B 97 2.42 4.81 -32.25
N GLN B 98 2.77 4.40 -33.50
CA GLN B 98 2.89 3.00 -33.90
C GLN B 98 4.34 2.61 -33.65
N ILE B 99 4.65 2.15 -32.41
CA ILE B 99 6.00 1.88 -31.94
C ILE B 99 6.30 0.38 -31.84
N VAL B 100 5.40 -0.41 -31.21
CA VAL B 100 5.62 -1.85 -31.02
C VAL B 100 4.84 -2.64 -32.08
N GLY B 101 5.60 -3.37 -32.87
CA GLY B 101 5.09 -4.21 -33.95
C GLY B 101 4.95 -3.51 -35.29
N ASN B 102 5.12 -4.27 -36.38
CA ASN B 102 4.94 -3.77 -37.73
C ASN B 102 3.45 -3.89 -38.07
N ASP B 103 2.66 -2.98 -37.47
CA ASP B 103 1.20 -2.90 -37.59
C ASP B 103 0.75 -1.46 -37.38
N HIS B 104 -0.55 -1.18 -37.55
CA HIS B 104 -1.09 0.17 -37.42
C HIS B 104 -1.83 0.38 -36.10
N TYR B 105 -1.64 -0.55 -35.14
CA TYR B 105 -2.23 -0.44 -33.80
C TYR B 105 -1.32 0.40 -32.92
N ASN B 106 -1.74 1.65 -32.67
CA ASN B 106 -1.01 2.62 -31.87
C ASN B 106 -0.86 2.21 -30.42
N GLU B 107 0.36 2.43 -29.89
CA GLU B 107 0.74 2.24 -28.49
C GLU B 107 0.54 3.56 -27.75
N VAL B 108 0.81 4.66 -28.48
CA VAL B 108 0.77 6.04 -27.99
C VAL B 108 -0.22 6.86 -28.83
N PHE B 109 -1.00 7.71 -28.17
CA PHE B 109 -1.97 8.60 -28.80
C PHE B 109 -1.28 9.90 -29.18
N ILE B 110 -1.39 10.28 -30.45
CA ILE B 110 -0.76 11.48 -31.02
C ILE B 110 -1.81 12.56 -31.28
N GLY B 111 -1.46 13.79 -30.92
CA GLY B 111 -2.27 14.99 -31.12
C GLY B 111 -1.40 16.14 -31.55
N ARG B 112 -2.00 17.17 -32.18
CA ARG B 112 -1.22 18.31 -32.64
C ARG B 112 -1.92 19.64 -32.39
N PHE B 113 -1.13 20.60 -31.84
CA PHE B 113 -1.47 22.00 -31.70
C PHE B 113 -0.81 22.72 -32.87
N SER B 114 -1.46 22.70 -34.05
CA SER B 114 -0.92 23.29 -35.27
C SER B 114 -0.97 24.81 -35.18
N CYS B 115 0.19 25.46 -35.23
CA CYS B 115 0.27 26.90 -35.07
C CYS B 115 1.33 27.54 -35.96
N GLU B 116 1.03 28.72 -36.49
CA GLU B 116 1.96 29.49 -37.34
C GLU B 116 2.29 30.85 -36.69
N SER B 117 1.79 31.06 -35.46
CA SER B 117 2.00 32.27 -34.67
C SER B 117 1.88 31.95 -33.19
N LYS B 118 2.33 32.86 -32.31
CA LYS B 118 2.23 32.69 -30.85
C LYS B 118 0.76 32.72 -30.42
N GLU B 119 -0.09 33.49 -31.13
CA GLU B 119 -1.53 33.59 -30.86
C GLU B 119 -2.25 32.27 -31.12
N ASP B 120 -1.85 31.55 -32.19
CA ASP B 120 -2.41 30.25 -32.56
C ASP B 120 -2.17 29.22 -31.47
N LEU B 121 -0.98 29.27 -30.85
CA LEU B 121 -0.62 28.36 -29.77
C LEU B 121 -1.36 28.75 -28.49
N LYS B 122 -1.30 30.05 -28.10
CA LYS B 122 -1.94 30.60 -26.90
C LYS B 122 -3.42 30.20 -26.82
N THR B 123 -4.19 30.37 -27.91
CA THR B 123 -5.63 30.06 -27.93
C THR B 123 -5.90 28.54 -27.79
N GLN B 124 -4.99 27.67 -28.29
CA GLN B 124 -5.14 26.22 -28.18
C GLN B 124 -4.82 25.76 -26.76
N ILE B 125 -3.86 26.44 -26.09
CA ILE B 125 -3.50 26.18 -24.70
C ILE B 125 -4.67 26.63 -23.80
N ASP B 126 -5.12 27.90 -23.97
CA ASP B 126 -6.19 28.52 -23.19
C ASP B 126 -7.51 27.76 -23.27
N ARG B 127 -7.89 27.26 -24.47
CA ARG B 127 -9.15 26.53 -24.63
C ARG B 127 -9.08 25.15 -23.96
N THR B 128 -7.89 24.50 -23.94
CA THR B 128 -7.69 23.18 -23.34
C THR B 128 -7.76 23.31 -21.81
N ILE B 129 -7.06 24.31 -21.21
CA ILE B 129 -7.04 24.52 -19.76
C ILE B 129 -8.44 24.92 -19.28
N HIS B 130 -9.13 25.85 -20.00
CA HIS B 130 -10.48 26.32 -19.65
C HIS B 130 -11.48 25.16 -19.61
N TYR B 131 -11.43 24.27 -20.63
CA TYR B 131 -12.29 23.09 -20.79
C TYR B 131 -12.14 22.12 -19.63
N GLU B 132 -10.90 21.87 -19.19
CA GLU B 132 -10.64 20.91 -18.13
C GLU B 132 -10.79 21.49 -16.72
N ARG B 133 -10.38 22.75 -16.52
CA ARG B 133 -10.33 23.39 -15.21
C ARG B 133 -11.50 24.33 -14.90
N ASN B 134 -11.99 25.12 -15.89
CA ASN B 134 -12.96 26.18 -15.61
C ASN B 134 -14.42 25.96 -16.04
N ILE B 135 -14.77 24.80 -16.62
CA ILE B 135 -16.18 24.53 -16.99
C ILE B 135 -16.99 24.31 -15.70
N THR B 136 -18.16 24.98 -15.59
CA THR B 136 -19.06 24.90 -14.42
C THR B 136 -20.46 24.39 -14.82
N THR B 137 -21.38 24.32 -13.84
CA THR B 137 -22.78 23.92 -14.01
C THR B 137 -23.53 24.93 -14.90
N GLU B 138 -22.95 26.14 -15.07
CA GLU B 138 -23.51 27.25 -15.86
C GLU B 138 -23.21 27.08 -17.37
N ASP B 139 -22.33 26.13 -17.73
CA ASP B 139 -21.99 25.84 -19.13
C ASP B 139 -23.08 24.93 -19.72
N LYS B 140 -24.25 25.53 -20.02
CA LYS B 140 -25.47 24.86 -20.50
C LYS B 140 -25.46 24.48 -22.00
N TRP B 141 -24.41 24.89 -22.73
CA TRP B 141 -24.20 24.54 -24.14
C TRP B 141 -23.78 23.05 -24.26
N LEU B 142 -23.35 22.44 -23.13
CA LEU B 142 -22.94 21.04 -23.06
C LEU B 142 -24.14 20.11 -23.12
N GLY B 143 -23.92 18.91 -23.66
CA GLY B 143 -24.96 17.91 -23.83
C GLY B 143 -25.84 18.21 -25.02
N GLN B 144 -25.29 19.00 -25.95
CA GLN B 144 -25.97 19.41 -27.18
C GLN B 144 -25.06 19.04 -28.34
N ALA B 145 -25.59 18.27 -29.30
CA ALA B 145 -24.81 17.75 -30.43
C ALA B 145 -25.34 18.20 -31.78
N LEU B 146 -24.43 18.27 -32.76
CA LEU B 146 -24.73 18.62 -34.14
C LEU B 146 -24.41 17.41 -35.04
N CYS B 147 -25.41 16.93 -35.78
CA CYS B 147 -25.30 15.82 -36.73
C CYS B 147 -25.43 16.37 -38.14
N ILE B 148 -24.39 16.18 -38.97
CA ILE B 148 -24.36 16.67 -40.35
C ILE B 148 -24.17 15.48 -41.29
N ALA B 149 -24.97 15.43 -42.38
CA ALA B 149 -24.89 14.32 -43.34
C ALA B 149 -25.20 14.74 -44.76
N SER B 150 -24.53 14.07 -45.73
CA SER B 150 -24.78 14.24 -47.16
C SER B 150 -26.05 13.47 -47.54
N ALA B 151 -26.59 13.74 -48.74
CA ALA B 151 -27.77 13.06 -49.26
C ALA B 151 -27.38 11.77 -50.05
N GLU B 152 -26.15 11.28 -49.85
CA GLU B 152 -25.62 10.10 -50.53
C GLU B 152 -25.44 8.91 -49.58
N GLY B 153 -25.10 7.76 -50.15
CA GLY B 153 -24.88 6.52 -49.42
C GLY B 153 -26.00 5.52 -49.59
N GLY B 154 -25.65 4.25 -49.57
CA GLY B 154 -26.61 3.16 -49.75
C GLY B 154 -26.11 1.80 -49.32
N PRO B 155 -26.48 0.73 -50.07
CA PRO B 155 -26.08 -0.65 -49.69
C PRO B 155 -24.56 -0.90 -49.63
N SER B 156 -23.75 -0.11 -50.36
CA SER B 156 -22.28 -0.23 -50.43
C SER B 156 -21.55 0.39 -49.25
N ALA B 157 -22.25 1.21 -48.43
CA ALA B 157 -21.67 1.86 -47.26
C ALA B 157 -21.70 0.93 -46.04
N ASP B 158 -21.08 1.36 -44.91
CA ASP B 158 -21.03 0.59 -43.66
C ASP B 158 -22.44 0.38 -43.10
N ASN B 159 -22.80 -0.90 -42.88
CA ASN B 159 -24.10 -1.39 -42.39
C ASN B 159 -25.24 -1.01 -43.36
N GLY B 160 -24.91 -0.91 -44.65
CA GLY B 160 -25.81 -0.56 -45.74
C GLY B 160 -26.58 0.73 -45.47
N GLU B 161 -25.94 1.66 -44.78
CA GLU B 161 -26.59 2.90 -44.40
C GLU B 161 -26.14 4.08 -45.21
N SER B 162 -27.10 4.96 -45.52
CA SER B 162 -26.85 6.24 -46.14
C SER B 162 -26.24 7.14 -45.07
N ASP B 163 -25.56 8.22 -45.47
CA ASP B 163 -24.95 9.15 -44.49
C ASP B 163 -25.99 9.70 -43.50
N ILE B 164 -27.24 9.92 -43.96
CA ILE B 164 -28.37 10.39 -43.16
C ILE B 164 -28.80 9.28 -42.17
N GLN B 165 -28.97 8.02 -42.65
CA GLN B 165 -29.31 6.85 -41.82
C GLN B 165 -28.24 6.62 -40.73
N HIS B 166 -26.96 6.74 -41.13
CA HIS B 166 -25.78 6.61 -40.27
C HIS B 166 -25.81 7.68 -39.16
N GLU B 167 -26.06 8.96 -39.54
CA GLU B 167 -26.11 10.08 -38.58
C GLU B 167 -27.33 9.98 -37.66
N ASN B 168 -28.46 9.43 -38.16
CA ASN B 168 -29.68 9.26 -37.38
C ASN B 168 -29.49 8.23 -36.25
N ILE B 169 -28.68 7.18 -36.50
CA ILE B 169 -28.37 6.13 -35.53
C ILE B 169 -27.47 6.73 -34.43
N ILE B 170 -26.49 7.55 -34.84
CA ILE B 170 -25.57 8.27 -33.93
C ILE B 170 -26.41 9.21 -33.03
N ALA B 171 -27.35 9.98 -33.63
CA ALA B 171 -28.25 10.90 -32.94
C ALA B 171 -29.07 10.19 -31.85
N ASN B 172 -29.59 8.98 -32.15
CA ASN B 172 -30.36 8.17 -31.22
C ASN B 172 -29.50 7.67 -30.05
N LEU B 173 -28.25 7.26 -30.34
CA LEU B 173 -27.30 6.79 -29.34
C LEU B 173 -26.95 7.90 -28.34
N LEU B 174 -26.76 9.14 -28.85
CA LEU B 174 -26.42 10.32 -28.05
C LEU B 174 -27.58 10.73 -27.15
N THR B 175 -28.82 10.70 -27.68
CA THR B 175 -30.05 11.03 -26.96
C THR B 175 -30.25 10.02 -25.80
N GLN B 176 -30.05 8.71 -26.08
CA GLN B 176 -30.17 7.63 -25.10
C GLN B 176 -29.17 7.81 -23.96
N TYR B 177 -27.95 8.29 -24.29
CA TYR B 177 -26.88 8.53 -23.33
C TYR B 177 -27.18 9.71 -22.41
N GLY B 178 -27.88 10.73 -22.92
CA GLY B 178 -28.23 11.91 -22.13
C GLY B 178 -28.18 13.25 -22.83
N TYR B 179 -27.73 13.28 -24.11
CA TYR B 179 -27.67 14.52 -24.89
C TYR B 179 -29.10 15.08 -25.01
N THR B 180 -29.29 16.30 -24.48
CA THR B 180 -30.57 17.00 -24.37
C THR B 180 -31.03 17.62 -25.70
N LYS B 181 -30.11 17.84 -26.65
CA LYS B 181 -30.48 18.42 -27.94
C LYS B 181 -29.61 17.88 -29.06
N ILE B 182 -30.26 17.52 -30.17
CA ILE B 182 -29.59 17.08 -31.39
C ILE B 182 -30.01 18.02 -32.52
N ILE B 183 -29.03 18.67 -33.17
CA ILE B 183 -29.27 19.53 -34.32
C ILE B 183 -28.90 18.72 -35.55
N LYS B 184 -29.88 18.49 -36.44
CA LYS B 184 -29.68 17.73 -37.66
C LYS B 184 -29.61 18.64 -38.87
N CYS B 185 -28.47 18.63 -39.56
CA CYS B 185 -28.23 19.41 -40.77
C CYS B 185 -27.95 18.43 -41.91
N TYR B 186 -29.03 17.95 -42.55
CA TYR B 186 -28.95 16.96 -43.62
C TYR B 186 -29.21 17.59 -44.99
N ASP B 187 -28.38 17.21 -45.98
CA ASP B 187 -28.52 17.67 -47.37
C ASP B 187 -29.80 17.06 -48.01
N PRO B 188 -30.44 17.73 -48.99
CA PRO B 188 -30.03 18.99 -49.65
C PRO B 188 -30.47 20.24 -48.90
N GLY B 189 -29.78 21.35 -49.20
CA GLY B 189 -30.12 22.66 -48.69
C GLY B 189 -29.38 23.21 -47.48
N VAL B 190 -28.41 22.47 -46.94
CA VAL B 190 -27.64 22.98 -45.78
C VAL B 190 -26.76 24.13 -46.29
N THR B 191 -26.81 25.25 -45.57
CA THR B 191 -26.08 26.47 -45.89
C THR B 191 -24.97 26.72 -44.83
N PRO B 192 -23.97 27.61 -45.09
CA PRO B 192 -22.96 27.85 -44.05
C PRO B 192 -23.58 28.46 -42.79
N LYS B 193 -24.66 29.27 -42.95
CA LYS B 193 -25.41 29.92 -41.87
C LYS B 193 -25.98 28.88 -40.89
N ASN B 194 -26.44 27.71 -41.39
CA ASN B 194 -26.96 26.62 -40.56
C ASN B 194 -25.92 26.13 -39.57
N ILE B 195 -24.66 25.99 -40.02
CA ILE B 195 -23.54 25.53 -39.20
C ILE B 195 -23.12 26.63 -38.22
N ILE B 196 -23.00 27.89 -38.71
CA ILE B 196 -22.65 29.06 -37.91
C ILE B 196 -23.61 29.18 -36.72
N ASP B 197 -24.94 29.10 -36.99
CA ASP B 197 -26.00 29.20 -35.99
C ASP B 197 -25.96 28.05 -34.97
N ALA B 198 -25.59 26.84 -35.40
CA ALA B 198 -25.48 25.66 -34.52
C ALA B 198 -24.34 25.84 -33.53
N PHE B 199 -23.17 26.34 -34.02
CA PHE B 199 -21.99 26.63 -33.21
C PHE B 199 -22.27 27.77 -32.22
N ASN B 200 -22.87 28.89 -32.71
CA ASN B 200 -23.18 30.06 -31.91
C ASN B 200 -24.27 29.79 -30.88
N GLY B 201 -25.21 28.89 -31.19
CA GLY B 201 -26.26 28.47 -30.28
C GLY B 201 -25.72 27.66 -29.11
N GLY B 202 -24.58 27.00 -29.34
CA GLY B 202 -23.88 26.18 -28.35
C GLY B 202 -24.04 24.69 -28.54
N ILE B 203 -22.92 24.01 -28.82
CA ILE B 203 -22.81 22.55 -28.99
C ILE B 203 -21.52 22.05 -28.34
N SER B 204 -21.53 20.81 -27.82
CA SER B 204 -20.35 20.21 -27.20
C SER B 204 -19.80 19.04 -28.04
N LEU B 205 -20.54 18.65 -29.09
CA LEU B 205 -20.15 17.58 -30.01
C LEU B 205 -20.70 17.83 -31.41
N ALA B 206 -19.92 17.49 -32.43
CA ALA B 206 -20.35 17.55 -33.82
C ALA B 206 -19.87 16.33 -34.56
N ASN B 207 -20.77 15.72 -35.33
CA ASN B 207 -20.49 14.57 -36.16
C ASN B 207 -20.80 14.96 -37.60
N TYR B 208 -19.85 14.72 -38.50
CA TYR B 208 -20.00 15.01 -39.92
C TYR B 208 -19.77 13.73 -40.72
N THR B 209 -20.63 13.49 -41.72
CA THR B 209 -20.51 12.36 -42.66
C THR B 209 -20.89 12.88 -44.05
N GLY B 210 -19.89 13.00 -44.91
CA GLY B 210 -20.09 13.47 -46.27
C GLY B 210 -18.80 13.73 -47.01
N HIS B 211 -18.83 14.73 -47.89
CA HIS B 211 -17.69 15.13 -48.70
C HIS B 211 -16.97 16.29 -48.07
N GLY B 212 -15.72 16.45 -48.41
CA GLY B 212 -14.92 17.56 -47.91
C GLY B 212 -13.85 17.98 -48.88
N SER B 213 -13.39 19.21 -48.69
CA SER B 213 -12.27 19.83 -49.39
C SER B 213 -11.28 20.19 -48.29
N GLU B 214 -10.08 20.69 -48.64
CA GLU B 214 -9.08 21.05 -47.62
C GLU B 214 -9.57 22.13 -46.66
N THR B 215 -10.46 23.01 -47.14
CA THR B 215 -10.92 24.16 -46.35
C THR B 215 -12.42 24.16 -46.03
N ALA B 216 -13.22 23.19 -46.53
CA ALA B 216 -14.67 23.25 -46.30
C ALA B 216 -15.37 21.88 -46.26
N TRP B 217 -16.62 21.90 -45.79
CA TRP B 217 -17.55 20.78 -45.75
C TRP B 217 -18.40 20.81 -47.02
N GLY B 218 -18.52 19.67 -47.69
CA GLY B 218 -19.33 19.54 -48.90
C GLY B 218 -20.79 19.79 -48.61
N THR B 219 -21.27 19.24 -47.48
CA THR B 219 -22.62 19.45 -46.99
C THR B 219 -22.56 20.66 -46.09
N SER B 220 -23.22 21.77 -46.53
CA SER B 220 -23.32 23.10 -45.92
C SER B 220 -22.48 24.14 -46.62
N HIS B 221 -21.29 23.77 -47.12
CA HIS B 221 -20.29 24.64 -47.76
C HIS B 221 -19.66 25.57 -46.69
N PHE B 222 -19.79 25.17 -45.40
CA PHE B 222 -19.15 25.87 -44.28
C PHE B 222 -17.67 25.57 -44.34
N GLY B 223 -16.85 26.61 -44.35
CA GLY B 223 -15.41 26.49 -44.43
C GLY B 223 -14.62 27.52 -43.64
N THR B 224 -13.30 27.57 -43.90
CA THR B 224 -12.32 28.45 -43.25
C THR B 224 -12.71 29.93 -43.31
N THR B 225 -13.39 30.38 -44.40
CA THR B 225 -13.81 31.78 -44.56
C THR B 225 -14.97 32.15 -43.63
N HIS B 226 -15.82 31.17 -43.24
CA HIS B 226 -16.96 31.38 -42.35
C HIS B 226 -16.59 31.27 -40.85
N VAL B 227 -15.37 30.82 -40.53
CA VAL B 227 -14.90 30.61 -39.15
C VAL B 227 -14.87 31.96 -38.36
N LYS B 228 -14.61 33.10 -39.04
CA LYS B 228 -14.58 34.42 -38.40
C LYS B 228 -16.00 34.90 -37.95
N GLN B 229 -17.06 34.19 -38.39
CA GLN B 229 -18.45 34.48 -38.03
C GLN B 229 -18.86 33.75 -36.75
N LEU B 230 -18.00 32.85 -36.22
CA LEU B 230 -18.28 32.10 -35.00
C LEU B 230 -18.03 32.98 -33.77
N THR B 231 -18.99 32.94 -32.82
CA THR B 231 -18.95 33.73 -31.58
C THR B 231 -19.08 32.81 -30.35
N ASN B 232 -18.83 31.50 -30.50
CA ASN B 232 -18.94 30.51 -29.41
C ASN B 232 -17.72 30.60 -28.47
N SER B 233 -17.54 31.75 -27.80
CA SER B 233 -16.45 32.03 -26.86
C SER B 233 -16.43 31.02 -25.71
N ASN B 234 -15.42 30.13 -25.74
CA ASN B 234 -15.17 29.04 -24.78
C ASN B 234 -16.39 28.08 -24.62
N GLN B 235 -17.17 27.93 -25.71
CA GLN B 235 -18.32 27.01 -25.83
C GLN B 235 -18.01 26.13 -27.02
N LEU B 236 -16.95 25.32 -26.89
CA LEU B 236 -16.37 24.58 -27.99
C LEU B 236 -16.68 23.09 -28.04
N PRO B 237 -17.19 22.64 -29.20
CA PRO B 237 -17.39 21.19 -29.38
C PRO B 237 -16.12 20.50 -29.86
N PHE B 238 -16.08 19.16 -29.73
CA PHE B 238 -15.04 18.33 -30.31
C PHE B 238 -15.74 17.63 -31.48
N ILE B 239 -15.03 17.40 -32.60
CA ILE B 239 -15.67 16.86 -33.82
C ILE B 239 -15.06 15.53 -34.31
N PHE B 240 -15.94 14.59 -34.67
CA PHE B 240 -15.61 13.33 -35.34
C PHE B 240 -15.95 13.60 -36.79
N ASP B 241 -14.93 13.89 -37.61
CA ASP B 241 -15.15 14.32 -38.98
C ASP B 241 -14.87 13.25 -40.05
N VAL B 242 -15.93 12.77 -40.72
CA VAL B 242 -15.86 11.82 -41.85
C VAL B 242 -16.01 12.68 -43.11
N ALA B 243 -14.86 13.04 -43.68
CA ALA B 243 -14.72 13.88 -44.89
C ALA B 243 -13.32 13.80 -45.42
N VAL B 245 -9.77 15.22 -46.93
CA VAL B 245 -8.71 16.23 -46.79
C VAL B 245 -8.98 17.42 -45.80
N ASN B 246 -10.03 17.36 -44.94
CA ASN B 246 -10.34 18.42 -43.96
C ASN B 246 -9.17 18.65 -42.97
N GLY B 247 -8.37 17.62 -42.76
CA GLY B 247 -7.21 17.66 -41.88
C GLY B 247 -5.87 17.71 -42.60
N ASP B 248 -5.87 18.11 -43.89
CA ASP B 248 -4.63 18.24 -44.65
C ASP B 248 -3.95 19.55 -44.22
N PHE B 249 -3.22 19.49 -43.09
CA PHE B 249 -2.56 20.65 -42.50
C PHE B 249 -1.25 21.00 -43.26
N LEU B 250 -0.96 20.27 -44.35
CA LEU B 250 0.19 20.47 -45.23
C LEU B 250 -0.19 21.38 -46.40
N TYR B 251 -1.49 21.73 -46.52
CA TYR B 251 -2.06 22.58 -47.57
C TYR B 251 -1.47 23.99 -47.50
N ASN B 252 -1.44 24.72 -48.65
CA ASN B 252 -0.84 26.05 -48.79
C ASN B 252 -1.55 27.12 -47.96
N VAL B 253 -2.82 26.90 -47.58
CA VAL B 253 -3.59 27.81 -46.72
C VAL B 253 -4.04 26.99 -45.49
N PRO B 254 -4.37 27.59 -44.32
CA PRO B 254 -4.84 26.77 -43.19
C PRO B 254 -6.02 25.88 -43.56
N CYS B 255 -5.92 24.57 -43.22
CA CYS B 255 -6.98 23.62 -43.51
C CYS B 255 -8.17 23.83 -42.56
N PHE B 256 -9.31 23.22 -42.90
CA PHE B 256 -10.58 23.25 -42.17
C PHE B 256 -10.36 23.07 -40.66
N ALA B 257 -9.65 21.99 -40.26
CA ALA B 257 -9.38 21.65 -38.85
C ALA B 257 -8.51 22.70 -38.17
N GLU B 258 -7.49 23.22 -38.86
CA GLU B 258 -6.59 24.27 -38.35
C GLU B 258 -7.34 25.58 -38.08
N ALA B 259 -8.20 26.02 -39.02
CA ALA B 259 -9.00 27.26 -38.86
C ALA B 259 -9.91 27.19 -37.61
N LEU B 260 -10.52 26.02 -37.36
CA LEU B 260 -11.41 25.82 -36.21
C LEU B 260 -10.64 25.76 -34.89
N MET B 261 -9.41 25.21 -34.89
CA MET B 261 -8.55 25.12 -33.70
C MET B 261 -7.87 26.46 -33.35
N ARG B 262 -7.63 27.32 -34.37
CA ARG B 262 -6.95 28.62 -34.25
C ARG B 262 -7.90 29.83 -34.12
N ALA B 263 -9.21 29.60 -34.24
CA ALA B 263 -10.22 30.65 -34.21
C ALA B 263 -10.27 31.40 -32.90
N GLN B 264 -10.31 32.74 -33.01
CA GLN B 264 -10.38 33.68 -31.90
C GLN B 264 -11.34 34.83 -32.21
N LYS B 265 -12.03 35.30 -31.18
CA LYS B 265 -12.92 36.45 -31.28
C LYS B 265 -12.73 37.28 -30.00
N ASP B 266 -12.13 38.48 -30.17
CA ASP B 266 -11.79 39.44 -29.10
C ASP B 266 -10.91 38.79 -28.00
N GLY B 267 -9.92 38.01 -28.44
CA GLY B 267 -8.98 37.31 -27.57
C GLY B 267 -9.52 36.07 -26.87
N LYS B 268 -10.78 35.69 -27.17
CA LYS B 268 -11.41 34.51 -26.57
C LYS B 268 -11.47 33.36 -27.60
N PRO B 269 -11.25 32.08 -27.17
CA PRO B 269 -11.28 30.98 -28.14
C PRO B 269 -12.68 30.68 -28.69
N THR B 270 -12.76 30.53 -30.02
CA THR B 270 -13.95 30.13 -30.78
C THR B 270 -13.58 28.90 -31.62
N GLY B 271 -14.58 28.27 -32.25
CA GLY B 271 -14.35 27.08 -33.06
C GLY B 271 -14.45 25.79 -32.26
N THR B 272 -13.38 24.97 -32.30
CA THR B 272 -13.35 23.64 -31.67
C THR B 272 -12.27 23.47 -30.61
N VAL B 273 -12.53 22.59 -29.63
CA VAL B 273 -11.57 22.24 -28.57
C VAL B 273 -10.64 21.12 -29.10
N ALA B 274 -11.17 20.29 -30.03
CA ALA B 274 -10.49 19.17 -30.67
C ALA B 274 -11.28 18.69 -31.90
N ILE B 275 -10.59 18.12 -32.88
CA ILE B 275 -11.20 17.59 -34.09
C ILE B 275 -10.29 16.50 -34.68
N ILE B 276 -10.88 15.40 -35.15
CA ILE B 276 -10.17 14.34 -35.84
C ILE B 276 -10.58 14.45 -37.31
N ALA B 277 -9.62 14.78 -38.18
CA ALA B 277 -9.88 15.00 -39.60
C ALA B 277 -8.76 14.40 -40.43
N SER B 278 -9.10 13.91 -41.64
CA SER B 278 -8.20 13.22 -42.55
C SER B 278 -7.30 14.15 -43.37
N THR B 279 -6.03 13.74 -43.54
CA THR B 279 -5.04 14.46 -44.35
C THR B 279 -5.23 14.16 -45.84
N ILE B 280 -5.95 13.07 -46.17
CA ILE B 280 -6.19 12.60 -47.54
C ILE B 280 -7.68 12.35 -47.81
N ASN B 281 -8.01 11.88 -49.02
CA ASN B 281 -9.37 11.49 -49.39
C ASN B 281 -9.73 10.25 -48.59
N GLN B 282 -10.93 10.24 -48.01
CA GLN B 282 -11.38 9.11 -47.20
C GLN B 282 -12.22 8.13 -48.02
N SER B 283 -12.21 6.86 -47.62
CA SER B 283 -13.03 5.82 -48.21
C SER B 283 -14.48 6.02 -47.74
N TRP B 284 -15.45 5.35 -48.37
CA TRP B 284 -16.84 5.55 -48.01
C TRP B 284 -17.23 4.85 -46.70
N ALA B 285 -17.01 3.54 -46.61
CA ALA B 285 -17.48 2.70 -45.51
C ALA B 285 -16.59 2.66 -44.27
N SER B 286 -15.27 2.40 -44.40
CA SER B 286 -14.40 2.26 -43.21
C SER B 286 -14.49 3.47 -42.22
N PRO B 287 -14.46 4.77 -42.63
CA PRO B 287 -14.55 5.85 -41.61
C PRO B 287 -15.90 5.91 -40.90
N MET B 288 -16.97 5.39 -41.54
CA MET B 288 -18.30 5.33 -40.90
C MET B 288 -18.26 4.41 -39.69
N ARG B 289 -17.57 3.25 -39.83
CA ARG B 289 -17.35 2.26 -38.77
C ARG B 289 -16.58 2.89 -37.63
N GLY B 290 -15.50 3.60 -37.97
CA GLY B 290 -14.65 4.31 -37.02
C GLY B 290 -15.43 5.36 -36.23
N GLN B 291 -16.24 6.18 -36.94
CA GLN B 291 -17.09 7.23 -36.39
C GLN B 291 -18.12 6.65 -35.42
N ASP B 292 -18.76 5.52 -35.80
CA ASP B 292 -19.73 4.82 -34.95
C ASP B 292 -19.13 4.38 -33.64
N GLU B 293 -17.96 3.70 -33.73
CA GLU B 293 -17.23 3.17 -32.58
C GLU B 293 -16.77 4.33 -31.67
N MET B 294 -16.33 5.47 -32.25
CA MET B 294 -15.94 6.67 -31.51
C MET B 294 -17.08 7.14 -30.61
N ASN B 295 -18.30 7.27 -31.19
CA ASN B 295 -19.51 7.70 -30.48
C ASN B 295 -19.95 6.66 -29.44
N GLU B 296 -19.75 5.36 -29.73
CA GLU B 296 -20.09 4.29 -28.80
C GLU B 296 -19.14 4.27 -27.60
N ILE B 297 -17.84 4.52 -27.82
CA ILE B 297 -16.83 4.58 -26.76
C ILE B 297 -17.07 5.84 -25.91
N LEU B 298 -17.46 6.95 -26.55
CA LEU B 298 -17.80 8.21 -25.88
C LEU B 298 -19.02 8.00 -24.96
N CYS B 299 -19.95 7.11 -25.37
CA CYS B 299 -21.19 6.81 -24.66
C CYS B 299 -21.11 5.57 -23.76
N GLU B 300 -19.89 5.14 -23.40
CA GLU B 300 -19.67 4.02 -22.48
C GLU B 300 -19.84 4.49 -21.05
N LYS B 301 -20.34 3.60 -20.20
CA LYS B 301 -20.63 3.87 -18.80
C LYS B 301 -19.43 3.65 -17.86
N HIS B 302 -18.59 2.60 -18.09
CA HIS B 302 -17.43 2.37 -17.21
C HIS B 302 -16.07 2.22 -18.00
N PRO B 303 -15.61 3.25 -18.77
CA PRO B 303 -14.32 3.09 -19.45
C PRO B 303 -13.13 3.55 -18.59
N ASN B 304 -11.89 3.24 -19.03
CA ASN B 304 -10.69 3.65 -18.30
C ASN B 304 -10.40 5.15 -18.55
N ASN B 305 -9.49 5.77 -17.76
CA ASN B 305 -9.13 7.18 -17.88
C ASN B 305 -8.58 7.54 -19.28
N ILE B 306 -8.00 6.55 -20.00
CA ILE B 306 -7.50 6.73 -21.35
C ILE B 306 -8.69 6.87 -22.33
N LYS B 307 -9.73 6.03 -22.17
CA LYS B 307 -10.94 6.08 -23.00
C LYS B 307 -11.84 7.28 -22.60
N ARG B 308 -11.32 8.16 -21.72
CA ARG B 308 -11.95 9.39 -21.24
C ARG B 308 -11.31 10.59 -21.95
N THR B 309 -10.26 10.33 -22.77
CA THR B 309 -9.49 11.35 -23.48
C THR B 309 -9.85 11.33 -24.97
N PHE B 310 -9.69 12.49 -25.66
CA PHE B 310 -10.01 12.62 -27.08
C PHE B 310 -9.19 11.64 -27.93
N GLY B 311 -7.90 11.47 -27.60
CA GLY B 311 -6.99 10.56 -28.28
C GLY B 311 -7.39 9.11 -28.08
N GLY B 312 -7.71 8.76 -26.83
CA GLY B 312 -8.16 7.42 -26.45
C GLY B 312 -9.47 7.01 -27.08
N VAL B 313 -10.46 7.93 -27.10
CA VAL B 313 -11.80 7.70 -27.68
C VAL B 313 -11.67 7.46 -29.20
N THR B 314 -10.96 8.35 -29.91
CA THR B 314 -10.84 8.28 -31.36
C THR B 314 -9.99 7.07 -31.81
N MET B 315 -8.83 6.84 -31.18
CA MET B 315 -7.94 5.73 -31.55
C MET B 315 -8.60 4.37 -31.32
N ASN B 316 -9.27 4.16 -30.17
CA ASN B 316 -9.97 2.91 -29.89
C ASN B 316 -11.13 2.69 -30.87
N GLY B 317 -11.72 3.80 -31.35
CA GLY B 317 -12.76 3.77 -32.35
C GLY B 317 -12.23 3.28 -33.68
N MET B 318 -11.00 3.74 -34.03
CA MET B 318 -10.31 3.41 -35.26
C MET B 318 -9.74 1.98 -35.26
N PHE B 319 -9.60 1.35 -34.07
CA PHE B 319 -9.12 -0.04 -33.94
C PHE B 319 -10.12 -1.01 -34.58
N ALA B 320 -11.44 -0.76 -34.38
CA ALA B 320 -12.54 -1.55 -34.93
C ALA B 320 -12.56 -1.45 -36.46
N MET B 321 -12.15 -0.29 -36.99
CA MET B 321 -12.05 0.01 -38.41
C MET B 321 -10.97 -0.88 -39.07
N VAL B 322 -9.85 -1.14 -38.37
CA VAL B 322 -8.78 -2.02 -38.87
C VAL B 322 -9.25 -3.48 -38.78
N GLU B 323 -9.90 -3.84 -37.65
CA GLU B 323 -10.44 -5.17 -37.41
C GLU B 323 -11.43 -5.58 -38.52
N LYS B 324 -12.30 -4.65 -38.93
CA LYS B 324 -13.37 -4.93 -39.89
C LYS B 324 -13.04 -4.58 -41.36
N TYR B 325 -12.19 -3.54 -41.63
CA TYR B 325 -11.92 -3.12 -43.02
C TYR B 325 -10.46 -3.34 -43.49
N LYS B 326 -9.60 -3.90 -42.61
CA LYS B 326 -8.21 -4.30 -42.86
C LYS B 326 -7.32 -3.16 -43.42
N LYS B 327 -6.63 -3.39 -44.55
CA LYS B 327 -5.70 -2.48 -45.20
C LYS B 327 -6.31 -1.10 -45.48
N ASP B 328 -7.59 -1.05 -45.89
CA ASP B 328 -8.28 0.21 -46.13
C ASP B 328 -8.49 0.94 -44.81
N GLY B 329 -8.83 0.21 -43.74
CA GLY B 329 -9.02 0.77 -42.40
C GLY B 329 -7.73 1.31 -41.83
N GLU B 330 -6.60 0.62 -42.10
CA GLU B 330 -5.24 0.99 -41.68
C GLU B 330 -4.84 2.32 -42.32
N LYS B 331 -5.14 2.48 -43.63
CA LYS B 331 -4.87 3.68 -44.41
C LYS B 331 -5.65 4.88 -43.82
N MET B 332 -6.90 4.63 -43.39
CA MET B 332 -7.75 5.66 -42.77
C MET B 332 -7.23 6.02 -41.39
N LEU B 333 -6.85 5.02 -40.56
CA LEU B 333 -6.32 5.24 -39.20
C LEU B 333 -5.09 6.16 -39.26
N ASP B 334 -4.11 5.84 -40.13
CA ASP B 334 -2.86 6.59 -40.29
C ASP B 334 -3.08 8.06 -40.60
N THR B 335 -4.08 8.36 -41.45
CA THR B 335 -4.33 9.70 -41.95
C THR B 335 -5.40 10.48 -41.16
N TRP B 336 -6.19 9.82 -40.30
CA TRP B 336 -7.22 10.50 -39.50
C TRP B 336 -6.51 11.14 -38.30
N THR B 337 -6.11 12.41 -38.48
CA THR B 337 -5.26 13.21 -37.59
C THR B 337 -6.02 13.96 -36.50
N VAL B 338 -5.52 13.84 -35.26
CA VAL B 338 -6.04 14.53 -34.09
C VAL B 338 -5.46 15.94 -34.04
N PHE B 339 -6.35 16.93 -34.04
CA PHE B 339 -6.04 18.34 -33.89
C PHE B 339 -6.52 18.70 -32.50
N GLY B 340 -5.58 19.07 -31.65
CA GLY B 340 -5.84 19.38 -30.25
C GLY B 340 -5.07 18.45 -29.34
N ASP B 341 -5.33 18.58 -28.03
CA ASP B 341 -4.67 17.80 -27.00
C ASP B 341 -5.19 16.33 -27.01
N PRO B 342 -4.31 15.32 -27.25
CA PRO B 342 -4.80 13.92 -27.28
C PRO B 342 -5.22 13.41 -25.90
N SER B 343 -4.76 14.07 -24.83
CA SER B 343 -5.09 13.70 -23.46
C SER B 343 -6.30 14.51 -22.94
N LEU B 344 -6.94 15.32 -23.82
CA LEU B 344 -8.09 16.15 -23.46
C LEU B 344 -9.19 15.32 -22.83
N LEU B 345 -9.55 15.65 -21.58
CA LEU B 345 -10.63 14.96 -20.88
C LEU B 345 -11.93 15.52 -21.44
N VAL B 346 -12.54 14.74 -22.36
CA VAL B 346 -13.76 15.11 -23.07
C VAL B 346 -14.92 15.24 -22.09
N ARG B 347 -15.82 16.18 -22.39
CA ARG B 347 -17.05 16.46 -21.63
C ARG B 347 -18.22 16.17 -22.54
N THR B 348 -19.24 15.48 -22.03
CA THR B 348 -20.37 15.10 -22.87
C THR B 348 -21.67 15.79 -22.44
N LEU B 349 -21.77 16.11 -21.16
CA LEU B 349 -22.98 16.70 -20.60
C LEU B 349 -22.64 17.89 -19.73
N VAL B 350 -23.68 18.61 -19.24
CA VAL B 350 -23.53 19.72 -18.31
C VAL B 350 -22.96 19.10 -17.02
N PRO B 351 -21.82 19.59 -16.49
CA PRO B 351 -21.25 18.94 -15.30
C PRO B 351 -22.06 19.16 -14.02
N THR B 352 -21.85 18.24 -13.07
CA THR B 352 -22.44 18.28 -11.73
C THR B 352 -21.29 18.53 -10.76
N LYS B 353 -21.59 19.08 -9.59
CA LYS B 353 -20.56 19.37 -8.59
C LYS B 353 -20.18 18.11 -7.81
N MET B 354 -18.91 18.07 -7.38
CA MET B 354 -18.35 17.01 -6.53
C MET B 354 -18.28 17.50 -5.11
N GLN B 355 -18.47 16.60 -4.14
CA GLN B 355 -18.31 16.93 -2.74
C GLN B 355 -16.90 16.49 -2.34
N VAL B 356 -15.99 17.46 -2.19
CA VAL B 356 -14.59 17.17 -1.87
C VAL B 356 -14.27 17.68 -0.46
N THR B 357 -13.81 16.78 0.42
CA THR B 357 -13.43 17.07 1.80
C THR B 357 -11.96 16.68 1.95
N ALA B 358 -11.13 17.67 2.28
CA ALA B 358 -9.69 17.49 2.46
C ALA B 358 -9.18 18.32 3.64
N PRO B 359 -8.17 17.83 4.41
CA PRO B 359 -7.63 18.65 5.51
C PRO B 359 -7.03 19.96 4.98
N ALA B 360 -7.24 21.06 5.73
CA ALA B 360 -6.75 22.40 5.40
C ALA B 360 -5.22 22.46 5.43
N ASN B 361 -4.59 21.58 6.23
CA ASN B 361 -3.14 21.51 6.40
C ASN B 361 -2.61 20.09 6.15
N ILE B 362 -1.30 19.99 5.92
CA ILE B 362 -0.56 18.75 5.71
C ILE B 362 0.75 18.85 6.49
N SER B 363 1.16 17.75 7.14
CA SER B 363 2.41 17.68 7.90
C SER B 363 3.61 17.72 6.97
N ALA B 364 4.70 18.43 7.36
CA ALA B 364 5.93 18.55 6.58
C ALA B 364 6.59 17.18 6.36
N SER B 365 6.41 16.25 7.31
CA SER B 365 6.98 14.91 7.28
C SER B 365 5.96 13.85 6.76
N ALA B 366 4.82 14.31 6.20
CA ALA B 366 3.78 13.43 5.66
C ALA B 366 4.24 12.64 4.43
N GLN B 367 3.76 11.41 4.30
CA GLN B 367 4.03 10.46 3.21
C GLN B 367 2.75 10.19 2.41
N THR B 368 1.59 10.49 3.02
CA THR B 368 0.25 10.32 2.42
C THR B 368 -0.65 11.52 2.73
N PHE B 369 -1.73 11.68 1.95
CA PHE B 369 -2.74 12.73 2.13
C PHE B 369 -4.10 12.19 1.71
N GLU B 370 -5.02 12.12 2.69
CA GLU B 370 -6.37 11.59 2.51
C GLU B 370 -7.31 12.66 1.96
N VAL B 371 -8.10 12.32 0.93
CA VAL B 371 -9.08 13.22 0.32
C VAL B 371 -10.41 12.46 0.16
N ALA B 372 -11.49 12.96 0.79
CA ALA B 372 -12.82 12.39 0.68
C ALA B 372 -13.53 13.00 -0.53
N CYS B 373 -14.09 12.16 -1.41
CA CYS B 373 -14.78 12.61 -2.62
C CYS B 373 -15.98 11.70 -2.88
N ASP B 374 -17.16 12.29 -3.16
CA ASP B 374 -18.41 11.56 -3.39
C ASP B 374 -18.47 10.92 -4.79
N TYR B 375 -17.50 11.23 -5.68
CA TYR B 375 -17.47 10.65 -7.01
C TYR B 375 -16.30 9.65 -7.16
N ASN B 376 -16.63 8.34 -7.17
CA ASN B 376 -15.64 7.27 -7.34
C ASN B 376 -15.16 7.25 -8.79
N GLY B 377 -13.85 7.20 -8.97
CA GLY B 377 -13.22 7.23 -10.28
C GLY B 377 -12.56 8.57 -10.56
N ALA B 378 -12.82 9.57 -9.68
CA ALA B 378 -12.22 10.90 -9.75
C ALA B 378 -10.73 10.80 -9.44
N ILE B 379 -9.92 11.69 -10.04
CA ILE B 379 -8.48 11.70 -9.83
C ILE B 379 -8.14 12.91 -8.95
N ALA B 380 -7.56 12.65 -7.79
CA ALA B 380 -7.10 13.66 -6.83
C ALA B 380 -5.59 13.79 -6.93
N THR B 381 -5.09 15.02 -7.12
CA THR B 381 -3.66 15.25 -7.31
C THR B 381 -3.14 16.41 -6.45
N LEU B 382 -1.98 16.18 -5.82
CA LEU B 382 -1.23 17.18 -5.07
C LEU B 382 -0.11 17.69 -5.96
N SER B 383 -0.01 19.01 -6.10
CA SER B 383 1.01 19.63 -6.94
C SER B 383 1.66 20.85 -6.28
N ASP B 384 2.86 21.17 -6.73
CA ASP B 384 3.67 22.28 -6.24
C ASP B 384 4.13 23.11 -7.45
N ASP B 385 3.38 24.19 -7.76
CA ASP B 385 3.59 25.13 -8.86
C ASP B 385 3.81 24.41 -10.20
N GLY B 386 2.92 23.47 -10.52
CA GLY B 386 3.00 22.68 -11.76
C GLY B 386 3.84 21.43 -11.69
N ASP B 387 4.36 21.10 -10.51
CA ASP B 387 5.15 19.89 -10.30
C ASP B 387 4.32 18.91 -9.48
N MET B 388 4.02 17.74 -10.06
CA MET B 388 3.22 16.70 -9.42
C MET B 388 3.95 16.08 -8.21
N VAL B 389 3.31 16.15 -7.04
CA VAL B 389 3.83 15.62 -5.77
C VAL B 389 3.27 14.20 -5.54
N GLY B 390 2.04 13.97 -6.00
CA GLY B 390 1.37 12.68 -5.89
C GLY B 390 -0.02 12.71 -6.49
N THR B 391 -0.48 11.55 -6.99
CA THR B 391 -1.81 11.42 -7.59
C THR B 391 -2.44 10.07 -7.19
N ALA B 392 -3.77 10.06 -6.97
CA ALA B 392 -4.54 8.87 -6.57
C ALA B 392 -5.98 8.94 -7.06
N ILE B 393 -6.57 7.76 -7.36
CA ILE B 393 -7.95 7.60 -7.81
C ILE B 393 -8.86 7.45 -6.59
N VAL B 394 -10.07 8.06 -6.65
CA VAL B 394 -11.08 7.96 -5.60
C VAL B 394 -11.76 6.59 -5.70
N LYS B 395 -11.61 5.74 -4.67
CA LYS B 395 -12.21 4.41 -4.55
C LYS B 395 -12.79 4.29 -3.15
N ASP B 396 -14.06 3.81 -3.06
CA ASP B 396 -14.84 3.68 -1.82
C ASP B 396 -14.94 5.05 -1.10
N GLY B 397 -15.18 6.11 -1.89
CA GLY B 397 -15.37 7.46 -1.40
C GLY B 397 -14.14 8.24 -0.99
N LYS B 398 -12.92 7.67 -1.10
CA LYS B 398 -11.70 8.38 -0.72
C LYS B 398 -10.52 8.11 -1.66
N ALA B 399 -9.58 9.06 -1.68
CA ALA B 399 -8.33 8.98 -2.39
C ALA B 399 -7.20 9.09 -1.40
N ILE B 400 -6.26 8.14 -1.43
CA ILE B 400 -5.10 8.16 -0.56
C ILE B 400 -3.89 8.50 -1.44
N ILE B 401 -3.54 9.80 -1.46
CA ILE B 401 -2.44 10.30 -2.29
C ILE B 401 -1.11 9.97 -1.62
N LYS B 402 -0.28 9.16 -2.31
CA LYS B 402 1.06 8.81 -1.85
C LYS B 402 2.05 9.83 -2.40
N LEU B 403 2.76 10.53 -1.49
CA LEU B 403 3.74 11.55 -1.84
C LEU B 403 5.01 10.89 -2.38
N ASN B 404 5.45 11.28 -3.59
CA ASN B 404 6.64 10.71 -4.22
C ASN B 404 7.91 11.55 -4.00
N GLU B 405 7.81 12.57 -3.14
CA GLU B 405 8.92 13.46 -2.77
C GLU B 405 8.64 14.16 -1.45
N SER B 406 9.71 14.57 -0.74
CA SER B 406 9.60 15.28 0.53
C SER B 406 9.04 16.68 0.31
N ILE B 407 8.19 17.14 1.23
CA ILE B 407 7.54 18.46 1.18
C ILE B 407 7.94 19.27 2.43
N ALA B 408 8.97 18.82 3.16
CA ALA B 408 9.46 19.39 4.42
C ALA B 408 9.74 20.89 4.36
N ASP B 409 10.26 21.39 3.23
CA ASP B 409 10.62 22.81 3.06
C ASP B 409 9.49 23.65 2.43
N GLU B 410 8.43 23.00 1.93
CA GLU B 410 7.28 23.64 1.27
C GLU B 410 6.41 24.41 2.27
N THR B 411 5.72 25.45 1.78
CA THR B 411 4.81 26.25 2.60
C THR B 411 3.36 25.90 2.27
N ASN B 412 3.08 25.67 0.97
CA ASN B 412 1.74 25.36 0.47
C ASN B 412 1.79 24.35 -0.66
N LEU B 413 0.71 23.58 -0.83
CA LEU B 413 0.53 22.62 -1.92
C LEU B 413 -0.85 22.83 -2.55
N THR B 414 -0.99 22.51 -3.83
CA THR B 414 -2.24 22.64 -4.58
C THR B 414 -2.91 21.27 -4.71
N LEU B 415 -4.19 21.17 -4.31
CA LEU B 415 -4.98 19.96 -4.48
C LEU B 415 -5.96 20.16 -5.63
N THR B 416 -5.90 19.27 -6.63
CA THR B 416 -6.78 19.32 -7.79
C THR B 416 -7.53 18.00 -7.91
N VAL B 417 -8.86 18.08 -7.99
CA VAL B 417 -9.72 16.90 -8.15
C VAL B 417 -10.50 17.07 -9.43
N VAL B 418 -10.28 16.16 -10.39
CA VAL B 418 -11.00 16.13 -11.67
C VAL B 418 -11.89 14.90 -11.68
N GLY B 419 -13.03 15.01 -12.35
CA GLY B 419 -13.99 13.93 -12.50
C GLY B 419 -14.69 14.00 -13.82
N TYR B 420 -15.06 12.83 -14.38
CA TYR B 420 -15.77 12.76 -15.65
C TYR B 420 -17.12 13.46 -15.52
N ASN B 421 -17.32 14.53 -16.34
CA ASN B 421 -18.52 15.38 -16.38
C ASN B 421 -18.76 16.03 -15.01
N LYS B 422 -17.67 16.39 -14.34
CA LYS B 422 -17.70 17.03 -13.03
C LYS B 422 -17.00 18.36 -13.10
N VAL B 423 -17.37 19.27 -12.17
CA VAL B 423 -16.73 20.57 -12.03
C VAL B 423 -15.43 20.30 -11.26
N THR B 424 -14.28 20.70 -11.84
CA THR B 424 -12.95 20.54 -11.24
C THR B 424 -12.86 21.31 -9.92
N VAL B 425 -12.36 20.64 -8.88
CA VAL B 425 -12.18 21.21 -7.55
C VAL B 425 -10.68 21.51 -7.33
N ILE B 426 -10.36 22.76 -6.94
CA ILE B 426 -8.99 23.20 -6.66
C ILE B 426 -8.96 23.83 -5.26
N LYS B 427 -8.12 23.30 -4.38
CA LYS B 427 -7.95 23.75 -3.00
C LYS B 427 -6.47 23.96 -2.66
N ASP B 428 -6.20 24.91 -1.76
CA ASP B 428 -4.85 25.15 -1.25
C ASP B 428 -4.67 24.39 0.06
N VAL B 429 -3.53 23.72 0.21
CA VAL B 429 -3.20 22.95 1.40
C VAL B 429 -1.95 23.57 2.05
N LYS B 430 -2.09 24.10 3.29
CA LYS B 430 -0.98 24.71 4.02
C LYS B 430 -0.06 23.61 4.58
N VAL B 431 1.26 23.82 4.49
CA VAL B 431 2.22 22.85 5.03
C VAL B 431 2.58 23.31 6.45
N GLU B 432 2.29 22.45 7.46
CA GLU B 432 2.52 22.72 8.88
C GLU B 432 3.79 22.03 9.40
N GLY C 11 37.01 52.20 10.17
CA GLY C 11 36.66 53.31 11.05
C GLY C 11 36.64 54.66 10.36
N ARG C 12 35.53 55.40 10.51
CA ARG C 12 35.32 56.73 9.93
C ARG C 12 35.65 57.83 10.93
N ASN C 13 36.22 58.94 10.43
CA ASN C 13 36.59 60.12 11.22
C ASN C 13 35.31 60.93 11.49
N PRO C 14 34.92 61.10 12.78
CA PRO C 14 33.66 61.82 13.09
C PRO C 14 33.79 63.33 12.91
N GLN C 15 35.02 63.85 12.86
CA GLN C 15 35.30 65.29 12.72
C GLN C 15 35.24 65.74 11.25
N VAL C 16 35.18 64.78 10.29
CA VAL C 16 35.04 65.07 8.86
C VAL C 16 33.54 65.29 8.60
N ARG C 17 33.18 66.48 8.10
CA ARG C 17 31.77 66.83 7.88
C ARG C 17 31.54 67.74 6.67
N LEU C 18 30.32 67.66 6.11
CA LEU C 18 29.89 68.46 4.97
C LEU C 18 29.37 69.81 5.48
N LEU C 19 30.11 70.90 5.21
CA LEU C 19 29.72 72.23 5.66
C LEU C 19 28.62 72.82 4.79
N SER C 20 28.77 72.74 3.45
CA SER C 20 27.81 73.26 2.47
C SER C 20 27.72 72.37 1.25
N ALA C 21 26.55 72.40 0.57
CA ALA C 21 26.30 71.67 -0.68
C ALA C 21 25.22 72.37 -1.49
N GLU C 22 25.64 72.88 -2.65
CA GLU C 22 24.81 73.57 -3.64
C GLU C 22 24.76 72.73 -4.91
N GLN C 23 24.10 73.24 -5.97
CA GLN C 23 23.98 72.57 -7.27
C GLN C 23 25.35 72.40 -7.94
N SER C 24 26.22 73.42 -7.81
CA SER C 24 27.54 73.45 -8.43
C SER C 24 28.73 73.45 -7.43
N MET C 25 28.50 73.21 -6.11
CA MET C 25 29.58 73.27 -5.10
C MET C 25 29.31 72.45 -3.82
N SER C 26 30.37 71.81 -3.28
CA SER C 26 30.41 71.07 -2.01
C SER C 26 31.58 71.57 -1.16
N LYS C 27 31.30 71.89 0.10
CA LYS C 27 32.28 72.37 1.06
C LYS C 27 32.49 71.27 2.12
N VAL C 28 33.68 70.66 2.13
CA VAL C 28 34.01 69.54 3.02
C VAL C 28 35.09 69.96 4.02
N GLN C 29 34.84 69.71 5.30
CA GLN C 29 35.76 70.03 6.38
C GLN C 29 36.43 68.76 6.90
N PHE C 30 37.76 68.80 7.00
CA PHE C 30 38.57 67.76 7.60
C PHE C 30 39.12 68.31 8.90
N ARG C 31 39.14 67.47 9.92
CA ARG C 31 39.76 67.79 11.20
C ARG C 31 40.55 66.59 11.66
N MET C 32 41.80 66.82 12.11
CA MET C 32 42.71 65.75 12.57
C MET C 32 42.11 65.08 13.80
N ASP C 33 41.99 63.74 13.75
CA ASP C 33 41.42 62.96 14.84
C ASP C 33 42.33 61.80 15.20
N ASN C 34 42.70 61.70 16.49
CA ASN C 34 43.52 60.65 17.10
C ASN C 34 44.86 60.43 16.36
N LEU C 35 45.61 61.52 16.07
CA LEU C 35 46.91 61.40 15.40
C LEU C 35 47.91 60.72 16.35
N GLN C 36 48.45 59.58 15.92
CA GLN C 36 49.42 58.82 16.69
C GLN C 36 50.65 58.52 15.86
N PHE C 37 51.75 58.25 16.54
CA PHE C 37 53.02 57.87 15.92
C PHE C 37 53.51 56.60 16.57
N THR C 38 53.77 55.57 15.74
CA THR C 38 54.24 54.27 16.18
C THR C 38 55.72 54.16 15.80
N GLY C 39 56.55 53.94 16.82
CA GLY C 39 57.99 53.78 16.66
C GLY C 39 58.32 52.44 16.04
N VAL C 40 59.07 52.45 14.94
CA VAL C 40 59.49 51.23 14.25
C VAL C 40 61.02 51.23 14.08
N GLN C 41 61.63 50.04 14.10
CA GLN C 41 63.08 49.88 13.93
C GLN C 41 63.44 49.96 12.46
N THR C 42 64.37 50.86 12.10
CA THR C 42 64.85 51.03 10.71
C THR C 42 66.37 51.14 10.69
N SER C 43 66.97 51.10 9.49
CA SER C 43 68.41 51.23 9.26
C SER C 43 68.95 52.60 9.71
N LYS C 44 68.07 53.64 9.69
CA LYS C 44 68.41 55.01 10.10
C LYS C 44 68.00 55.28 11.57
N GLY C 45 67.69 54.20 12.31
CA GLY C 45 67.26 54.27 13.70
C GLY C 45 65.76 54.16 13.86
N VAL C 46 65.22 54.64 14.99
CA VAL C 46 63.78 54.58 15.26
C VAL C 46 63.07 55.65 14.44
N ALA C 47 62.14 55.20 13.59
CA ALA C 47 61.31 56.03 12.73
C ALA C 47 59.86 55.96 13.18
N GLN C 48 59.03 56.94 12.79
CA GLN C 48 57.63 57.03 13.21
C GLN C 48 56.65 56.71 12.08
N VAL C 49 55.69 55.83 12.37
CA VAL C 49 54.60 55.47 11.45
C VAL C 49 53.39 56.30 11.89
N PRO C 50 53.00 57.35 11.14
CA PRO C 50 51.84 58.14 11.56
C PRO C 50 50.52 57.43 11.25
N THR C 51 49.54 57.57 12.16
CA THR C 51 48.19 57.02 12.02
C THR C 51 47.18 58.00 12.55
N PHE C 52 46.01 58.09 11.91
CA PHE C 52 44.89 58.92 12.35
C PHE C 52 43.59 58.28 11.88
N THR C 53 42.47 58.61 12.55
CA THR C 53 41.15 58.05 12.23
C THR C 53 40.81 58.29 10.76
N GLU C 54 40.51 57.18 10.04
CA GLU C 54 40.16 57.11 8.61
C GLU C 54 41.38 57.46 7.72
N GLY C 55 42.57 57.49 8.31
CA GLY C 55 43.82 57.73 7.60
C GLY C 55 44.27 56.46 6.88
N VAL C 56 44.66 56.61 5.60
CA VAL C 56 45.08 55.48 4.78
C VAL C 56 46.43 55.79 4.13
N ASN C 57 47.36 54.83 4.24
CA ASN C 57 48.68 54.93 3.64
C ASN C 57 48.65 54.32 2.23
N ILE C 58 48.77 55.21 1.22
CA ILE C 58 48.84 54.88 -0.20
C ILE C 58 50.18 55.40 -0.77
N SER C 59 51.12 55.73 0.15
CA SER C 59 52.45 56.24 -0.18
C SER C 59 53.27 55.16 -0.88
N GLU C 60 53.94 55.55 -1.97
CA GLU C 60 54.82 54.72 -2.80
C GLU C 60 55.94 54.12 -1.93
N LYS C 61 56.32 52.85 -2.20
CA LYS C 61 57.37 52.14 -1.48
C LYS C 61 58.68 52.96 -1.46
N GLY C 62 59.23 53.16 -0.26
CA GLY C 62 60.46 53.92 -0.07
C GLY C 62 60.28 55.41 0.17
N THR C 63 59.05 55.92 0.00
CA THR C 63 58.71 57.33 0.25
C THR C 63 58.09 57.45 1.66
N PRO C 64 58.13 58.64 2.33
CA PRO C 64 57.59 58.73 3.69
C PRO C 64 56.11 58.38 3.82
N ILE C 65 55.74 57.61 4.89
CA ILE C 65 54.37 57.20 5.19
C ILE C 65 53.60 58.45 5.60
N LEU C 66 52.77 58.98 4.71
CA LEU C 66 51.98 60.18 5.01
C LEU C 66 50.52 59.88 4.68
N PRO C 67 49.78 59.29 5.65
CA PRO C 67 48.40 58.90 5.41
C PRO C 67 47.49 60.03 4.95
N ILE C 68 46.50 59.66 4.12
CA ILE C 68 45.50 60.57 3.56
C ILE C 68 44.09 60.16 4.02
N LEU C 69 43.13 61.09 3.91
CA LEU C 69 41.72 60.85 4.20
C LEU C 69 40.94 61.11 2.92
N SER C 70 40.17 60.10 2.47
CA SER C 70 39.41 60.19 1.22
C SER C 70 37.91 60.11 1.43
N ARG C 71 37.16 60.95 0.71
CA ARG C 71 35.69 60.98 0.74
C ARG C 71 35.12 61.15 -0.66
N SER C 72 34.02 60.46 -0.94
CA SER C 72 33.34 60.47 -2.23
C SER C 72 32.26 61.55 -2.29
N LEU C 73 32.20 62.24 -3.44
CA LEU C 73 31.22 63.29 -3.67
C LEU C 73 30.49 63.09 -4.98
N ALA C 74 29.17 63.36 -4.98
CA ALA C 74 28.36 63.39 -6.19
C ALA C 74 28.68 64.69 -6.88
N VAL C 75 29.23 64.60 -8.09
CA VAL C 75 29.69 65.78 -8.81
C VAL C 75 28.87 65.99 -10.10
N SER C 76 29.28 66.97 -10.93
CA SER C 76 28.65 67.31 -12.20
C SER C 76 28.64 66.12 -13.16
N GLU C 77 27.63 66.04 -14.03
CA GLU C 77 27.50 64.97 -15.00
C GLU C 77 28.46 65.14 -16.18
N THR C 78 28.79 66.38 -16.55
CA THR C 78 29.62 66.67 -17.74
C THR C 78 30.83 67.61 -17.50
N ARG C 79 30.84 68.32 -16.37
CA ARG C 79 31.88 69.32 -16.08
C ARG C 79 33.03 68.80 -15.24
N ALA C 80 34.24 69.32 -15.54
CA ALA C 80 35.48 69.05 -14.80
C ALA C 80 35.41 69.76 -13.48
N MET C 81 35.66 69.02 -12.41
CA MET C 81 35.64 69.58 -11.06
C MET C 81 37.00 70.08 -10.64
N LYS C 82 37.03 71.00 -9.70
CA LYS C 82 38.27 71.53 -9.13
C LYS C 82 38.16 71.49 -7.61
N VAL C 83 39.31 71.45 -6.93
CA VAL C 83 39.36 71.45 -5.49
C VAL C 83 40.21 72.65 -5.04
N GLU C 84 39.66 73.46 -4.14
CA GLU C 84 40.33 74.64 -3.59
C GLU C 84 40.32 74.55 -2.09
N VAL C 85 41.48 74.83 -1.47
CA VAL C 85 41.59 74.88 0.00
C VAL C 85 41.11 76.27 0.40
N VAL C 86 39.94 76.36 1.02
CA VAL C 86 39.36 77.65 1.42
C VAL C 86 39.77 78.02 2.86
N SER C 87 40.18 77.01 3.65
CA SER C 87 40.60 77.16 5.04
C SER C 87 41.57 76.05 5.42
N SER C 88 42.66 76.40 6.11
CA SER C 88 43.69 75.46 6.57
C SER C 88 44.40 76.00 7.82
N LYS C 89 44.84 75.08 8.68
CA LYS C 89 45.52 75.38 9.94
C LYS C 89 46.51 74.26 10.23
N PHE C 90 47.78 74.58 10.49
CA PHE C 90 48.77 73.54 10.78
C PHE C 90 49.69 73.90 11.95
N ILE C 91 50.33 72.86 12.51
CA ILE C 91 51.34 72.94 13.57
C ILE C 91 52.59 72.23 13.04
N GLU C 92 53.78 72.67 13.48
CA GLU C 92 55.03 72.07 13.01
C GLU C 92 55.69 71.20 14.06
N LYS C 93 56.19 70.04 13.62
CA LYS C 93 56.93 69.08 14.42
C LYS C 93 58.34 68.97 13.83
N LYS C 94 59.36 69.39 14.56
CA LYS C 94 60.74 69.40 14.06
C LYS C 94 61.53 68.16 14.50
N ASP C 95 62.58 67.82 13.71
CA ASP C 95 63.51 66.69 13.87
C ASP C 95 62.75 65.36 14.01
N VAL C 96 61.82 65.13 13.08
CA VAL C 96 61.00 63.94 13.06
C VAL C 96 61.50 62.98 11.97
N LEU C 97 61.72 61.70 12.29
CA LEU C 97 62.10 60.70 11.31
C LEU C 97 60.85 59.90 10.98
N ILE C 98 60.25 60.14 9.81
CA ILE C 98 59.05 59.43 9.34
C ILE C 98 59.52 58.17 8.65
N ALA C 99 58.89 57.04 8.98
CA ALA C 99 59.19 55.72 8.41
C ALA C 99 58.88 55.66 6.92
N PRO C 100 59.70 54.92 6.13
CA PRO C 100 59.41 54.81 4.69
C PRO C 100 58.32 53.78 4.43
N SER C 101 57.56 53.97 3.36
CA SER C 101 56.48 53.06 3.00
C SER C 101 57.01 51.72 2.51
N LYS C 102 56.35 50.64 2.93
CA LYS C 102 56.62 49.28 2.49
C LYS C 102 55.87 49.01 1.18
N GLY C 103 55.01 49.96 0.80
CA GLY C 103 54.16 49.89 -0.39
C GLY C 103 53.02 48.91 -0.18
N VAL C 104 52.45 48.38 -1.28
CA VAL C 104 51.37 47.42 -1.21
C VAL C 104 51.98 46.05 -0.82
N ILE C 105 51.55 45.52 0.31
CA ILE C 105 52.00 44.22 0.83
C ILE C 105 50.94 43.17 0.50
N SER C 106 51.37 42.02 -0.01
CA SER C 106 50.48 40.91 -0.34
C SER C 106 50.26 40.06 0.90
N ARG C 107 49.11 39.39 1.00
CA ARG C 107 48.83 38.49 2.13
C ARG C 107 49.55 37.14 1.93
N ALA C 108 50.40 37.05 0.89
CA ALA C 108 51.27 35.90 0.62
C ALA C 108 52.56 36.07 1.43
N GLU C 109 52.78 37.29 1.97
CA GLU C 109 53.94 37.69 2.76
C GLU C 109 53.58 37.97 4.22
N ASN C 110 54.60 38.04 5.08
CA ASN C 110 54.48 38.42 6.49
C ASN C 110 55.04 39.85 6.61
N PRO C 111 54.21 40.89 6.90
CA PRO C 111 54.73 42.27 6.96
C PRO C 111 55.72 42.50 8.11
N ASP C 112 55.62 41.70 9.19
CA ASP C 112 56.51 41.76 10.36
C ASP C 112 57.94 41.37 9.96
N GLN C 113 58.08 40.57 8.88
CA GLN C 113 59.35 40.08 8.34
C GLN C 113 59.88 40.98 7.19
N ILE C 114 59.07 41.94 6.72
CA ILE C 114 59.47 42.87 5.65
C ILE C 114 60.11 44.10 6.32
N PRO C 115 61.34 44.50 5.95
CA PRO C 115 61.96 45.66 6.62
C PRO C 115 61.58 47.00 5.99
N TYR C 116 61.76 48.08 6.76
CA TYR C 116 61.52 49.44 6.28
C TYR C 116 62.75 49.85 5.50
N VAL C 117 62.60 50.11 4.19
CA VAL C 117 63.69 50.48 3.30
C VAL C 117 63.44 51.91 2.77
N TYR C 118 64.44 52.79 2.94
CA TYR C 118 64.40 54.17 2.51
C TYR C 118 64.76 54.30 1.03
N GLY C 119 63.96 55.08 0.31
CA GLY C 119 64.16 55.38 -1.10
C GLY C 119 65.01 56.62 -1.28
N GLN C 120 65.10 57.12 -2.53
CA GLN C 120 65.89 58.32 -2.86
C GLN C 120 65.16 59.62 -2.52
N SER C 121 63.83 59.56 -2.33
CA SER C 121 62.96 60.69 -1.97
C SER C 121 63.38 61.36 -0.65
N TYR C 122 64.09 60.62 0.22
CA TYR C 122 64.55 61.12 1.51
C TYR C 122 65.73 62.12 1.36
N ASN C 123 66.39 62.15 0.18
CA ASN C 123 67.50 63.07 -0.10
C ASN C 123 67.01 64.34 -0.82
N GLU C 124 65.69 64.45 -1.08
CA GLU C 124 65.06 65.58 -1.76
C GLU C 124 64.56 66.63 -0.76
N ASP C 125 65.09 67.86 -0.85
CA ASP C 125 64.74 68.99 0.02
C ASP C 125 63.47 69.69 -0.48
N LYS C 126 62.32 69.07 -0.21
CA LYS C 126 60.97 69.54 -0.55
C LYS C 126 59.93 68.84 0.34
N PHE C 127 58.72 69.40 0.41
CA PHE C 127 57.64 68.83 1.21
C PHE C 127 56.88 67.79 0.42
N PHE C 128 56.72 66.60 0.99
CA PHE C 128 55.99 65.48 0.39
C PHE C 128 54.61 65.36 1.06
N PRO C 129 53.51 65.04 0.33
CA PRO C 129 53.42 64.80 -1.13
C PRO C 129 53.48 66.10 -1.96
N GLY C 130 53.21 67.24 -1.31
CA GLY C 130 53.21 68.56 -1.95
C GLY C 130 51.89 69.29 -1.81
N GLU C 131 50.79 68.65 -2.23
CA GLU C 131 49.43 69.22 -2.17
C GLU C 131 48.71 68.70 -0.92
N ILE C 132 47.95 69.57 -0.24
CA ILE C 132 47.22 69.17 0.97
C ILE C 132 45.81 68.67 0.61
N ALA C 133 45.37 68.90 -0.65
CA ALA C 133 44.08 68.46 -1.18
C ALA C 133 44.13 68.19 -2.68
N THR C 134 43.66 67.01 -3.08
CA THR C 134 43.61 66.58 -4.48
C THR C 134 42.27 65.89 -4.79
N LEU C 135 42.03 65.67 -6.09
CA LEU C 135 40.87 64.95 -6.58
C LEU C 135 41.33 63.69 -7.28
N SER C 136 40.65 62.57 -7.03
CA SER C 136 40.94 61.32 -7.73
C SER C 136 40.17 61.34 -9.06
N ASP C 137 40.47 60.42 -9.99
CA ASP C 137 39.79 60.35 -11.29
C ASP C 137 38.27 60.15 -11.12
N PRO C 138 37.45 60.93 -11.88
CA PRO C 138 35.99 60.78 -11.76
C PRO C 138 35.48 59.40 -12.19
N PHE C 139 34.40 58.94 -11.56
CA PHE C 139 33.79 57.65 -11.85
C PHE C 139 32.28 57.81 -12.06
N ILE C 140 31.65 56.78 -12.63
CA ILE C 140 30.19 56.78 -12.79
C ILE C 140 29.63 55.58 -12.03
N LEU C 141 28.72 55.86 -11.09
CA LEU C 141 28.00 54.86 -10.33
C LEU C 141 26.54 54.92 -10.78
N ARG C 142 26.21 54.07 -11.77
CA ARG C 142 24.90 53.94 -12.42
C ARG C 142 24.49 55.28 -13.09
N ASP C 143 23.69 56.13 -12.41
CA ASP C 143 23.21 57.39 -12.97
C ASP C 143 23.89 58.63 -12.34
N VAL C 144 24.89 58.43 -11.46
CA VAL C 144 25.56 59.53 -10.78
C VAL C 144 27.07 59.51 -11.06
N ARG C 145 27.61 60.67 -11.47
CA ARG C 145 29.04 60.87 -11.67
C ARG C 145 29.60 61.28 -10.32
N GLY C 146 30.59 60.52 -9.86
CA GLY C 146 31.24 60.77 -8.58
C GLY C 146 32.71 61.08 -8.70
N GLN C 147 33.28 61.67 -7.65
CA GLN C 147 34.69 62.02 -7.57
C GLN C 147 35.13 62.05 -6.12
N VAL C 148 36.30 61.47 -5.84
CA VAL C 148 36.85 61.37 -4.50
C VAL C 148 37.80 62.55 -4.23
N VAL C 149 37.57 63.24 -3.11
CA VAL C 149 38.43 64.33 -2.65
C VAL C 149 39.38 63.73 -1.60
N ASN C 150 40.67 64.04 -1.73
CA ASN C 150 41.68 63.51 -0.83
C ASN C 150 42.34 64.59 -0.04
N PHE C 151 42.35 64.44 1.29
CA PHE C 151 43.01 65.35 2.22
C PHE C 151 44.35 64.75 2.56
N ALA C 152 45.43 65.53 2.41
CA ALA C 152 46.78 65.10 2.80
C ALA C 152 47.24 66.03 3.95
N PRO C 153 46.83 65.72 5.21
CA PRO C 153 47.13 66.63 6.32
C PRO C 153 48.52 66.47 6.93
N LEU C 154 49.34 65.57 6.37
CA LEU C 154 50.69 65.32 6.85
C LEU C 154 51.68 65.59 5.72
N GLN C 155 52.38 66.72 5.83
CA GLN C 155 53.37 67.20 4.86
C GLN C 155 54.75 67.12 5.51
N TYR C 156 55.66 66.36 4.90
CA TYR C 156 56.96 66.10 5.48
C TYR C 156 58.12 66.37 4.53
N ASN C 157 59.07 67.20 5.01
CA ASN C 157 60.34 67.53 4.34
C ASN C 157 61.38 66.59 4.95
N PRO C 158 61.84 65.56 4.20
CA PRO C 158 62.76 64.57 4.80
C PRO C 158 64.18 65.09 5.08
N VAL C 159 64.67 66.08 4.30
CA VAL C 159 66.02 66.63 4.46
C VAL C 159 66.13 67.48 5.75
N THR C 160 65.13 68.36 6.02
CA THR C 160 65.12 69.23 7.20
C THR C 160 64.42 68.54 8.40
N LYS C 161 63.83 67.34 8.16
CA LYS C 161 63.11 66.50 9.13
C LYS C 161 61.92 67.24 9.78
N THR C 162 61.28 68.15 9.02
CA THR C 162 60.15 68.98 9.45
C THR C 162 58.82 68.36 8.96
N LEU C 163 57.89 68.14 9.92
CA LEU C 163 56.55 67.62 9.66
C LEU C 163 55.51 68.69 9.97
N ARG C 164 54.62 68.94 9.00
CA ARG C 164 53.50 69.87 9.15
C ARG C 164 52.24 69.05 9.37
N ILE C 165 51.58 69.27 10.52
CA ILE C 165 50.35 68.58 10.89
C ILE C 165 49.18 69.52 10.70
N TYR C 166 48.36 69.27 9.68
CA TYR C 166 47.18 70.09 9.40
C TYR C 166 46.02 69.62 10.28
N THR C 167 45.71 70.40 11.32
CA THR C 167 44.67 70.09 12.29
C THR C 167 43.27 70.31 11.68
N GLU C 168 43.16 71.24 10.71
CA GLU C 168 41.92 71.54 10.01
C GLU C 168 42.20 71.90 8.55
N ILE C 169 41.39 71.34 7.63
CA ILE C 169 41.41 71.61 6.19
C ILE C 169 39.95 71.70 5.70
N VAL C 170 39.56 72.83 5.11
CA VAL C 170 38.24 73.00 4.54
C VAL C 170 38.45 73.19 3.04
N VAL C 171 37.82 72.32 2.24
CA VAL C 171 37.95 72.40 0.79
C VAL C 171 36.61 72.72 0.13
N ALA C 172 36.67 73.41 -1.01
CA ALA C 172 35.52 73.71 -1.86
C ALA C 172 35.69 72.93 -3.16
N VAL C 173 34.80 71.97 -3.41
CA VAL C 173 34.82 71.16 -4.62
C VAL C 173 33.69 71.70 -5.49
N SER C 174 34.06 72.37 -6.58
CA SER C 174 33.13 73.01 -7.50
C SER C 174 33.43 72.68 -8.93
N GLU C 175 32.44 72.87 -9.81
CA GLU C 175 32.60 72.62 -11.25
C GLU C 175 33.27 73.81 -11.93
N THR C 176 33.98 73.54 -13.02
CA THR C 176 34.65 74.54 -13.84
C THR C 176 33.84 74.73 -15.14
N ALA C 177 34.31 75.60 -16.05
CA ALA C 177 33.65 75.81 -17.34
C ALA C 177 34.07 74.71 -18.34
N GLU C 178 35.02 73.86 -17.90
CA GLU C 178 35.61 72.79 -18.69
C GLU C 178 34.84 71.48 -18.65
N ALA C 179 34.87 70.75 -19.77
CA ALA C 179 34.30 69.42 -19.88
C ALA C 179 35.21 68.42 -19.14
N GLY C 180 34.59 67.51 -18.41
CA GLY C 180 35.35 66.55 -17.62
C GLY C 180 35.70 65.27 -18.31
N GLN C 181 36.40 64.41 -17.57
CA GLN C 181 36.77 63.05 -17.97
C GLN C 181 35.69 62.10 -17.45
N ASN C 182 35.43 60.97 -18.16
CA ASN C 182 34.47 59.94 -17.78
C ASN C 182 33.08 60.57 -17.42
N THR C 183 32.41 61.16 -18.41
CA THR C 183 31.14 61.87 -18.21
C THR C 183 29.91 61.07 -18.66
N ILE C 184 28.72 61.49 -18.15
CA ILE C 184 27.40 60.92 -18.43
C ILE C 184 26.77 61.67 -19.62
N SER C 185 26.25 60.92 -20.61
CA SER C 185 25.59 61.48 -21.80
C SER C 185 24.22 62.03 -21.43
N LEU C 186 23.42 61.22 -20.70
CA LEU C 186 22.07 61.52 -20.20
C LEU C 186 21.73 60.61 -19.02
N PHE C 192 16.43 53.66 -12.70
CA PHE C 192 15.27 53.41 -11.84
C PHE C 192 15.38 54.23 -10.52
N THR C 193 14.91 53.71 -9.36
CA THR C 193 14.99 54.43 -8.08
C THR C 193 15.65 53.58 -6.95
N GLY C 194 15.95 52.32 -7.21
CA GLY C 194 16.54 51.41 -6.22
C GLY C 194 17.96 51.74 -5.77
N PHE C 195 18.68 52.60 -6.51
CA PHE C 195 20.05 52.98 -6.17
C PHE C 195 20.12 54.29 -5.35
N GLU C 196 18.97 54.94 -5.07
CA GLU C 196 18.89 56.20 -4.33
C GLU C 196 19.57 56.09 -2.96
N ASP C 197 19.32 55.00 -2.20
CA ASP C 197 19.92 54.77 -0.89
C ASP C 197 21.41 54.43 -1.00
N ILE C 198 21.85 53.88 -2.15
CA ILE C 198 23.27 53.57 -2.41
C ILE C 198 24.01 54.91 -2.59
N TYR C 199 23.42 55.84 -3.37
CA TYR C 199 23.97 57.17 -3.63
C TYR C 199 24.13 57.97 -2.32
N LYS C 200 23.12 57.86 -1.42
CA LYS C 200 23.10 58.54 -0.12
C LYS C 200 24.22 58.04 0.80
N SER C 201 24.55 56.74 0.75
CA SER C 201 25.59 56.14 1.58
C SER C 201 26.99 56.28 0.98
N VAL C 202 27.13 56.29 -0.35
CA VAL C 202 28.43 56.44 -1.02
C VAL C 202 28.86 57.92 -1.01
N PHE C 203 27.96 58.83 -1.44
CA PHE C 203 28.24 60.26 -1.53
C PHE C 203 27.77 60.99 -0.28
N MET C 204 28.67 61.73 0.37
CA MET C 204 28.34 62.46 1.60
C MET C 204 27.54 63.77 1.31
N ASN C 205 27.42 64.16 0.03
CA ASN C 205 26.70 65.37 -0.40
C ASN C 205 25.43 65.06 -1.24
N TYR C 206 25.11 63.77 -1.50
CA TYR C 206 23.95 63.42 -2.33
C TYR C 206 22.63 63.84 -1.68
N GLU C 207 22.43 63.46 -0.41
CA GLU C 207 21.23 63.78 0.37
C GLU C 207 20.93 65.27 0.30
N ALA C 208 21.98 66.09 0.52
CA ALA C 208 21.96 67.55 0.55
C ALA C 208 21.52 68.18 -0.77
N THR C 209 22.07 67.70 -1.92
CA THR C 209 21.72 68.26 -3.23
C THR C 209 21.57 67.15 -4.29
N ARG C 210 20.38 67.12 -4.92
CA ARG C 210 19.96 66.21 -6.00
C ARG C 210 18.58 66.63 -6.54
N ASN D 9 14.20 47.94 -5.63
CA ASN D 9 13.37 47.23 -6.60
C ASN D 9 14.28 46.47 -7.60
N GLY D 10 14.26 46.85 -8.87
CA GLY D 10 15.12 46.26 -9.90
C GLY D 10 14.69 44.91 -10.44
N ARG D 11 15.65 44.22 -11.10
CA ARG D 11 15.41 42.90 -11.69
C ARG D 11 16.70 42.07 -11.76
N MET D 12 16.57 40.73 -11.82
CA MET D 12 17.68 39.77 -11.90
C MET D 12 17.60 38.91 -13.16
N ILE D 13 18.77 38.58 -13.71
CA ILE D 13 18.90 37.66 -14.83
C ILE D 13 19.77 36.50 -14.36
N VAL D 14 19.27 35.27 -14.58
CA VAL D 14 20.00 34.06 -14.23
C VAL D 14 20.55 33.50 -15.55
N ILE D 15 21.89 33.52 -15.70
CA ILE D 15 22.55 32.95 -16.89
C ILE D 15 22.84 31.49 -16.53
N VAL D 16 22.22 30.57 -17.26
CA VAL D 16 22.30 29.15 -16.94
C VAL D 16 22.73 28.27 -18.15
N PRO D 17 23.64 27.28 -17.94
CA PRO D 17 23.96 26.36 -19.04
C PRO D 17 22.71 25.52 -19.36
N LYS D 18 22.52 25.17 -20.64
CA LYS D 18 21.37 24.41 -21.14
C LYS D 18 21.10 23.14 -20.31
N LYS D 19 22.15 22.44 -19.85
CA LYS D 19 22.02 21.21 -19.05
C LYS D 19 21.39 21.44 -17.67
N TYR D 20 21.41 22.70 -17.15
CA TYR D 20 20.85 23.06 -15.85
C TYR D 20 19.58 23.93 -15.94
N GLU D 21 19.04 24.14 -17.16
CA GLU D 21 17.86 24.97 -17.43
C GLU D 21 16.60 24.53 -16.65
N GLU D 22 16.32 23.22 -16.60
CA GLU D 22 15.16 22.66 -15.90
C GLU D 22 15.33 22.73 -14.37
N ASP D 23 16.57 22.65 -13.89
CA ASP D 23 16.92 22.62 -12.47
C ASP D 23 16.77 23.95 -11.74
N ILE D 24 16.88 25.10 -12.44
CA ILE D 24 16.79 26.42 -11.79
C ILE D 24 15.34 26.97 -11.74
N GLU D 25 14.37 26.21 -12.26
CA GLU D 25 12.95 26.58 -12.36
C GLU D 25 12.33 27.00 -11.00
N ASP D 26 12.55 26.20 -9.93
CA ASP D 26 12.01 26.46 -8.59
C ASP D 26 12.59 27.74 -8.00
N PHE D 27 13.87 28.02 -8.29
CA PHE D 27 14.60 29.19 -7.82
C PHE D 27 14.02 30.47 -8.43
N VAL D 28 13.87 30.50 -9.78
CA VAL D 28 13.34 31.64 -10.55
C VAL D 28 11.89 31.89 -10.15
N ASP D 29 11.16 30.80 -9.78
CA ASP D 29 9.79 30.86 -9.27
C ASP D 29 9.72 31.64 -7.95
N TRP D 30 10.61 31.30 -7.00
CA TRP D 30 10.61 31.92 -5.67
C TRP D 30 10.96 33.41 -5.73
N LYS D 31 11.97 33.77 -6.54
CA LYS D 31 12.41 35.15 -6.70
C LYS D 31 11.28 36.05 -7.22
N ASN D 32 10.52 35.56 -8.22
CA ASN D 32 9.39 36.28 -8.79
C ASN D 32 8.24 36.32 -7.78
N GLN D 33 8.09 35.23 -7.00
CA GLN D 33 7.07 35.08 -5.96
C GLN D 33 7.29 36.09 -4.83
N ARG D 34 8.57 36.32 -4.42
CA ARG D 34 8.88 37.25 -3.33
C ARG D 34 9.06 38.72 -3.81
N GLY D 35 8.90 38.97 -5.11
CA GLY D 35 8.94 40.32 -5.66
C GLY D 35 10.14 40.76 -6.47
N LEU D 36 11.05 39.85 -6.80
CA LEU D 36 12.20 40.23 -7.61
C LEU D 36 12.00 39.68 -9.02
N ARG D 37 11.76 40.58 -10.00
CA ARG D 37 11.56 40.23 -11.42
C ARG D 37 12.80 39.47 -11.85
N THR D 38 12.64 38.16 -12.07
CA THR D 38 13.76 37.30 -12.42
C THR D 38 13.46 36.57 -13.72
N GLU D 39 14.40 36.69 -14.66
CA GLU D 39 14.35 36.08 -15.99
C GLU D 39 15.55 35.14 -16.16
N VAL D 40 15.40 34.21 -17.09
CA VAL D 40 16.43 33.20 -17.40
C VAL D 40 16.99 33.43 -18.79
N LYS D 41 18.31 33.28 -18.92
CA LYS D 41 18.97 33.31 -20.20
C LYS D 41 19.85 32.07 -20.31
N VAL D 42 19.59 31.24 -21.33
CA VAL D 42 20.37 30.03 -21.56
C VAL D 42 21.73 30.51 -22.11
N ALA D 43 22.83 30.13 -21.44
CA ALA D 43 24.20 30.57 -21.77
C ALA D 43 24.56 30.29 -23.24
N GLU D 44 24.15 29.12 -23.78
CA GLU D 44 24.41 28.71 -25.18
C GLU D 44 23.62 29.57 -26.18
N ASP D 45 22.51 30.22 -25.74
CA ASP D 45 21.73 31.13 -26.58
C ASP D 45 22.45 32.47 -26.77
N ILE D 46 23.38 32.82 -25.85
CA ILE D 46 24.21 34.03 -25.95
C ILE D 46 25.31 33.78 -27.01
N ALA D 47 26.09 32.71 -26.80
CA ALA D 47 27.18 32.24 -27.65
C ALA D 47 27.49 30.78 -27.35
N SER D 48 27.94 30.02 -28.35
CA SER D 48 28.29 28.61 -28.20
C SER D 48 29.62 28.34 -28.92
N PRO D 49 30.76 28.14 -28.22
CA PRO D 49 30.93 28.06 -26.76
C PRO D 49 30.79 29.41 -26.06
N VAL D 50 30.49 29.32 -24.75
CA VAL D 50 30.27 30.47 -23.87
C VAL D 50 31.63 31.07 -23.55
N THR D 51 31.79 32.36 -23.87
CA THR D 51 33.01 33.14 -23.62
C THR D 51 32.72 34.30 -22.67
N ALA D 52 33.79 34.83 -22.03
CA ALA D 52 33.70 35.96 -21.10
C ALA D 52 33.16 37.23 -21.77
N ASN D 53 33.63 37.53 -23.00
CA ASN D 53 33.18 38.69 -23.79
C ASN D 53 31.69 38.61 -24.11
N ALA D 54 31.20 37.40 -24.46
CA ALA D 54 29.78 37.16 -24.75
C ALA D 54 28.94 37.42 -23.50
N ILE D 55 29.39 36.92 -22.33
CA ILE D 55 28.72 37.16 -21.03
C ILE D 55 28.75 38.67 -20.72
N GLN D 56 29.91 39.32 -20.94
CA GLN D 56 30.10 40.75 -20.70
C GLN D 56 29.20 41.62 -21.57
N GLN D 57 29.18 41.37 -22.88
CA GLN D 57 28.36 42.16 -23.80
C GLN D 57 26.88 41.88 -23.61
N PHE D 58 26.51 40.65 -23.21
CA PHE D 58 25.11 40.32 -22.96
C PHE D 58 24.59 41.15 -21.78
N VAL D 59 25.33 41.17 -20.65
CA VAL D 59 24.95 41.91 -19.44
C VAL D 59 24.83 43.43 -19.74
N LYS D 60 25.78 43.98 -20.52
CA LYS D 60 25.82 45.37 -20.95
C LYS D 60 24.57 45.72 -21.78
N GLN D 61 24.19 44.84 -22.72
CA GLN D 61 23.04 45.04 -23.59
C GLN D 61 21.72 44.92 -22.81
N GLU D 62 21.66 43.98 -21.84
CA GLU D 62 20.50 43.80 -20.96
C GLU D 62 20.31 45.00 -20.05
N TYR D 63 21.42 45.60 -19.60
CA TYR D 63 21.42 46.79 -18.75
C TYR D 63 20.82 48.00 -19.52
N GLU D 64 21.17 48.10 -20.82
CA GLU D 64 20.75 49.19 -21.71
C GLU D 64 19.29 49.07 -22.18
N LYS D 65 18.58 47.98 -21.82
CA LYS D 65 17.17 47.79 -22.19
C LYS D 65 16.31 48.82 -21.43
N GLU D 66 15.30 49.43 -22.11
CA GLU D 66 14.40 50.46 -21.59
C GLU D 66 13.93 50.15 -20.17
N GLY D 67 14.10 51.15 -19.30
CA GLY D 67 13.79 51.03 -17.87
C GLY D 67 15.05 51.16 -17.02
N ASN D 68 16.21 50.68 -17.55
CA ASN D 68 17.54 50.71 -16.93
C ASN D 68 17.46 50.21 -15.48
N ASP D 69 16.78 49.06 -15.29
CA ASP D 69 16.48 48.48 -13.98
C ASP D 69 17.23 47.16 -13.66
N LEU D 70 18.12 46.66 -14.55
CA LEU D 70 18.90 45.45 -14.24
C LEU D 70 19.81 45.74 -13.04
N THR D 71 19.70 44.91 -11.97
CA THR D 71 20.44 45.11 -10.72
C THR D 71 21.27 43.87 -10.35
N TYR D 72 20.78 42.66 -10.65
CA TYR D 72 21.51 41.44 -10.30
C TYR D 72 21.68 40.51 -11.47
N VAL D 73 22.83 39.81 -11.49
CA VAL D 73 23.12 38.77 -12.46
C VAL D 73 23.66 37.58 -11.68
N LEU D 74 22.98 36.43 -11.79
CA LEU D 74 23.43 35.21 -11.16
C LEU D 74 23.96 34.26 -12.24
N LEU D 75 25.24 33.88 -12.12
CA LEU D 75 25.88 32.95 -13.03
C LEU D 75 25.77 31.55 -12.44
N VAL D 76 25.31 30.57 -13.25
CA VAL D 76 25.15 29.20 -12.80
C VAL D 76 26.21 28.33 -13.47
N GLY D 77 26.93 27.55 -12.67
CA GLY D 77 27.98 26.63 -13.13
C GLY D 77 29.37 27.06 -12.74
N ASP D 78 30.36 26.15 -12.93
CA ASP D 78 31.77 26.40 -12.66
C ASP D 78 32.40 27.16 -13.87
N HIS D 79 33.72 27.43 -13.83
CA HIS D 79 34.44 28.15 -14.87
C HIS D 79 34.27 27.50 -16.27
N LYS D 80 34.25 26.15 -16.35
CA LYS D 80 34.07 25.38 -17.59
C LYS D 80 32.69 25.63 -18.24
N ASP D 81 31.67 25.92 -17.42
CA ASP D 81 30.29 26.18 -17.86
C ASP D 81 30.16 27.64 -18.28
N ILE D 82 30.42 28.58 -17.34
CA ILE D 82 30.43 30.03 -17.59
C ILE D 82 31.80 30.53 -17.13
N PRO D 83 32.65 30.99 -18.06
CA PRO D 83 34.00 31.42 -17.65
C PRO D 83 34.02 32.76 -16.94
N ALA D 84 35.08 32.96 -16.15
CA ALA D 84 35.38 34.23 -15.51
C ALA D 84 36.21 35.02 -16.50
N LYS D 85 36.19 36.36 -16.40
CA LYS D 85 37.00 37.19 -17.27
C LYS D 85 38.45 37.12 -16.79
N ILE D 86 39.38 36.81 -17.70
CA ILE D 86 40.80 36.68 -17.39
C ILE D 86 41.59 37.76 -18.13
N THR D 87 42.27 38.61 -17.36
CA THR D 87 43.13 39.71 -17.82
C THR D 87 44.42 39.63 -16.99
N PRO D 88 45.55 40.31 -17.36
CA PRO D 88 46.79 40.19 -16.54
C PRO D 88 46.57 40.36 -15.03
N GLY D 89 46.87 39.29 -14.30
CA GLY D 89 46.77 39.18 -12.85
C GLY D 89 45.35 39.20 -12.29
N ILE D 90 44.32 39.03 -13.17
CA ILE D 90 42.91 39.07 -12.75
C ILE D 90 42.14 37.86 -13.24
N LYS D 91 41.26 37.35 -12.37
CA LYS D 91 40.23 36.33 -12.61
C LYS D 91 38.98 36.98 -12.02
N SER D 92 38.01 37.37 -12.86
CA SER D 92 36.89 38.14 -12.34
C SER D 92 35.51 37.79 -12.89
N ASP D 93 34.51 37.85 -11.98
CA ASP D 93 33.09 37.74 -12.24
C ASP D 93 32.48 39.14 -12.06
N GLN D 94 33.03 39.91 -11.10
CA GLN D 94 32.59 41.27 -10.74
C GLN D 94 32.64 42.27 -11.89
N VAL D 95 33.63 42.14 -12.80
CA VAL D 95 33.79 43.03 -13.98
C VAL D 95 32.55 42.99 -14.89
N TYR D 96 31.77 41.89 -14.86
CA TYR D 96 30.54 41.73 -15.65
C TYR D 96 29.49 42.80 -15.24
N GLY D 97 29.57 43.30 -14.00
CA GLY D 97 28.68 44.32 -13.46
C GLY D 97 29.19 45.75 -13.64
N GLN D 98 30.42 45.90 -14.16
CA GLN D 98 31.05 47.20 -14.44
C GLN D 98 30.70 47.57 -15.87
N ILE D 99 29.57 48.27 -16.04
CA ILE D 99 29.00 48.57 -17.34
C ILE D 99 29.13 50.04 -17.74
N VAL D 100 28.75 50.98 -16.83
CA VAL D 100 28.78 52.41 -17.14
C VAL D 100 30.02 53.05 -16.54
N GLY D 101 30.81 53.66 -17.42
CA GLY D 101 32.02 54.38 -17.06
C GLY D 101 33.28 53.55 -17.08
N ASN D 102 34.41 54.23 -17.32
CA ASN D 102 35.75 53.66 -17.31
C ASN D 102 36.22 53.65 -15.85
N ASP D 103 35.64 52.73 -15.06
CA ASP D 103 35.87 52.58 -13.62
C ASP D 103 35.46 51.18 -13.13
N HIS D 104 35.76 50.90 -11.86
CA HIS D 104 35.48 49.60 -11.23
C HIS D 104 34.26 49.68 -10.30
N TYR D 105 33.44 50.74 -10.43
CA TYR D 105 32.22 50.90 -9.65
C TYR D 105 31.11 50.19 -10.37
N ASN D 106 30.71 49.04 -9.82
CA ASN D 106 29.66 48.18 -10.37
C ASN D 106 28.29 48.84 -10.38
N GLU D 107 27.57 48.63 -11.49
CA GLU D 107 26.20 49.08 -11.71
C GLU D 107 25.27 47.93 -11.32
N VAL D 108 25.74 46.69 -11.59
CA VAL D 108 25.03 45.44 -11.37
C VAL D 108 25.85 44.54 -10.42
N PHE D 109 25.15 43.87 -9.50
CA PHE D 109 25.74 42.96 -8.53
C PHE D 109 25.79 41.57 -9.14
N ILE D 110 26.99 40.96 -9.15
CA ILE D 110 27.24 39.64 -9.74
C ILE D 110 27.45 38.61 -8.63
N GLY D 111 26.83 37.44 -8.84
CA GLY D 111 26.95 36.29 -7.95
C GLY D 111 27.04 35.01 -8.75
N ARG D 112 27.57 33.94 -8.13
CA ARG D 112 27.69 32.68 -8.84
C ARG D 112 27.32 31.46 -7.98
N PHE D 113 26.51 30.56 -8.59
CA PHE D 113 26.17 29.24 -8.09
C PHE D 113 27.11 28.28 -8.81
N SER D 114 28.32 28.09 -8.26
CA SER D 114 29.31 27.22 -8.90
C SER D 114 28.95 25.77 -8.61
N CYS D 115 28.76 24.98 -9.68
CA CYS D 115 28.37 23.58 -9.57
C CYS D 115 28.98 22.73 -10.69
N GLU D 116 29.22 21.43 -10.38
CA GLU D 116 29.80 20.45 -11.30
C GLU D 116 28.89 19.21 -11.41
N SER D 117 27.72 19.26 -10.75
CA SER D 117 26.71 18.22 -10.74
C SER D 117 25.35 18.86 -10.49
N LYS D 118 24.26 18.10 -10.73
CA LYS D 118 22.89 18.57 -10.49
C LYS D 118 22.64 18.75 -8.99
N GLU D 119 23.30 17.93 -8.15
CA GLU D 119 23.20 18.01 -6.68
C GLU D 119 23.81 19.30 -6.15
N ASP D 120 24.93 19.76 -6.75
CA ASP D 120 25.62 21.01 -6.38
C ASP D 120 24.72 22.21 -6.61
N LEU D 121 23.94 22.21 -7.72
CA LEU D 121 23.02 23.30 -8.02
C LEU D 121 21.76 23.22 -7.12
N LYS D 122 21.18 22.01 -6.97
CA LYS D 122 20.00 21.75 -6.14
C LYS D 122 20.19 22.28 -4.71
N THR D 123 21.34 21.98 -4.07
CA THR D 123 21.62 22.38 -2.69
C THR D 123 21.80 23.91 -2.57
N GLN D 124 22.32 24.59 -3.60
CA GLN D 124 22.50 26.05 -3.59
C GLN D 124 21.16 26.75 -3.78
N ILE D 125 20.25 26.14 -4.56
CA ILE D 125 18.89 26.65 -4.78
C ILE D 125 18.10 26.47 -3.47
N ASP D 126 18.07 25.24 -2.94
CA ASP D 126 17.36 24.87 -1.71
C ASP D 126 17.75 25.72 -0.50
N ARG D 127 19.06 25.98 -0.31
CA ARG D 127 19.55 26.76 0.83
C ARG D 127 19.15 28.24 0.72
N THR D 128 19.11 28.78 -0.52
CA THR D 128 18.72 30.17 -0.78
C THR D 128 17.23 30.35 -0.52
N ILE D 129 16.39 29.47 -1.09
CA ILE D 129 14.94 29.53 -0.93
C ILE D 129 14.59 29.39 0.56
N HIS D 130 15.14 28.38 1.25
CA HIS D 130 14.89 28.12 2.68
C HIS D 130 15.19 29.35 3.53
N TYR D 131 16.37 29.95 3.33
CA TYR D 131 16.85 31.12 4.06
C TYR D 131 15.89 32.31 3.95
N GLU D 132 15.32 32.55 2.77
CA GLU D 132 14.43 33.67 2.54
C GLU D 132 12.97 33.38 2.86
N ARG D 133 12.51 32.12 2.62
CA ARG D 133 11.12 31.71 2.77
C ARG D 133 10.78 30.96 4.06
N ASN D 134 11.66 30.09 4.56
CA ASN D 134 11.30 29.20 5.64
C ASN D 134 11.91 29.47 7.02
N ILE D 135 12.78 30.48 7.17
CA ILE D 135 13.37 30.80 8.47
C ILE D 135 12.27 31.32 9.42
N THR D 136 12.21 30.74 10.62
CA THR D 136 11.25 30.95 11.71
C THR D 136 11.94 31.64 12.91
N THR D 137 11.15 32.06 13.93
CA THR D 137 11.59 32.63 15.21
C THR D 137 12.32 31.55 16.05
N GLU D 138 12.18 30.26 15.66
CA GLU D 138 12.80 29.10 16.29
C GLU D 138 14.25 28.90 15.81
N ASP D 139 14.68 29.63 14.77
CA ASP D 139 16.05 29.54 14.27
C ASP D 139 16.96 30.45 15.12
N LYS D 140 17.28 29.95 16.33
CA LYS D 140 18.05 30.65 17.36
C LYS D 140 19.58 30.70 17.09
N TRP D 141 20.04 30.10 15.98
CA TRP D 141 21.45 30.13 15.55
C TRP D 141 21.79 31.50 14.93
N LEU D 142 20.77 32.26 14.51
CA LEU D 142 20.89 33.60 13.95
C LEU D 142 21.30 34.58 15.04
N GLY D 143 22.11 35.57 14.69
CA GLY D 143 22.61 36.54 15.66
C GLY D 143 23.80 36.03 16.45
N GLN D 144 24.50 35.03 15.89
CA GLN D 144 25.72 34.44 16.45
C GLN D 144 26.79 34.50 15.37
N ALA D 145 27.93 35.11 15.69
CA ALA D 145 29.01 35.33 14.71
C ALA D 145 30.33 34.66 15.10
N LEU D 146 31.13 34.35 14.08
CA LEU D 146 32.45 33.76 14.23
C LEU D 146 33.51 34.75 13.68
N CYS D 147 34.47 35.13 14.53
CA CYS D 147 35.57 36.02 14.17
C CYS D 147 36.88 35.22 14.17
N ILE D 148 37.55 35.16 13.02
CA ILE D 148 38.80 34.41 12.85
C ILE D 148 39.92 35.37 12.42
N ALA D 149 41.10 35.26 13.05
CA ALA D 149 42.23 36.15 12.74
C ALA D 149 43.58 35.47 12.90
N SER D 150 44.53 35.84 12.02
CA SER D 150 45.92 35.38 12.13
C SER D 150 46.60 36.15 13.28
N ALA D 151 47.84 35.80 13.62
CA ALA D 151 48.60 36.48 14.67
C ALA D 151 49.55 37.55 14.07
N GLU D 152 49.28 37.98 12.83
CA GLU D 152 50.11 38.95 12.10
C GLU D 152 49.40 40.29 11.91
N GLY D 153 50.13 41.27 11.38
CA GLY D 153 49.63 42.61 11.13
C GLY D 153 50.21 43.63 12.06
N GLY D 154 50.46 44.83 11.53
CA GLY D 154 51.04 45.92 12.29
C GLY D 154 50.71 47.32 11.80
N PRO D 155 51.67 48.26 11.98
CA PRO D 155 51.42 49.68 11.63
C PRO D 155 51.11 49.96 10.15
N SER D 156 51.59 49.09 9.22
CA SER D 156 51.37 49.22 7.78
C SER D 156 50.00 48.67 7.32
N ALA D 157 49.21 48.06 8.23
CA ALA D 157 47.89 47.52 7.91
C ALA D 157 46.81 48.62 7.97
N ASP D 158 45.53 48.28 7.62
CA ASP D 158 44.43 49.25 7.65
C ASP D 158 44.12 49.69 9.08
N ASN D 159 44.23 51.01 9.35
CA ASN D 159 44.07 51.67 10.64
C ASN D 159 45.13 51.20 11.66
N GLY D 160 46.29 50.76 11.17
CA GLY D 160 47.43 50.28 11.97
C GLY D 160 47.08 49.14 12.90
N GLU D 161 46.10 48.34 12.49
CA GLU D 161 45.58 47.22 13.27
C GLU D 161 46.12 45.88 12.83
N SER D 162 46.37 44.99 13.79
CA SER D 162 46.73 43.60 13.50
C SER D 162 45.44 42.89 13.10
N ASP D 163 45.50 41.69 12.50
CA ASP D 163 44.25 41.00 12.12
C ASP D 163 43.37 40.72 13.35
N ILE D 164 43.99 40.51 14.54
CA ILE D 164 43.29 40.29 15.81
C ILE D 164 42.58 41.60 16.26
N GLN D 165 43.29 42.76 16.24
CA GLN D 165 42.72 44.05 16.60
C GLN D 165 41.57 44.43 15.66
N HIS D 166 41.75 44.15 14.36
CA HIS D 166 40.77 44.36 13.29
C HIS D 166 39.50 43.54 13.57
N GLU D 167 39.67 42.24 13.92
CA GLU D 167 38.54 41.35 14.18
C GLU D 167 37.85 41.67 15.52
N ASN D 168 38.60 42.22 16.49
CA ASN D 168 38.04 42.62 17.78
C ASN D 168 37.11 43.83 17.63
N ILE D 169 37.42 44.75 16.70
CA ILE D 169 36.61 45.94 16.41
C ILE D 169 35.29 45.50 15.75
N ILE D 170 35.39 44.55 14.77
CA ILE D 170 34.22 43.96 14.10
C ILE D 170 33.33 43.30 15.17
N ALA D 171 33.90 42.46 16.05
CA ALA D 171 33.21 41.76 17.14
C ALA D 171 32.40 42.74 18.03
N ASN D 172 33.00 43.89 18.38
CA ASN D 172 32.35 44.94 19.20
C ASN D 172 31.18 45.57 18.45
N LEU D 173 31.34 45.83 17.14
CA LEU D 173 30.31 46.42 16.28
C LEU D 173 29.08 45.51 16.19
N LEU D 174 29.33 44.19 16.05
CA LEU D 174 28.29 43.17 15.93
C LEU D 174 27.50 43.02 17.22
N THR D 175 28.22 43.02 18.38
CA THR D 175 27.64 42.93 19.72
C THR D 175 26.73 44.14 19.97
N GLN D 176 27.21 45.37 19.62
CA GLN D 176 26.47 46.62 19.76
C GLN D 176 25.17 46.58 18.95
N TYR D 177 25.22 45.97 17.74
CA TYR D 177 24.08 45.85 16.84
C TYR D 177 23.00 44.89 17.39
N GLY D 178 23.43 43.85 18.11
CA GLY D 178 22.51 42.87 18.68
C GLY D 178 22.95 41.43 18.65
N TYR D 179 24.13 41.12 18.04
CA TYR D 179 24.65 39.75 17.99
C TYR D 179 24.87 39.27 19.43
N THR D 180 24.17 38.19 19.80
CA THR D 180 24.14 37.63 21.15
C THR D 180 25.38 36.79 21.49
N LYS D 181 26.12 36.32 20.46
CA LYS D 181 27.31 35.51 20.70
C LYS D 181 28.38 35.76 19.65
N ILE D 182 29.62 35.94 20.12
CA ILE D 182 30.79 36.10 19.25
C ILE D 182 31.79 35.00 19.60
N ILE D 183 32.15 34.18 18.59
CA ILE D 183 33.15 33.13 18.77
C ILE D 183 34.44 33.65 18.15
N LYS D 184 35.49 33.79 18.97
CA LYS D 184 36.78 34.29 18.52
C LYS D 184 37.78 33.14 18.40
N CYS D 185 38.30 32.94 17.18
CA CYS D 185 39.29 31.92 16.86
C CYS D 185 40.54 32.64 16.35
N TYR D 186 41.41 33.05 17.28
CA TYR D 186 42.61 33.80 16.96
C TYR D 186 43.86 32.94 17.09
N ASP D 187 44.76 33.05 16.10
CA ASP D 187 46.05 32.35 16.08
C ASP D 187 46.98 32.90 17.19
N PRO D 188 47.92 32.10 17.74
CA PRO D 188 48.26 30.71 17.39
C PRO D 188 47.37 29.66 18.04
N GLY D 189 47.35 28.47 17.44
CA GLY D 189 46.65 27.31 17.96
C GLY D 189 45.26 26.95 17.45
N VAL D 190 44.72 27.73 16.50
CA VAL D 190 43.39 27.40 15.95
C VAL D 190 43.53 26.11 15.14
N THR D 191 42.63 25.15 15.39
CA THR D 191 42.60 23.84 14.75
C THR D 191 41.37 23.74 13.82
N PRO D 192 41.29 22.74 12.88
CA PRO D 192 40.09 22.64 12.06
C PRO D 192 38.85 22.34 12.90
N LYS D 193 39.02 21.59 14.03
CA LYS D 193 37.95 21.24 14.97
C LYS D 193 37.28 22.48 15.57
N ASN D 194 38.05 23.55 15.84
CA ASN D 194 37.54 24.83 16.35
C ASN D 194 36.50 25.44 15.41
N ILE D 195 36.79 25.39 14.08
CA ILE D 195 35.91 25.92 13.04
C ILE D 195 34.69 25.01 12.86
N ILE D 196 34.92 23.67 12.81
CA ILE D 196 33.88 22.65 12.68
C ILE D 196 32.83 22.84 13.80
N ASP D 197 33.29 22.95 15.06
CA ASP D 197 32.45 23.15 16.25
C ASP D 197 31.68 24.47 16.21
N ALA D 198 32.29 25.55 15.69
CA ALA D 198 31.64 26.86 15.59
C ALA D 198 30.45 26.80 14.60
N PHE D 199 30.67 26.14 13.45
CA PHE D 199 29.65 25.93 12.41
C PHE D 199 28.52 25.05 12.94
N ASN D 200 28.88 23.91 13.58
CA ASN D 200 27.94 22.93 14.11
C ASN D 200 27.16 23.45 15.33
N GLY D 201 27.75 24.38 16.08
CA GLY D 201 27.11 25.03 17.21
C GLY D 201 26.03 26.01 16.75
N GLY D 202 26.19 26.53 15.51
CA GLY D 202 25.26 27.46 14.89
C GLY D 202 25.75 28.90 14.85
N ILE D 203 25.97 29.42 13.63
CA ILE D 203 26.43 30.80 13.37
C ILE D 203 25.70 31.35 12.13
N SER D 204 25.43 32.66 12.10
CA SER D 204 24.74 33.33 10.99
C SER D 204 25.70 34.27 10.22
N LEU D 205 26.92 34.45 10.76
CA LEU D 205 27.95 35.27 10.15
C LEU D 205 29.35 34.78 10.53
N ALA D 206 30.29 34.84 9.58
CA ALA D 206 31.69 34.55 9.85
C ALA D 206 32.56 35.58 9.15
N ASN D 207 33.56 36.07 9.89
CA ASN D 207 34.56 37.01 9.39
C ASN D 207 35.92 36.37 9.54
N TYR D 208 36.70 36.36 8.46
CA TYR D 208 38.05 35.82 8.45
C TYR D 208 39.04 36.89 7.99
N THR D 209 40.18 37.00 8.69
CA THR D 209 41.27 37.91 8.34
C THR D 209 42.58 37.18 8.57
N GLY D 210 43.26 36.81 7.49
CA GLY D 210 44.54 36.12 7.57
C GLY D 210 45.02 35.64 6.22
N HIS D 211 45.68 34.48 6.22
CA HIS D 211 46.23 33.84 5.04
C HIS D 211 45.30 32.77 4.53
N GLY D 212 45.40 32.50 3.23
CA GLY D 212 44.61 31.47 2.59
C GLY D 212 45.29 30.79 1.42
N SER D 213 44.90 29.54 1.20
CA SER D 213 45.29 28.71 0.06
C SER D 213 44.01 28.51 -0.75
N GLU D 214 44.08 27.87 -1.92
CA GLU D 214 42.90 27.65 -2.74
C GLU D 214 41.83 26.80 -2.04
N THR D 215 42.24 25.90 -1.14
CA THR D 215 41.33 24.98 -0.48
C THR D 215 41.24 25.14 1.05
N ALA D 216 42.02 26.03 1.69
CA ALA D 216 41.99 26.13 3.14
C ALA D 216 42.30 27.53 3.70
N TRP D 217 42.01 27.69 5.01
CA TRP D 217 42.33 28.86 5.82
C TRP D 217 43.67 28.63 6.50
N GLY D 218 44.56 29.63 6.42
CA GLY D 218 45.88 29.58 7.04
C GLY D 218 45.76 29.47 8.54
N THR D 219 44.85 30.26 9.12
CA THR D 219 44.51 30.25 10.54
C THR D 219 43.40 29.23 10.69
N SER D 220 43.70 28.11 11.37
CA SER D 220 42.85 26.93 11.69
C SER D 220 43.22 25.71 10.87
N HIS D 221 43.61 25.91 9.61
CA HIS D 221 43.92 24.85 8.62
C HIS D 221 42.62 24.12 8.22
N PHE D 222 41.45 24.77 8.47
CA PHE D 222 40.15 24.28 8.07
C PHE D 222 40.05 24.47 6.56
N GLY D 223 39.73 23.39 5.86
CA GLY D 223 39.62 23.38 4.41
C GLY D 223 38.53 22.50 3.84
N THR D 224 38.60 22.30 2.51
CA THR D 224 37.65 21.51 1.71
C THR D 224 37.48 20.06 2.23
N THR D 225 38.54 19.46 2.80
CA THR D 225 38.48 18.09 3.32
C THR D 225 37.66 17.99 4.63
N HIS D 226 37.60 19.08 5.42
CA HIS D 226 36.88 19.12 6.70
C HIS D 226 35.41 19.49 6.54
N VAL D 227 34.99 19.94 5.33
CA VAL D 227 33.62 20.38 5.04
C VAL D 227 32.59 19.21 5.26
N LYS D 228 32.98 17.95 5.01
CA LYS D 228 32.10 16.79 5.20
C LYS D 228 31.79 16.51 6.68
N GLN D 229 32.52 17.18 7.61
CA GLN D 229 32.34 17.05 9.06
C GLN D 229 31.29 18.04 9.59
N LEU D 230 30.81 18.97 8.73
CA LEU D 230 29.81 19.97 9.10
C LEU D 230 28.42 19.35 9.13
N THR D 231 27.65 19.66 10.18
CA THR D 231 26.29 19.14 10.40
C THR D 231 25.27 20.28 10.56
N ASN D 232 25.64 21.51 10.16
CA ASN D 232 24.78 22.70 10.29
C ASN D 232 23.67 22.70 9.21
N SER D 233 22.78 21.69 9.26
CA SER D 233 21.66 21.53 8.32
C SER D 233 20.72 22.74 8.35
N ASN D 234 20.78 23.54 7.26
CA ASN D 234 20.02 24.77 7.02
C ASN D 234 20.22 25.84 8.14
N GLN D 235 21.40 25.82 8.77
CA GLN D 235 21.87 26.77 9.80
C GLN D 235 23.15 27.37 9.25
N LEU D 236 23.02 28.11 8.15
CA LEU D 236 24.16 28.56 7.35
C LEU D 236 24.53 30.02 7.48
N PRO D 237 25.81 30.28 7.81
CA PRO D 237 26.27 31.68 7.84
C PRO D 237 26.67 32.16 6.46
N PHE D 238 26.79 33.48 6.30
CA PHE D 238 27.37 34.11 5.11
C PHE D 238 28.74 34.60 5.59
N ILE D 239 29.77 34.58 4.72
CA ILE D 239 31.13 34.90 5.14
C ILE D 239 31.78 36.05 4.35
N PHE D 240 32.43 36.97 5.10
CA PHE D 240 33.25 38.04 4.55
C PHE D 240 34.68 37.52 4.73
N ASP D 241 35.27 37.01 3.65
CA ASP D 241 36.56 36.32 3.72
C ASP D 241 37.75 37.15 3.19
N VAL D 242 38.64 37.58 4.12
CA VAL D 242 39.88 38.27 3.81
C VAL D 242 41.00 37.21 3.87
N ALA D 243 41.34 36.67 2.71
CA ALA D 243 42.33 35.61 2.50
C ALA D 243 42.67 35.49 1.04
N VAL D 245 43.38 33.56 -2.52
CA VAL D 245 42.93 32.52 -3.45
C VAL D 245 41.78 31.57 -2.96
N ASN D 246 41.12 31.85 -1.82
CA ASN D 246 40.01 31.03 -1.29
C ASN D 246 38.84 30.91 -2.28
N GLY D 247 38.70 31.91 -3.14
CA GLY D 247 37.67 31.96 -4.18
C GLY D 247 38.17 31.67 -5.57
N ASP D 248 39.37 31.05 -5.72
CA ASP D 248 39.92 30.67 -7.03
C ASP D 248 39.18 29.42 -7.52
N PHE D 249 37.98 29.64 -8.09
CA PHE D 249 37.13 28.55 -8.57
C PHE D 249 37.64 27.97 -9.91
N LEU D 250 38.77 28.51 -10.42
CA LEU D 250 39.43 28.06 -11.64
C LEU D 250 40.45 26.96 -11.35
N TYR D 251 40.70 26.68 -10.05
CA TYR D 251 41.61 25.67 -9.53
C TYR D 251 41.18 24.26 -9.98
N ASN D 252 42.15 23.32 -10.09
CA ASN D 252 41.94 21.94 -10.58
C ASN D 252 41.03 21.10 -9.67
N VAL D 253 40.90 21.47 -8.38
CA VAL D 253 39.99 20.80 -7.44
C VAL D 253 39.02 21.87 -6.90
N PRO D 254 37.82 21.53 -6.34
CA PRO D 254 36.92 22.60 -5.84
C PRO D 254 37.61 23.49 -4.80
N CYS D 255 37.47 24.81 -4.95
CA CYS D 255 38.12 25.74 -4.01
C CYS D 255 37.35 25.80 -2.70
N PHE D 256 37.94 26.47 -1.70
CA PHE D 256 37.40 26.66 -0.35
C PHE D 256 35.93 27.13 -0.38
N ALA D 257 35.63 28.20 -1.14
CA ALA D 257 34.29 28.79 -1.26
C ALA D 257 33.31 27.83 -1.92
N GLU D 258 33.77 27.09 -2.96
CA GLU D 258 32.97 26.09 -3.69
C GLU D 258 32.57 24.92 -2.80
N ALA D 259 33.49 24.41 -1.98
CA ALA D 259 33.19 23.28 -1.08
C ALA D 259 32.13 23.66 -0.03
N LEU D 260 32.19 24.90 0.51
CA LEU D 260 31.24 25.37 1.52
C LEU D 260 29.85 25.62 0.93
N MET D 261 29.81 26.04 -0.35
CA MET D 261 28.57 26.32 -1.08
C MET D 261 27.87 25.03 -1.55
N ARG D 262 28.64 23.96 -1.82
CA ARG D 262 28.12 22.68 -2.34
C ARG D 262 27.90 21.59 -1.27
N ALA D 263 28.31 21.84 -0.02
CA ALA D 263 28.23 20.91 1.12
C ALA D 263 26.81 20.44 1.43
N GLN D 264 26.68 19.12 1.60
CA GLN D 264 25.43 18.42 1.91
C GLN D 264 25.65 17.33 2.93
N LYS D 265 24.65 17.11 3.80
CA LYS D 265 24.65 16.04 4.79
C LYS D 265 23.24 15.48 4.85
N ASP D 266 23.07 14.24 4.38
CA ASP D 266 21.81 13.49 4.29
C ASP D 266 20.74 14.27 3.49
N GLY D 267 21.18 14.87 2.37
CA GLY D 267 20.34 15.64 1.46
C GLY D 267 19.96 17.03 1.95
N LYS D 268 20.50 17.46 3.10
CA LYS D 268 20.25 18.77 3.68
C LYS D 268 21.45 19.69 3.47
N PRO D 269 21.25 21.00 3.19
CA PRO D 269 22.40 21.89 2.97
C PRO D 269 23.20 22.20 4.24
N THR D 270 24.52 22.09 4.13
CA THR D 270 25.50 22.41 5.18
C THR D 270 26.49 23.42 4.57
N GLY D 271 27.36 23.97 5.40
CA GLY D 271 28.34 24.97 4.97
C GLY D 271 27.82 26.38 5.03
N THR D 272 27.87 27.11 3.89
CA THR D 272 27.49 28.53 3.81
C THR D 272 26.35 28.82 2.86
N VAL D 273 25.58 29.89 3.16
CA VAL D 273 24.48 30.36 2.30
C VAL D 273 25.07 31.28 1.20
N ALA D 274 26.19 31.95 1.53
CA ALA D 274 26.92 32.87 0.66
C ALA D 274 28.31 33.15 1.23
N ILE D 275 29.27 33.48 0.35
CA ILE D 275 30.65 33.81 0.77
C ILE D 275 31.28 34.70 -0.31
N ILE D 276 32.02 35.73 0.10
CA ILE D 276 32.78 36.58 -0.80
C ILE D 276 34.25 36.21 -0.56
N ALA D 277 34.90 35.65 -1.59
CA ALA D 277 36.29 35.17 -1.50
C ALA D 277 37.05 35.52 -2.77
N SER D 278 38.36 35.80 -2.63
CA SER D 278 39.24 36.24 -3.71
C SER D 278 39.74 35.11 -4.62
N THR D 279 39.80 35.40 -5.92
CA THR D 279 40.31 34.47 -6.92
C THR D 279 41.84 34.47 -6.95
N ILE D 280 42.46 35.55 -6.43
CA ILE D 280 43.91 35.78 -6.43
C ILE D 280 44.42 36.07 -5.01
N ASN D 281 45.74 36.34 -4.89
CA ASN D 281 46.35 36.74 -3.63
C ASN D 281 45.85 38.12 -3.28
N GLN D 282 45.44 38.33 -2.03
CA GLN D 282 44.93 39.62 -1.59
C GLN D 282 46.01 40.48 -1.00
N SER D 283 45.83 41.81 -1.06
CA SER D 283 46.71 42.78 -0.43
C SER D 283 46.44 42.76 1.06
N TRP D 284 47.34 43.35 1.86
CA TRP D 284 47.17 43.30 3.30
C TRP D 284 46.10 44.27 3.82
N ALA D 285 46.21 45.57 3.51
CA ALA D 285 45.35 46.62 4.05
C ALA D 285 44.00 46.84 3.35
N SER D 286 43.95 46.97 2.01
CA SER D 286 42.70 47.27 1.32
C SER D 286 41.54 46.29 1.63
N PRO D 287 41.70 44.94 1.67
CA PRO D 287 40.54 44.08 1.99
C PRO D 287 40.02 44.25 3.42
N MET D 288 40.87 44.71 4.37
CA MET D 288 40.50 44.98 5.76
C MET D 288 39.48 46.12 5.81
N ARG D 289 39.69 47.15 4.96
CA ARG D 289 38.82 48.31 4.80
C ARG D 289 37.47 47.87 4.23
N GLY D 290 37.52 47.03 3.20
CA GLY D 290 36.34 46.45 2.54
C GLY D 290 35.50 45.64 3.51
N GLN D 291 36.16 44.75 4.30
CA GLN D 291 35.55 43.88 5.30
C GLN D 291 34.87 44.72 6.41
N ASP D 292 35.53 45.80 6.87
CA ASP D 292 34.98 46.72 7.88
C ASP D 292 33.70 47.35 7.41
N GLU D 293 33.73 47.91 6.19
CA GLU D 293 32.60 48.59 5.58
C GLU D 293 31.44 47.61 5.37
N MET D 294 31.73 46.35 4.95
CA MET D 294 30.72 45.29 4.79
C MET D 294 29.94 45.08 6.09
N ASN D 295 30.66 44.94 7.22
CA ASN D 295 30.09 44.75 8.54
C ASN D 295 29.34 45.99 9.02
N GLU D 296 29.81 47.19 8.67
CA GLU D 296 29.14 48.45 9.02
C GLU D 296 27.83 48.62 8.26
N ILE D 297 27.81 48.25 6.96
CA ILE D 297 26.61 48.31 6.12
C ILE D 297 25.60 47.29 6.65
N LEU D 298 26.08 46.08 6.99
CA LEU D 298 25.27 45.00 7.55
C LEU D 298 24.58 45.43 8.86
N CYS D 299 25.28 46.24 9.68
CA CYS D 299 24.77 46.70 10.97
C CYS D 299 24.03 48.08 10.90
N GLU D 300 23.68 48.56 9.70
CA GLU D 300 22.92 49.81 9.55
C GLU D 300 21.46 49.53 9.96
N LYS D 301 20.84 50.44 10.74
CA LYS D 301 19.49 50.28 11.32
C LYS D 301 18.39 49.92 10.30
N HIS D 302 17.94 50.86 9.44
CA HIS D 302 16.90 50.61 8.44
C HIS D 302 17.48 50.80 7.02
N PRO D 303 18.22 49.80 6.48
CA PRO D 303 18.81 49.98 5.15
C PRO D 303 17.83 49.68 4.01
N ASN D 304 18.17 50.12 2.79
CA ASN D 304 17.37 49.89 1.58
C ASN D 304 17.35 48.42 1.21
N ASN D 305 16.43 48.03 0.30
CA ASN D 305 16.28 46.66 -0.16
C ASN D 305 17.53 46.13 -0.89
N ILE D 306 18.30 46.97 -1.60
CA ILE D 306 19.53 46.54 -2.28
C ILE D 306 20.64 46.31 -1.22
N LYS D 307 20.78 47.24 -0.24
CA LYS D 307 21.76 47.12 0.83
C LYS D 307 21.30 46.08 1.90
N ARG D 308 20.24 45.33 1.59
CA ARG D 308 19.66 44.26 2.40
C ARG D 308 20.00 42.91 1.73
N THR D 309 20.73 42.96 0.60
CA THR D 309 21.15 41.79 -0.17
C THR D 309 22.66 41.55 0.00
N PHE D 310 23.10 40.28 -0.14
CA PHE D 310 24.51 39.92 0.01
C PHE D 310 25.39 40.67 -1.01
N GLY D 311 24.91 40.79 -2.25
CA GLY D 311 25.60 41.51 -3.32
C GLY D 311 25.70 42.98 -3.02
N GLY D 312 24.61 43.58 -2.57
CA GLY D 312 24.54 44.99 -2.21
C GLY D 312 25.41 45.36 -1.02
N VAL D 313 25.40 44.52 0.05
CA VAL D 313 26.20 44.72 1.27
C VAL D 313 27.71 44.65 0.94
N THR D 314 28.13 43.60 0.23
CA THR D 314 29.55 43.39 -0.10
C THR D 314 30.08 44.42 -1.10
N MET D 315 29.34 44.70 -2.20
CA MET D 315 29.76 45.64 -3.23
C MET D 315 29.90 47.06 -2.65
N ASN D 316 28.92 47.52 -1.86
CA ASN D 316 28.97 48.86 -1.25
C ASN D 316 30.13 48.95 -0.25
N GLY D 317 30.48 47.81 0.36
CA GLY D 317 31.63 47.71 1.26
C GLY D 317 32.93 47.89 0.50
N MET D 318 33.00 47.30 -0.71
CA MET D 318 34.17 47.35 -1.60
C MET D 318 34.33 48.72 -2.28
N PHE D 319 33.26 49.55 -2.32
CA PHE D 319 33.32 50.90 -2.89
C PHE D 319 34.27 51.79 -2.07
N ALA D 320 34.22 51.66 -0.73
CA ALA D 320 35.07 52.38 0.21
C ALA D 320 36.54 52.02 0.01
N MET D 321 36.79 50.77 -0.36
CA MET D 321 38.11 50.21 -0.63
C MET D 321 38.74 50.90 -1.86
N VAL D 322 37.93 51.23 -2.89
CA VAL D 322 38.40 51.95 -4.09
C VAL D 322 38.62 53.43 -3.74
N GLU D 323 37.68 54.01 -2.96
CA GLU D 323 37.74 55.39 -2.49
C GLU D 323 39.04 55.66 -1.73
N LYS D 324 39.44 54.72 -0.88
CA LYS D 324 40.60 54.91 0.00
C LYS D 324 41.91 54.29 -0.52
N TYR D 325 41.86 53.15 -1.20
CA TYR D 325 43.10 52.46 -1.62
C TYR D 325 43.37 52.51 -3.15
N LYS D 326 42.50 53.18 -3.93
CA LYS D 326 42.61 53.44 -5.37
C LYS D 326 42.80 52.16 -6.20
N LYS D 327 43.85 52.12 -7.07
CA LYS D 327 44.18 51.01 -7.98
C LYS D 327 44.27 49.66 -7.27
N ASP D 328 44.87 49.62 -6.07
CA ASP D 328 44.95 48.38 -5.29
C ASP D 328 43.55 47.95 -4.84
N GLY D 329 42.72 48.93 -4.46
CA GLY D 329 41.34 48.71 -4.06
C GLY D 329 40.51 48.15 -5.20
N GLU D 330 40.74 48.67 -6.43
CA GLU D 330 40.09 48.26 -7.67
C GLU D 330 40.42 46.81 -8.02
N LYS D 331 41.71 46.43 -7.85
CA LYS D 331 42.20 45.07 -8.12
C LYS D 331 41.53 44.06 -7.16
N MET D 332 41.32 44.46 -5.90
CA MET D 332 40.70 43.63 -4.89
C MET D 332 39.20 43.48 -5.13
N LEU D 333 38.54 44.56 -5.57
CA LEU D 333 37.11 44.57 -5.87
C LEU D 333 36.80 43.61 -7.01
N ASP D 334 37.58 43.67 -8.11
CA ASP D 334 37.43 42.83 -9.30
C ASP D 334 37.51 41.33 -8.99
N THR D 335 38.43 40.95 -8.09
CA THR D 335 38.71 39.56 -7.78
C THR D 335 37.97 39.01 -6.54
N TRP D 336 37.35 39.88 -5.71
CA TRP D 336 36.60 39.42 -4.54
C TRP D 336 35.22 38.97 -5.02
N THR D 337 35.12 37.67 -5.31
CA THR D 337 34.00 36.99 -5.96
C THR D 337 32.90 36.52 -5.00
N VAL D 338 31.65 36.84 -5.36
CA VAL D 338 30.46 36.44 -4.63
C VAL D 338 30.09 35.01 -5.07
N PHE D 339 30.05 34.11 -4.09
CA PHE D 339 29.59 32.73 -4.23
C PHE D 339 28.25 32.68 -3.55
N GLY D 340 27.23 32.42 -4.33
CA GLY D 340 25.85 32.41 -3.86
C GLY D 340 25.01 33.42 -4.60
N ASP D 341 23.76 33.57 -4.16
CA ASP D 341 22.80 34.49 -4.76
C ASP D 341 23.14 35.96 -4.39
N PRO D 342 23.42 36.84 -5.39
CA PRO D 342 23.75 38.24 -5.06
C PRO D 342 22.54 39.03 -4.52
N SER D 343 21.33 38.54 -4.77
CA SER D 343 20.11 39.18 -4.30
C SER D 343 19.62 38.56 -2.96
N LEU D 344 20.43 37.65 -2.37
CA LEU D 344 20.10 36.99 -1.10
C LEU D 344 19.78 38.00 -0.01
N LEU D 345 18.56 37.94 0.54
CA LEU D 345 18.15 38.83 1.62
C LEU D 345 18.81 38.33 2.90
N VAL D 346 19.91 39.00 3.32
CA VAL D 346 20.72 38.64 4.49
C VAL D 346 19.93 38.74 5.78
N ARG D 347 20.25 37.86 6.74
CA ARG D 347 19.65 37.84 8.08
C ARG D 347 20.77 38.05 9.10
N THR D 348 20.54 38.97 10.06
CA THR D 348 21.55 39.27 11.09
C THR D 348 21.16 38.74 12.45
N LEU D 349 19.86 38.80 12.78
CA LEU D 349 19.36 38.37 14.07
C LEU D 349 18.21 37.40 13.91
N VAL D 350 17.76 36.79 15.03
CA VAL D 350 16.60 35.91 15.10
C VAL D 350 15.39 36.75 14.63
N PRO D 351 14.61 36.28 13.64
CA PRO D 351 13.55 37.15 13.10
C PRO D 351 12.35 37.34 14.03
N THR D 352 11.54 38.38 13.73
CA THR D 352 10.28 38.71 14.40
C THR D 352 9.15 38.49 13.38
N LYS D 353 7.92 38.27 13.88
CA LYS D 353 6.76 38.03 13.02
C LYS D 353 6.13 39.35 12.56
N MET D 354 5.51 39.32 11.38
CA MET D 354 4.79 40.44 10.77
C MET D 354 3.31 40.22 10.93
N GLN D 355 2.54 41.29 11.08
CA GLN D 355 1.09 41.20 11.14
C GLN D 355 0.58 41.53 9.75
N VAL D 356 0.13 40.51 9.01
CA VAL D 356 -0.33 40.67 7.64
C VAL D 356 -1.84 40.37 7.56
N THR D 357 -2.61 41.35 7.07
CA THR D 357 -4.06 41.25 6.88
C THR D 357 -4.35 41.47 5.40
N ALA D 358 -4.95 40.46 4.77
CA ALA D 358 -5.31 40.51 3.35
C ALA D 358 -6.65 39.82 3.09
N PRO D 359 -7.46 40.30 2.12
CA PRO D 359 -8.73 39.61 1.81
C PRO D 359 -8.50 38.17 1.35
N ALA D 360 -9.36 37.25 1.79
CA ALA D 360 -9.30 35.82 1.47
C ALA D 360 -9.54 35.57 -0.03
N ASN D 361 -10.28 36.47 -0.69
CA ASN D 361 -10.61 36.39 -2.11
C ASN D 361 -10.24 37.67 -2.86
N ILE D 362 -10.17 37.55 -4.20
CA ILE D 362 -9.89 38.63 -5.15
C ILE D 362 -10.83 38.46 -6.34
N SER D 363 -11.40 39.56 -6.84
CA SER D 363 -12.29 39.54 -8.00
C SER D 363 -11.47 39.23 -9.26
N ALA D 364 -12.07 38.50 -10.22
CA ALA D 364 -11.43 38.14 -11.50
C ALA D 364 -11.09 39.37 -12.34
N SER D 365 -11.86 40.47 -12.17
CA SER D 365 -11.70 41.72 -12.88
C SER D 365 -10.94 42.79 -12.05
N ALA D 366 -10.28 42.40 -10.93
CA ALA D 366 -9.56 43.33 -10.07
C ALA D 366 -8.29 43.87 -10.74
N GLN D 367 -7.99 45.16 -10.48
CA GLN D 367 -6.83 45.87 -11.02
C GLN D 367 -5.82 46.15 -9.90
N THR D 368 -6.29 46.11 -8.63
CA THR D 368 -5.49 46.33 -7.43
C THR D 368 -5.88 45.31 -6.33
N PHE D 369 -4.98 45.15 -5.33
CA PHE D 369 -5.18 44.28 -4.18
C PHE D 369 -4.49 44.90 -2.97
N GLU D 370 -5.31 45.26 -1.96
CA GLU D 370 -4.85 45.92 -0.74
C GLU D 370 -4.41 44.90 0.30
N VAL D 371 -3.22 45.13 0.89
CA VAL D 371 -2.64 44.26 1.92
C VAL D 371 -2.17 45.13 3.09
N ALA D 372 -2.71 44.87 4.29
CA ALA D 372 -2.31 45.57 5.51
C ALA D 372 -1.13 44.84 6.15
N CYS D 373 -0.06 45.58 6.48
CA CYS D 373 1.15 45.03 7.09
C CYS D 373 1.73 46.01 8.09
N ASP D 374 2.09 45.51 9.30
CA ASP D 374 2.61 46.34 10.39
C ASP D 374 4.11 46.72 10.21
N TYR D 375 4.83 46.12 9.24
CA TYR D 375 6.24 46.43 8.98
C TYR D 375 6.40 47.25 7.68
N ASN D 376 6.84 48.51 7.83
CA ASN D 376 7.10 49.41 6.69
C ASN D 376 8.44 49.07 6.09
N GLY D 377 8.45 48.92 4.76
CA GLY D 377 9.61 48.52 3.99
C GLY D 377 9.48 47.09 3.50
N ALA D 378 8.41 46.38 3.96
CA ALA D 378 8.10 45.01 3.58
C ALA D 378 7.60 44.95 2.14
N ILE D 379 7.93 43.85 1.43
CA ILE D 379 7.55 43.66 0.03
C ILE D 379 6.39 42.67 -0.04
N ALA D 380 5.23 43.14 -0.53
CA ALA D 380 4.04 42.31 -0.73
C ALA D 380 3.90 42.01 -2.22
N THR D 381 3.81 40.72 -2.56
CA THR D 381 3.77 40.29 -3.95
C THR D 381 2.70 39.25 -4.22
N LEU D 382 1.95 39.44 -5.31
CA LEU D 382 0.97 38.50 -5.83
C LEU D 382 1.60 37.73 -6.96
N SER D 383 1.50 36.41 -6.92
CA SER D 383 2.10 35.57 -7.95
C SER D 383 1.18 34.42 -8.36
N ASP D 384 1.47 33.85 -9.53
CA ASP D 384 0.75 32.74 -10.12
C ASP D 384 1.76 31.69 -10.57
N ASP D 385 2.00 30.68 -9.70
CA ASP D 385 2.92 29.55 -9.88
C ASP D 385 4.31 30.02 -10.37
N GLY D 386 4.88 31.00 -9.65
CA GLY D 386 6.19 31.56 -9.95
C GLY D 386 6.21 32.68 -10.97
N ASP D 387 5.02 33.17 -11.36
CA ASP D 387 4.89 34.27 -12.31
C ASP D 387 4.33 35.45 -11.55
N MET D 388 5.12 36.53 -11.43
CA MET D 388 4.72 37.74 -10.71
C MET D 388 3.57 38.46 -11.40
N VAL D 389 2.47 38.66 -10.65
CA VAL D 389 1.23 39.31 -11.11
C VAL D 389 1.31 40.80 -10.74
N GLY D 390 1.95 41.10 -9.62
CA GLY D 390 2.13 42.46 -9.12
C GLY D 390 2.89 42.49 -7.81
N THR D 391 3.60 43.59 -7.56
CA THR D 391 4.39 43.78 -6.35
C THR D 391 4.31 45.24 -5.87
N ALA D 392 4.35 45.43 -4.55
CA ALA D 392 4.28 46.74 -3.91
C ALA D 392 5.00 46.73 -2.56
N ILE D 393 5.56 47.89 -2.18
CA ILE D 393 6.23 48.09 -0.90
C ILE D 393 5.18 48.55 0.13
N VAL D 394 5.30 48.07 1.37
CA VAL D 394 4.40 48.47 2.46
C VAL D 394 4.80 49.88 2.87
N LYS D 395 3.88 50.84 2.66
CA LYS D 395 4.06 52.26 2.99
C LYS D 395 2.82 52.73 3.76
N ASP D 396 3.06 53.30 4.96
CA ASP D 396 2.03 53.80 5.89
C ASP D 396 1.06 52.65 6.30
N GLY D 397 1.63 51.50 6.61
CA GLY D 397 0.87 50.33 7.05
C GLY D 397 0.15 49.49 6.00
N LYS D 398 0.24 49.87 4.71
CA LYS D 398 -0.40 49.10 3.65
C LYS D 398 0.42 49.02 2.35
N ALA D 399 0.12 47.99 1.55
CA ALA D 399 0.71 47.77 0.23
C ALA D 399 -0.42 47.67 -0.79
N ILE D 400 -0.42 48.56 -1.78
CA ILE D 400 -1.45 48.57 -2.83
C ILE D 400 -0.83 47.92 -4.06
N ILE D 401 -1.08 46.61 -4.22
CA ILE D 401 -0.52 45.83 -5.32
C ILE D 401 -1.31 46.12 -6.60
N LYS D 402 -0.62 46.67 -7.62
CA LYS D 402 -1.20 46.94 -8.92
C LYS D 402 -0.97 45.72 -9.81
N LEU D 403 -2.05 45.11 -10.31
CA LEU D 403 -2.02 43.93 -11.16
C LEU D 403 -1.57 44.33 -12.57
N ASN D 404 -0.49 43.69 -13.09
CA ASN D 404 0.10 44.00 -14.40
C ASN D 404 -0.46 43.08 -15.50
N GLU D 405 -1.40 42.19 -15.15
CA GLU D 405 -2.01 41.25 -16.09
C GLU D 405 -3.38 40.78 -15.58
N SER D 406 -4.25 40.35 -16.51
CA SER D 406 -5.58 39.84 -16.19
C SER D 406 -5.46 38.49 -15.46
N ILE D 407 -6.33 38.29 -14.46
CA ILE D 407 -6.36 37.07 -13.63
C ILE D 407 -7.70 36.35 -13.86
N ALA D 408 -8.17 36.47 -15.12
CA ALA D 408 -9.34 35.78 -15.68
C ALA D 408 -8.92 34.35 -15.93
N ASP D 409 -9.81 33.40 -15.57
CA ASP D 409 -9.61 31.95 -15.61
C ASP D 409 -8.68 31.52 -14.47
N GLU D 410 -8.00 32.48 -13.75
CA GLU D 410 -7.24 32.00 -12.59
C GLU D 410 -8.20 31.55 -11.50
N THR D 411 -7.79 30.54 -10.71
CA THR D 411 -8.60 30.02 -9.62
C THR D 411 -8.04 30.52 -8.29
N ASN D 412 -6.71 30.58 -8.19
CA ASN D 412 -6.00 30.98 -6.97
C ASN D 412 -4.74 31.78 -7.30
N LEU D 413 -4.34 32.66 -6.37
CA LEU D 413 -3.12 33.45 -6.45
C LEU D 413 -2.37 33.33 -5.13
N THR D 414 -1.03 33.47 -5.18
CA THR D 414 -0.20 33.39 -3.99
C THR D 414 0.20 34.79 -3.56
N LEU D 415 0.04 35.08 -2.28
CA LEU D 415 0.48 36.34 -1.69
C LEU D 415 1.70 36.06 -0.83
N THR D 416 2.79 36.76 -1.11
CA THR D 416 4.04 36.60 -0.36
C THR D 416 4.46 37.96 0.18
N VAL D 417 4.72 38.02 1.49
CA VAL D 417 5.19 39.23 2.15
C VAL D 417 6.54 38.91 2.80
N VAL D 418 7.59 39.63 2.37
CA VAL D 418 8.96 39.49 2.90
C VAL D 418 9.37 40.81 3.58
N GLY D 419 10.23 40.72 4.59
CA GLY D 419 10.74 41.88 5.34
C GLY D 419 12.05 41.57 6.01
N TYR D 420 12.91 42.60 6.24
CA TYR D 420 14.24 42.44 6.86
C TYR D 420 14.10 41.95 8.29
N ASN D 421 14.77 40.80 8.56
CA ASN D 421 14.77 40.10 9.86
C ASN D 421 13.34 39.79 10.30
N LYS D 422 12.50 39.40 9.33
CA LYS D 422 11.11 39.05 9.54
C LYS D 422 10.81 37.66 9.02
N VAL D 423 9.76 37.02 9.55
CA VAL D 423 9.32 35.71 9.10
C VAL D 423 8.43 35.94 7.89
N THR D 424 8.80 35.35 6.74
CA THR D 424 8.07 35.48 5.48
C THR D 424 6.65 34.96 5.65
N VAL D 425 5.67 35.75 5.18
CA VAL D 425 4.24 35.41 5.23
C VAL D 425 3.79 34.98 3.83
N ILE D 426 3.17 33.79 3.73
CA ILE D 426 2.65 33.26 2.47
C ILE D 426 1.18 32.89 2.69
N LYS D 427 0.28 33.48 1.89
CA LYS D 427 -1.16 33.25 1.95
C LYS D 427 -1.72 32.94 0.58
N ASP D 428 -2.77 32.11 0.53
CA ASP D 428 -3.46 31.78 -0.71
C ASP D 428 -4.65 32.71 -0.87
N VAL D 429 -4.84 33.25 -2.08
CA VAL D 429 -5.94 34.17 -2.39
C VAL D 429 -6.82 33.49 -3.45
N LYS D 430 -8.09 33.19 -3.10
CA LYS D 430 -9.04 32.58 -4.02
C LYS D 430 -9.55 33.61 -5.04
N VAL D 431 -9.67 33.23 -6.31
CA VAL D 431 -10.17 34.13 -7.36
C VAL D 431 -11.67 33.86 -7.53
N GLU D 432 -12.49 34.91 -7.40
CA GLU D 432 -13.96 34.82 -7.50
C GLU D 432 -14.48 35.31 -8.85
N GLY E 11 -0.98 13.95 37.82
CA GLY E 11 -0.08 14.04 38.98
C GLY E 11 1.38 14.21 38.60
N ARG E 12 1.64 14.70 37.37
CA ARG E 12 2.98 14.92 36.82
C ARG E 12 3.39 16.38 36.94
N ASN E 13 4.66 16.62 37.31
CA ASN E 13 5.23 17.97 37.43
C ASN E 13 5.49 18.53 36.03
N PRO E 14 4.79 19.61 35.63
CA PRO E 14 4.95 20.16 34.26
C PRO E 14 6.25 20.93 34.05
N GLN E 15 6.92 21.32 35.14
CA GLN E 15 8.17 22.08 35.11
C GLN E 15 9.39 21.15 34.90
N VAL E 16 9.19 19.82 35.01
CA VAL E 16 10.23 18.82 34.78
C VAL E 16 10.27 18.61 33.26
N ARG E 17 11.41 18.95 32.64
CA ARG E 17 11.62 18.89 31.20
C ARG E 17 12.94 18.24 30.79
N LEU E 18 12.99 17.75 29.54
CA LEU E 18 14.19 17.21 28.91
C LEU E 18 14.86 18.35 28.14
N LEU E 19 16.03 18.81 28.60
CA LEU E 19 16.75 19.92 27.95
C LEU E 19 17.51 19.44 26.73
N SER E 20 18.23 18.30 26.84
CA SER E 20 19.02 17.72 25.75
C SER E 20 19.00 16.19 25.80
N ALA E 21 19.19 15.55 24.63
CA ALA E 21 19.25 14.09 24.48
C ALA E 21 20.06 13.71 23.22
N GLU E 22 21.21 13.02 23.40
CA GLU E 22 22.10 12.60 22.30
C GLU E 22 21.88 11.11 21.96
N GLN E 23 22.88 10.23 22.24
CA GLN E 23 22.80 8.79 21.98
C GLN E 23 22.15 8.12 23.19
N SER E 24 22.89 8.06 24.31
CA SER E 24 22.44 7.54 25.61
C SER E 24 22.47 8.68 26.63
N MET E 25 23.13 9.81 26.24
CA MET E 25 23.26 11.06 27.00
C MET E 25 21.88 11.73 27.13
N SER E 26 21.61 12.33 28.31
CA SER E 26 20.35 13.01 28.57
C SER E 26 20.51 14.10 29.63
N LYS E 27 19.98 15.30 29.34
CA LYS E 27 20.00 16.46 30.24
C LYS E 27 18.59 16.72 30.71
N VAL E 28 18.32 16.48 32.01
CA VAL E 28 16.99 16.60 32.60
C VAL E 28 16.97 17.74 33.61
N GLN E 29 15.97 18.62 33.47
CA GLN E 29 15.75 19.75 34.35
C GLN E 29 14.57 19.49 35.28
N PHE E 30 14.80 19.72 36.57
CA PHE E 30 13.77 19.68 37.60
C PHE E 30 13.54 21.09 38.07
N ARG E 31 12.27 21.44 38.30
CA ARG E 31 11.90 22.71 38.88
C ARG E 31 10.83 22.45 39.93
N MET E 32 10.98 23.07 41.11
CA MET E 32 10.05 22.92 42.22
C MET E 32 8.66 23.45 41.82
N ASP E 33 7.63 22.62 41.99
CA ASP E 33 6.26 22.99 41.64
C ASP E 33 5.31 22.70 42.79
N ASN E 34 4.54 23.73 43.20
CA ASN E 34 3.52 23.70 44.25
C ASN E 34 4.03 23.10 45.58
N LEU E 35 5.20 23.57 46.07
CA LEU E 35 5.72 23.10 47.36
C LEU E 35 4.84 23.59 48.49
N GLN E 36 4.29 22.64 49.27
CA GLN E 36 3.41 22.93 50.41
C GLN E 36 3.88 22.21 51.65
N PHE E 37 3.49 22.72 52.82
CA PHE E 37 3.82 22.14 54.11
C PHE E 37 2.55 21.96 54.92
N THR E 38 2.32 20.73 55.40
CA THR E 38 1.16 20.36 56.20
C THR E 38 1.61 20.17 57.65
N GLY E 39 1.01 20.94 58.55
CA GLY E 39 1.31 20.88 59.97
C GLY E 39 0.72 19.65 60.63
N VAL E 40 1.56 18.86 61.31
CA VAL E 40 1.13 17.63 61.99
C VAL E 40 1.60 17.70 63.47
N GLN E 41 0.80 17.18 64.41
CA GLN E 41 1.23 17.23 65.80
C GLN E 41 2.14 16.05 66.11
N THR E 42 3.29 16.35 66.74
CA THR E 42 4.32 15.38 67.11
C THR E 42 4.79 15.63 68.56
N SER E 43 5.61 14.72 69.10
CA SER E 43 6.19 14.82 70.46
C SER E 43 7.12 16.05 70.60
N LYS E 44 7.72 16.51 69.48
CA LYS E 44 8.60 17.69 69.44
C LYS E 44 7.82 18.97 69.02
N GLY E 45 6.49 18.89 69.04
CA GLY E 45 5.62 19.99 68.67
C GLY E 45 5.07 19.85 67.26
N VAL E 46 4.63 20.98 66.66
CA VAL E 46 4.08 20.95 65.31
C VAL E 46 5.23 20.84 64.31
N ALA E 47 5.18 19.77 63.50
CA ALA E 47 6.15 19.47 62.46
C ALA E 47 5.49 19.61 61.10
N GLN E 48 6.30 19.79 60.03
CA GLN E 48 5.79 19.99 58.68
C GLN E 48 6.01 18.79 57.78
N VAL E 49 4.94 18.40 57.07
CA VAL E 49 4.98 17.33 56.08
C VAL E 49 5.09 18.03 54.71
N PRO E 50 6.27 18.00 54.05
CA PRO E 50 6.39 18.67 52.75
C PRO E 50 5.74 17.86 51.62
N THR E 51 5.11 18.57 50.68
CA THR E 51 4.49 17.98 49.48
C THR E 51 4.77 18.88 48.29
N PHE E 52 5.00 18.27 47.10
CA PHE E 52 5.17 19.00 45.84
C PHE E 52 4.68 18.12 44.71
N THR E 53 4.34 18.74 43.55
CA THR E 53 3.83 18.03 42.37
C THR E 53 4.81 16.93 41.95
N GLU E 54 4.31 15.68 41.87
CA GLU E 54 5.00 14.45 41.49
C GLU E 54 6.04 14.03 42.57
N GLY E 55 5.96 14.64 43.75
CA GLY E 55 6.80 14.33 44.89
C GLY E 55 6.33 13.08 45.58
N VAL E 56 7.28 12.17 45.89
CA VAL E 56 6.97 10.89 46.53
C VAL E 56 7.86 10.69 47.76
N ASN E 57 7.23 10.32 48.89
CA ASN E 57 7.92 10.06 50.13
C ASN E 57 8.31 8.56 50.20
N ILE E 58 9.61 8.28 50.08
CA ILE E 58 10.22 6.95 50.18
C ILE E 58 11.25 6.97 51.33
N SER E 59 11.16 8.01 52.19
CA SER E 59 12.05 8.20 53.34
C SER E 59 11.83 7.10 54.37
N GLU E 60 12.94 6.55 54.89
CA GLU E 60 13.00 5.50 55.91
C GLU E 60 12.28 5.96 57.17
N LYS E 61 11.56 5.04 57.85
CA LYS E 61 10.82 5.31 59.08
C LYS E 61 11.71 5.97 60.14
N GLY E 62 11.24 7.11 60.66
CA GLY E 62 11.95 7.87 61.67
C GLY E 62 12.91 8.93 61.16
N THR E 63 13.14 8.94 59.82
CA THR E 63 14.00 9.93 59.16
C THR E 63 13.11 11.04 58.59
N PRO E 64 13.62 12.29 58.38
CA PRO E 64 12.75 13.37 57.86
C PRO E 64 12.05 13.04 56.54
N ILE E 65 10.76 13.44 56.41
CA ILE E 65 9.96 13.25 55.19
C ILE E 65 10.51 14.24 54.17
N LEU E 66 11.28 13.73 53.21
CA LEU E 66 11.88 14.57 52.19
C LEU E 66 11.55 13.98 50.82
N PRO E 67 10.36 14.34 50.28
CA PRO E 67 9.92 13.76 49.00
C PRO E 67 10.90 13.94 47.85
N ILE E 68 10.90 12.95 46.95
CA ILE E 68 11.75 12.91 45.76
C ILE E 68 10.87 12.90 44.49
N LEU E 69 11.49 13.24 43.34
CA LEU E 69 10.85 13.20 42.03
C LEU E 69 11.64 12.24 41.16
N SER E 70 10.97 11.23 40.62
CA SER E 70 11.61 10.19 39.81
C SER E 70 11.12 10.19 38.38
N ARG E 71 12.06 10.02 37.43
CA ARG E 71 11.78 9.98 35.99
C ARG E 71 12.62 8.89 35.34
N SER E 72 12.01 8.19 34.38
CA SER E 72 12.63 7.11 33.65
C SER E 72 13.30 7.59 32.37
N LEU E 73 14.47 7.03 32.09
CA LEU E 73 15.26 7.37 30.90
C LEU E 73 15.70 6.13 30.16
N ALA E 74 15.65 6.19 28.82
CA ALA E 74 16.18 5.15 27.95
C ALA E 74 17.70 5.36 27.96
N VAL E 75 18.43 4.37 28.48
CA VAL E 75 19.89 4.50 28.64
C VAL E 75 20.66 3.54 27.72
N SER E 76 22.01 3.44 27.91
CA SER E 76 22.91 2.56 27.14
C SER E 76 22.48 1.10 27.29
N GLU E 77 22.71 0.29 26.25
CA GLU E 77 22.36 -1.13 26.26
C GLU E 77 23.33 -1.97 27.08
N THR E 78 24.61 -1.55 27.16
CA THR E 78 25.67 -2.32 27.85
C THR E 78 26.49 -1.53 28.90
N ARG E 79 26.46 -0.20 28.86
CA ARG E 79 27.30 0.62 29.73
C ARG E 79 26.62 1.09 31.01
N ALA E 80 27.44 1.22 32.09
CA ALA E 80 27.03 1.75 33.38
C ALA E 80 26.85 3.26 33.27
N MET E 81 25.71 3.77 33.71
CA MET E 81 25.39 5.19 33.62
C MET E 81 25.81 5.93 34.89
N LYS E 82 26.02 7.25 34.76
CA LYS E 82 26.36 8.13 35.87
C LYS E 82 25.45 9.36 35.82
N VAL E 83 25.25 10.01 36.96
CA VAL E 83 24.44 11.21 37.06
C VAL E 83 25.30 12.34 37.66
N GLU E 84 25.33 13.49 36.98
CA GLU E 84 26.09 14.66 37.41
C GLU E 84 25.17 15.86 37.49
N VAL E 85 25.24 16.62 38.58
CA VAL E 85 24.46 17.85 38.75
C VAL E 85 25.24 18.94 38.02
N VAL E 86 24.71 19.41 36.88
CA VAL E 86 25.40 20.43 36.08
C VAL E 86 24.92 21.85 36.48
N SER E 87 23.74 21.94 37.09
CA SER E 87 23.13 23.19 37.53
C SER E 87 22.20 22.94 38.72
N SER E 88 22.26 23.81 39.73
CA SER E 88 21.43 23.75 40.94
C SER E 88 21.28 25.13 41.57
N LYS E 89 20.11 25.37 42.18
CA LYS E 89 19.74 26.63 42.82
C LYS E 89 18.85 26.31 44.03
N PHE E 90 19.19 26.86 45.21
CA PHE E 90 18.39 26.59 46.39
C PHE E 90 18.15 27.83 47.26
N ILE E 91 17.10 27.72 48.09
CA ILE E 91 16.58 28.68 49.06
C ILE E 91 16.67 28.03 50.47
N GLU E 92 17.09 28.79 51.50
CA GLU E 92 17.17 28.23 52.85
C GLU E 92 16.02 28.68 53.72
N LYS E 93 15.43 27.72 54.44
CA LYS E 93 14.33 27.91 55.39
C LYS E 93 14.89 27.51 56.77
N LYS E 94 15.02 28.48 57.68
CA LYS E 94 15.58 28.23 59.02
C LYS E 94 14.51 27.99 60.09
N ASP E 95 14.92 27.30 61.18
CA ASP E 95 14.11 26.90 62.35
C ASP E 95 12.85 26.14 61.89
N VAL E 96 13.07 25.20 60.98
CA VAL E 96 12.03 24.37 60.40
C VAL E 96 12.08 23.00 61.06
N LEU E 97 10.90 22.48 61.44
CA LEU E 97 10.79 21.15 62.00
C LEU E 97 10.07 20.28 60.96
N ILE E 98 10.82 19.39 60.30
CA ILE E 98 10.29 18.47 59.31
C ILE E 98 9.82 17.21 60.05
N ALA E 99 8.60 16.75 59.73
CA ALA E 99 7.97 15.56 60.33
C ALA E 99 8.75 14.29 59.98
N PRO E 100 8.83 13.31 60.93
CA PRO E 100 9.54 12.07 60.62
C PRO E 100 8.67 11.12 59.82
N SER E 101 9.30 10.31 58.96
CA SER E 101 8.57 9.37 58.12
C SER E 101 7.99 8.23 58.93
N LYS E 102 6.77 7.81 58.55
CA LYS E 102 6.07 6.68 59.13
C LYS E 102 6.51 5.39 58.44
N GLY E 103 7.28 5.55 57.35
CA GLY E 103 7.79 4.45 56.56
C GLY E 103 6.72 3.83 55.70
N VAL E 104 6.96 2.60 55.25
CA VAL E 104 5.99 1.87 54.43
C VAL E 104 4.88 1.39 55.37
N ILE E 105 3.66 1.86 55.14
CA ILE E 105 2.48 1.50 55.93
C ILE E 105 1.71 0.44 55.14
N SER E 106 1.32 -0.64 55.81
CA SER E 106 0.52 -1.71 55.21
C SER E 106 -0.96 -1.32 55.27
N ARG E 107 -1.78 -1.81 54.34
CA ARG E 107 -3.22 -1.55 54.37
C ARG E 107 -3.91 -2.47 55.40
N ALA E 108 -3.11 -3.21 56.18
CA ALA E 108 -3.58 -4.02 57.31
C ALA E 108 -3.66 -3.13 58.57
N GLU E 109 -3.07 -1.92 58.49
CA GLU E 109 -3.01 -0.91 59.54
C GLU E 109 -3.84 0.34 59.22
N ASN E 110 -4.08 1.18 60.23
CA ASN E 110 -4.75 2.47 60.08
C ASN E 110 -3.68 3.57 60.27
N PRO E 111 -3.31 4.32 59.19
CA PRO E 111 -2.25 5.33 59.34
C PRO E 111 -2.61 6.49 60.26
N ASP E 112 -3.92 6.77 60.42
CA ASP E 112 -4.44 7.82 61.31
C ASP E 112 -4.15 7.49 62.77
N GLN E 113 -3.97 6.18 63.07
CA GLN E 113 -3.68 5.65 64.41
C GLN E 113 -2.17 5.44 64.64
N ILE E 114 -1.34 5.59 63.59
CA ILE E 114 0.11 5.47 63.69
C ILE E 114 0.69 6.87 64.00
N PRO E 115 1.44 7.06 65.10
CA PRO E 115 1.96 8.40 65.39
C PRO E 115 3.27 8.71 64.67
N TYR E 116 3.65 9.99 64.60
CA TYR E 116 4.93 10.43 64.04
C TYR E 116 5.99 10.22 65.13
N VAL E 117 6.95 9.30 64.86
CA VAL E 117 8.02 8.97 65.80
C VAL E 117 9.38 9.33 65.18
N TYR E 118 10.17 10.11 65.93
CA TYR E 118 11.48 10.57 65.53
C TYR E 118 12.53 9.50 65.80
N GLY E 119 13.39 9.25 64.82
CA GLY E 119 14.48 8.29 64.93
C GLY E 119 15.78 8.96 65.33
N GLN E 120 16.85 8.16 65.44
CA GLN E 120 18.20 8.61 65.85
C GLN E 120 18.82 9.59 64.85
N SER E 121 18.37 9.55 63.57
CA SER E 121 18.84 10.41 62.49
C SER E 121 18.65 11.90 62.80
N TYR E 122 17.70 12.22 63.71
CA TYR E 122 17.39 13.60 64.11
C TYR E 122 18.45 14.20 65.04
N ASN E 123 19.42 13.39 65.52
CA ASN E 123 20.52 13.83 66.38
C ASN E 123 21.84 13.95 65.58
N GLU E 124 21.78 13.68 64.26
CA GLU E 124 22.93 13.73 63.36
C GLU E 124 23.04 15.09 62.66
N ASP E 125 24.16 15.80 62.87
CA ASP E 125 24.42 17.13 62.32
C ASP E 125 24.96 17.02 60.88
N LYS E 126 24.04 16.75 59.94
CA LYS E 126 24.30 16.62 58.49
C LYS E 126 22.98 16.79 57.72
N PHE E 127 23.06 17.10 56.41
CA PHE E 127 21.87 17.24 55.57
C PHE E 127 21.47 15.89 55.02
N PHE E 128 20.19 15.54 55.21
CA PHE E 128 19.56 14.32 54.74
C PHE E 128 18.77 14.61 53.47
N PRO E 129 18.71 13.72 52.45
CA PRO E 129 19.34 12.39 52.36
C PRO E 129 20.86 12.45 52.09
N GLY E 130 21.34 13.60 51.62
CA GLY E 130 22.74 13.83 51.30
C GLY E 130 22.98 14.22 49.86
N GLU E 131 22.49 13.40 48.92
CA GLU E 131 22.62 13.63 47.47
C GLU E 131 21.36 14.29 46.93
N ILE E 132 21.51 15.27 46.02
CA ILE E 132 20.34 15.94 45.45
C ILE E 132 19.89 15.21 44.16
N ALA E 133 20.72 14.27 43.65
CA ALA E 133 20.42 13.47 42.46
C ALA E 133 21.08 12.09 42.52
N THR E 134 20.30 11.03 42.26
CA THR E 134 20.76 9.63 42.26
C THR E 134 20.17 8.85 41.07
N LEU E 135 20.66 7.63 40.84
CA LEU E 135 20.15 6.71 39.82
C LEU E 135 19.69 5.40 40.46
N SER E 136 18.48 4.93 40.09
CA SER E 136 17.95 3.64 40.57
C SER E 136 18.54 2.51 39.74
N ASP E 137 18.37 1.24 40.15
CA ASP E 137 18.93 0.09 39.45
C ASP E 137 18.42 -0.02 38.01
N PRO E 138 19.31 -0.27 37.02
CA PRO E 138 18.84 -0.36 35.62
C PRO E 138 17.90 -1.54 35.39
N PHE E 139 16.96 -1.35 34.45
CA PHE E 139 15.97 -2.35 34.09
C PHE E 139 15.90 -2.53 32.58
N ILE E 140 15.28 -3.63 32.12
CA ILE E 140 15.07 -3.85 30.70
C ILE E 140 13.56 -3.94 30.46
N LEU E 141 13.04 -3.07 29.59
CA LEU E 141 11.65 -3.07 29.18
C LEU E 141 11.63 -3.50 27.71
N ARG E 142 11.47 -4.81 27.50
CA ARG E 142 11.44 -5.50 26.20
C ARG E 142 12.80 -5.31 25.47
N ASP E 143 12.90 -4.33 24.56
CA ASP E 143 14.12 -4.09 23.77
C ASP E 143 14.87 -2.82 24.19
N VAL E 144 14.42 -2.15 25.27
CA VAL E 144 15.07 -0.92 25.74
C VAL E 144 15.54 -1.07 27.20
N ARG E 145 16.83 -0.74 27.44
CA ARG E 145 17.40 -0.73 28.80
C ARG E 145 17.13 0.66 29.36
N GLY E 146 16.44 0.69 30.50
CA GLY E 146 16.07 1.93 31.16
C GLY E 146 16.68 2.10 32.54
N GLN E 147 16.67 3.34 33.03
CA GLN E 147 17.18 3.70 34.35
C GLN E 147 16.45 4.95 34.85
N VAL E 148 16.07 4.92 36.13
CA VAL E 148 15.34 6.01 36.76
C VAL E 148 16.32 6.98 37.45
N VAL E 149 16.17 8.29 37.14
CA VAL E 149 16.94 9.36 37.78
C VAL E 149 16.04 9.95 38.89
N ASN E 150 16.59 10.11 40.10
CA ASN E 150 15.83 10.63 41.24
C ASN E 150 16.35 11.98 41.70
N PHE E 151 15.47 12.99 41.74
CA PHE E 151 15.80 14.33 42.24
C PHE E 151 15.39 14.42 43.69
N ALA E 152 16.28 14.87 44.57
CA ALA E 152 15.98 15.05 45.98
C ALA E 152 16.13 16.56 46.28
N PRO E 153 15.08 17.36 45.99
CA PRO E 153 15.21 18.83 46.13
C PRO E 153 14.99 19.37 47.53
N LEU E 154 14.78 18.50 48.50
CA LEU E 154 14.56 18.90 49.89
C LEU E 154 15.63 18.23 50.75
N GLN E 155 16.60 19.05 51.19
CA GLN E 155 17.73 18.64 52.03
C GLN E 155 17.55 19.28 53.40
N TYR E 156 17.56 18.46 54.45
CA TYR E 156 17.30 18.93 55.80
C TYR E 156 18.34 18.48 56.80
N ASN E 157 18.82 19.45 57.61
CA ASN E 157 19.72 19.20 58.73
C ASN E 157 18.86 19.27 59.98
N PRO E 158 18.55 18.11 60.61
CA PRO E 158 17.66 18.12 61.79
C PRO E 158 18.23 18.78 63.05
N VAL E 159 19.58 18.78 63.23
CA VAL E 159 20.24 19.39 64.41
C VAL E 159 20.17 20.93 64.32
N THR E 160 20.45 21.51 63.13
CA THR E 160 20.42 22.97 62.95
C THR E 160 19.01 23.45 62.57
N LYS E 161 18.08 22.52 62.24
CA LYS E 161 16.69 22.77 61.83
C LYS E 161 16.63 23.61 60.53
N THR E 162 17.65 23.44 59.65
CA THR E 162 17.74 24.18 58.39
C THR E 162 17.32 23.30 57.21
N LEU E 163 16.37 23.79 56.40
CA LEU E 163 15.85 23.13 55.21
C LEU E 163 16.30 23.88 53.96
N ARG E 164 16.89 23.15 53.01
CA ARG E 164 17.33 23.67 51.72
C ARG E 164 16.31 23.24 50.68
N ILE E 165 15.69 24.24 50.02
CA ILE E 165 14.67 24.01 48.98
C ILE E 165 15.31 24.27 47.64
N TYR E 166 15.57 23.20 46.87
CA TYR E 166 16.15 23.33 45.54
C TYR E 166 15.05 23.65 44.54
N THR E 167 15.01 24.91 44.11
CA THR E 167 14.00 25.42 43.17
C THR E 167 14.27 24.90 41.76
N GLU E 168 15.55 24.63 41.42
CA GLU E 168 15.96 24.09 40.13
C GLU E 168 17.18 23.17 40.27
N ILE E 169 17.14 22.03 39.58
CA ILE E 169 18.22 21.04 39.50
C ILE E 169 18.28 20.56 38.05
N VAL E 170 19.44 20.68 37.41
CA VAL E 170 19.67 20.18 36.06
C VAL E 170 20.74 19.11 36.15
N VAL E 171 20.40 17.89 35.70
CA VAL E 171 21.33 16.76 35.74
C VAL E 171 21.71 16.29 34.34
N ALA E 172 22.92 15.76 34.20
CA ALA E 172 23.42 15.14 32.99
C ALA E 172 23.59 13.64 33.26
N VAL E 173 22.79 12.81 32.57
CA VAL E 173 22.84 11.36 32.72
C VAL E 173 23.57 10.84 31.48
N SER E 174 24.79 10.34 31.67
CA SER E 174 25.66 9.87 30.60
C SER E 174 26.29 8.51 30.94
N GLU E 175 26.78 7.82 29.91
CA GLU E 175 27.42 6.51 30.06
C GLU E 175 28.88 6.66 30.48
N THR E 176 29.39 5.64 31.19
CA THR E 176 30.79 5.56 31.64
C THR E 176 31.52 4.54 30.77
N ALA E 177 32.82 4.30 31.04
CA ALA E 177 33.61 3.31 30.30
C ALA E 177 33.36 1.89 30.84
N GLU E 178 32.70 1.78 32.01
CA GLU E 178 32.42 0.52 32.70
C GLU E 178 31.12 -0.13 32.25
N ALA E 179 31.11 -1.48 32.20
CA ALA E 179 29.97 -2.30 31.83
C ALA E 179 28.92 -2.24 32.93
N GLY E 180 27.66 -2.09 32.53
CA GLY E 180 26.57 -1.96 33.47
C GLY E 180 25.97 -3.25 33.98
N GLN E 181 25.08 -3.10 34.95
CA GLN E 181 24.29 -4.17 35.55
C GLN E 181 23.04 -4.33 34.69
N ASN E 182 22.50 -5.57 34.60
CA ASN E 182 21.27 -5.90 33.88
C ASN E 182 21.28 -5.33 32.43
N THR E 183 22.18 -5.86 31.57
CA THR E 183 22.38 -5.36 30.21
C THR E 183 21.73 -6.23 29.10
N ILE E 184 21.54 -5.61 27.90
CA ILE E 184 20.97 -6.22 26.69
C ILE E 184 22.10 -6.80 25.84
N SER E 185 21.91 -8.03 25.31
CA SER E 185 22.88 -8.71 24.45
C SER E 185 23.03 -8.04 23.08
N LEU E 186 21.91 -7.73 22.39
CA LEU E 186 21.96 -7.06 21.08
C LEU E 186 20.72 -6.19 20.87
N PHE E 192 9.00 -6.58 15.78
CA PHE E 192 7.83 -6.16 16.56
C PHE E 192 7.94 -4.67 16.89
N THR E 193 6.85 -3.91 16.64
CA THR E 193 6.78 -2.45 16.80
C THR E 193 5.70 -1.97 17.81
N GLY E 194 4.97 -2.91 18.40
CA GLY E 194 3.89 -2.65 19.35
C GLY E 194 4.25 -1.92 20.64
N PHE E 195 5.52 -1.98 21.06
CA PHE E 195 5.97 -1.35 22.31
C PHE E 195 6.56 0.07 22.11
N GLU E 196 6.58 0.57 20.86
CA GLU E 196 7.11 1.90 20.53
C GLU E 196 6.42 3.02 21.32
N ASP E 197 5.08 2.98 21.38
CA ASP E 197 4.29 3.97 22.11
C ASP E 197 4.45 3.83 23.63
N ILE E 198 4.77 2.60 24.11
CA ILE E 198 5.03 2.33 25.53
C ILE E 198 6.36 3.00 25.91
N TYR E 199 7.40 2.84 25.05
CA TYR E 199 8.72 3.44 25.25
C TYR E 199 8.63 4.96 25.31
N LYS E 200 7.80 5.56 24.44
CA LYS E 200 7.59 7.01 24.34
C LYS E 200 6.95 7.58 25.61
N SER E 201 6.03 6.83 26.23
CA SER E 201 5.32 7.26 27.44
C SER E 201 6.12 6.96 28.73
N VAL E 202 6.92 5.87 28.75
CA VAL E 202 7.72 5.49 29.92
C VAL E 202 8.98 6.36 29.98
N PHE E 203 9.74 6.45 28.86
CA PHE E 203 10.99 7.20 28.80
C PHE E 203 10.76 8.60 28.24
N MET E 204 11.19 9.63 29.00
CA MET E 204 10.99 11.01 28.57
C MET E 204 12.02 11.44 27.50
N ASN E 205 13.04 10.59 27.21
CA ASN E 205 14.09 10.86 26.22
C ASN E 205 14.05 9.90 25.01
N TYR E 206 13.07 8.98 24.95
CA TYR E 206 12.96 8.01 23.85
C TYR E 206 12.65 8.69 22.50
N GLU E 207 11.60 9.55 22.42
CA GLU E 207 11.21 10.24 21.18
C GLU E 207 12.35 11.12 20.62
N ALA E 208 13.20 11.65 21.51
CA ALA E 208 14.34 12.49 21.17
C ALA E 208 15.50 11.69 20.52
N THR E 209 15.73 10.44 20.97
CA THR E 209 16.79 9.56 20.44
C THR E 209 16.41 9.08 19.02
N ASN F 9 -2.02 -5.87 17.19
CA ASN F 9 -0.57 -5.99 17.10
C ASN F 9 -0.07 -7.01 18.11
N GLY F 10 0.95 -7.78 17.72
CA GLY F 10 1.51 -8.83 18.56
C GLY F 10 0.65 -10.08 18.51
N ARG F 11 0.86 -11.00 19.47
CA ARG F 11 0.07 -12.23 19.53
C ARG F 11 -0.21 -12.65 20.99
N MET F 12 -1.24 -13.49 21.16
CA MET F 12 -1.64 -14.05 22.44
C MET F 12 -1.54 -15.58 22.43
N ILE F 13 -1.18 -16.16 23.57
CA ILE F 13 -1.19 -17.60 23.77
C ILE F 13 -2.15 -17.87 24.91
N VAL F 14 -3.09 -18.79 24.69
CA VAL F 14 -4.03 -19.21 25.72
C VAL F 14 -3.54 -20.57 26.24
N ILE F 15 -3.10 -20.62 27.51
CA ILE F 15 -2.64 -21.86 28.14
C ILE F 15 -3.90 -22.45 28.79
N VAL F 16 -4.34 -23.62 28.32
CA VAL F 16 -5.60 -24.22 28.75
C VAL F 16 -5.44 -25.68 29.22
N PRO F 17 -6.11 -26.08 30.34
CA PRO F 17 -6.13 -27.51 30.72
C PRO F 17 -6.85 -28.31 29.64
N LYS F 18 -6.39 -29.55 29.38
CA LYS F 18 -6.92 -30.46 28.36
C LYS F 18 -8.44 -30.59 28.41
N LYS F 19 -9.03 -30.62 29.63
CA LYS F 19 -10.49 -30.76 29.83
C LYS F 19 -11.28 -29.55 29.28
N TYR F 20 -10.64 -28.38 29.12
CA TYR F 20 -11.29 -27.17 28.63
C TYR F 20 -10.84 -26.76 27.21
N GLU F 21 -10.03 -27.60 26.52
CA GLU F 21 -9.47 -27.35 25.18
C GLU F 21 -10.56 -27.06 24.13
N GLU F 22 -11.64 -27.86 24.09
CA GLU F 22 -12.73 -27.69 23.12
C GLU F 22 -13.60 -26.47 23.46
N ASP F 23 -13.66 -26.12 24.75
CA ASP F 23 -14.48 -25.05 25.32
C ASP F 23 -13.99 -23.63 24.98
N ILE F 24 -12.67 -23.43 24.76
CA ILE F 24 -12.08 -22.11 24.47
C ILE F 24 -12.04 -21.79 22.95
N GLU F 25 -12.48 -22.71 22.08
CA GLU F 25 -12.46 -22.60 20.62
C GLU F 25 -13.13 -21.32 20.08
N ASP F 26 -14.35 -20.98 20.58
CA ASP F 26 -15.10 -19.78 20.18
C ASP F 26 -14.37 -18.51 20.58
N PHE F 27 -13.71 -18.52 21.76
CA PHE F 27 -12.92 -17.39 22.26
C PHE F 27 -11.73 -17.10 21.34
N VAL F 28 -10.96 -18.13 20.97
CA VAL F 28 -9.77 -18.06 20.13
C VAL F 28 -10.16 -17.63 18.70
N ASP F 29 -11.28 -18.16 18.16
CA ASP F 29 -11.82 -17.80 16.86
C ASP F 29 -12.15 -16.30 16.81
N TRP F 30 -12.79 -15.76 17.88
CA TRP F 30 -13.16 -14.35 17.95
C TRP F 30 -11.92 -13.44 18.00
N LYS F 31 -10.92 -13.77 18.84
CA LYS F 31 -9.70 -12.96 18.97
C LYS F 31 -8.98 -12.84 17.62
N ASN F 32 -8.91 -13.95 16.86
CA ASN F 32 -8.32 -14.00 15.53
C ASN F 32 -9.19 -13.27 14.52
N GLN F 33 -10.52 -13.28 14.74
CA GLN F 33 -11.48 -12.60 13.87
C GLN F 33 -11.35 -11.09 14.01
N ARG F 34 -11.05 -10.60 15.22
CA ARG F 34 -10.94 -9.17 15.51
C ARG F 34 -9.51 -8.61 15.28
N GLY F 35 -8.60 -9.45 14.79
CA GLY F 35 -7.23 -9.03 14.45
C GLY F 35 -6.11 -9.37 15.40
N LEU F 36 -6.38 -10.10 16.48
CA LEU F 36 -5.32 -10.49 17.39
C LEU F 36 -4.94 -11.96 17.17
N ARG F 37 -3.70 -12.21 16.71
CA ARG F 37 -3.19 -13.56 16.46
C ARG F 37 -3.22 -14.33 17.78
N THR F 38 -4.08 -15.34 17.88
CA THR F 38 -4.23 -16.08 19.13
C THR F 38 -4.06 -17.57 18.86
N GLU F 39 -3.18 -18.20 19.65
CA GLU F 39 -2.87 -19.63 19.59
C GLU F 39 -3.17 -20.30 20.94
N VAL F 40 -3.32 -21.61 20.92
CA VAL F 40 -3.64 -22.40 22.09
C VAL F 40 -2.49 -23.34 22.44
N LYS F 41 -2.21 -23.48 23.74
CA LYS F 41 -1.26 -24.46 24.25
C LYS F 41 -1.94 -25.25 25.35
N VAL F 42 -2.01 -26.58 25.19
CA VAL F 42 -2.60 -27.46 26.19
C VAL F 42 -1.59 -27.53 27.35
N ALA F 43 -2.04 -27.16 28.57
CA ALA F 43 -1.21 -27.10 29.78
C ALA F 43 -0.47 -28.42 30.05
N GLU F 44 -1.13 -29.58 29.86
CA GLU F 44 -0.55 -30.91 30.06
C GLU F 44 0.55 -31.23 29.03
N ASP F 45 0.53 -30.55 27.85
CA ASP F 45 1.56 -30.71 26.82
C ASP F 45 2.85 -30.01 27.22
N ILE F 46 2.78 -29.02 28.13
CA ILE F 46 3.95 -28.31 28.68
C ILE F 46 4.60 -29.24 29.73
N ALA F 47 3.81 -29.69 30.74
CA ALA F 47 4.17 -30.59 31.85
C ALA F 47 2.93 -31.25 32.47
N SER F 48 3.07 -32.50 32.93
CA SER F 48 1.97 -33.24 33.56
C SER F 48 2.44 -33.94 34.85
N PRO F 49 2.08 -33.45 36.08
CA PRO F 49 1.22 -32.29 36.38
C PRO F 49 1.85 -30.93 36.03
N VAL F 50 0.99 -29.92 35.88
CA VAL F 50 1.36 -28.57 35.48
C VAL F 50 2.03 -27.88 36.67
N THR F 51 3.28 -27.41 36.44
CA THR F 51 4.05 -26.70 37.46
C THR F 51 4.33 -25.25 37.02
N ALA F 52 4.55 -24.35 38.01
CA ALA F 52 4.85 -22.93 37.78
C ALA F 52 6.13 -22.77 36.92
N ASN F 53 7.20 -23.54 37.25
CA ASN F 53 8.47 -23.51 36.52
C ASN F 53 8.29 -23.86 35.05
N ALA F 54 7.46 -24.88 34.75
CA ALA F 54 7.14 -25.31 33.40
C ALA F 54 6.43 -24.19 32.62
N ILE F 55 5.48 -23.48 33.26
CA ILE F 55 4.77 -22.35 32.65
C ILE F 55 5.79 -21.25 32.29
N GLN F 56 6.64 -20.84 33.26
CA GLN F 56 7.67 -19.81 33.08
C GLN F 56 8.66 -20.19 31.96
N GLN F 57 9.06 -21.47 31.88
CA GLN F 57 9.99 -21.89 30.83
C GLN F 57 9.32 -21.83 29.46
N PHE F 58 8.05 -22.29 29.38
CA PHE F 58 7.27 -22.27 28.15
C PHE F 58 7.08 -20.83 27.62
N VAL F 59 6.72 -19.87 28.50
CA VAL F 59 6.47 -18.47 28.11
C VAL F 59 7.79 -17.84 27.57
N LYS F 60 8.94 -18.13 28.22
CA LYS F 60 10.26 -17.64 27.80
C LYS F 60 10.62 -18.20 26.39
N GLN F 61 10.51 -19.53 26.19
CA GLN F 61 10.79 -20.18 24.91
C GLN F 61 9.88 -19.62 23.80
N GLU F 62 8.59 -19.37 24.12
CA GLU F 62 7.62 -18.80 23.18
C GLU F 62 7.87 -17.32 22.90
N TYR F 63 8.46 -16.61 23.86
CA TYR F 63 8.78 -15.19 23.73
C TYR F 63 9.82 -14.97 22.61
N GLU F 64 10.73 -15.92 22.41
CA GLU F 64 11.78 -15.82 21.37
C GLU F 64 11.23 -15.93 19.94
N LYS F 65 10.20 -16.78 19.72
CA LYS F 65 9.61 -17.05 18.40
C LYS F 65 9.01 -15.81 17.69
N GLU F 66 8.85 -15.93 16.35
CA GLU F 66 8.33 -14.98 15.34
C GLU F 66 8.52 -13.48 15.72
N GLY F 67 9.78 -13.06 15.75
CA GLY F 67 10.19 -11.69 16.02
C GLY F 67 9.79 -11.12 17.38
N ASN F 68 9.66 -12.01 18.40
CA ASN F 68 9.27 -11.72 19.78
C ASN F 68 7.94 -10.94 19.82
N ASP F 69 6.96 -11.35 19.00
CA ASP F 69 5.67 -10.66 18.92
C ASP F 69 4.74 -11.01 20.09
N LEU F 70 5.07 -12.07 20.88
CA LEU F 70 4.25 -12.50 22.02
C LEU F 70 4.05 -11.34 23.00
N THR F 71 2.81 -10.90 23.13
CA THR F 71 2.41 -9.74 23.94
C THR F 71 1.48 -10.14 25.08
N TYR F 72 0.62 -11.14 24.87
CA TYR F 72 -0.35 -11.55 25.90
C TYR F 72 -0.32 -13.04 26.16
N VAL F 73 -0.55 -13.40 27.42
CA VAL F 73 -0.68 -14.79 27.85
C VAL F 73 -1.92 -14.85 28.72
N LEU F 74 -2.89 -15.68 28.32
CA LEU F 74 -4.10 -15.89 29.11
C LEU F 74 -4.03 -17.29 29.72
N LEU F 75 -4.06 -17.35 31.06
CA LEU F 75 -4.05 -18.61 31.81
C LEU F 75 -5.49 -18.99 32.09
N VAL F 76 -5.88 -20.25 31.77
CA VAL F 76 -7.24 -20.75 31.98
C VAL F 76 -7.22 -21.75 33.14
N GLY F 77 -8.10 -21.56 34.13
CA GLY F 77 -8.21 -22.44 35.28
C GLY F 77 -7.76 -21.80 36.57
N ASP F 78 -8.12 -22.42 37.71
CA ASP F 78 -7.74 -21.94 39.04
C ASP F 78 -6.28 -22.35 39.36
N HIS F 79 -5.79 -22.07 40.60
CA HIS F 79 -4.42 -22.41 41.02
C HIS F 79 -4.14 -23.92 40.86
N LYS F 80 -5.14 -24.78 41.16
CA LYS F 80 -5.00 -26.24 41.03
C LYS F 80 -4.75 -26.65 39.56
N ASP F 81 -5.41 -25.95 38.61
CA ASP F 81 -5.27 -26.20 37.17
C ASP F 81 -3.94 -25.69 36.66
N ILE F 82 -3.70 -24.36 36.78
CA ILE F 82 -2.45 -23.71 36.40
C ILE F 82 -1.97 -22.96 37.65
N PRO F 83 -0.84 -23.36 38.26
CA PRO F 83 -0.41 -22.70 39.49
C PRO F 83 0.21 -21.33 39.26
N ALA F 84 0.17 -20.51 40.32
CA ALA F 84 0.82 -19.21 40.37
C ALA F 84 2.21 -19.45 40.88
N LYS F 85 3.15 -18.55 40.56
CA LYS F 85 4.52 -18.69 41.06
C LYS F 85 4.53 -18.27 42.53
N ILE F 86 5.07 -19.14 43.40
CA ILE F 86 5.13 -18.87 44.83
C ILE F 86 6.59 -18.76 45.26
N THR F 87 6.95 -17.60 45.81
CA THR F 87 8.27 -17.26 46.35
C THR F 87 8.02 -16.58 47.72
N PRO F 88 9.02 -16.47 48.65
CA PRO F 88 8.73 -15.85 49.97
C PRO F 88 7.93 -14.53 49.89
N GLY F 89 6.73 -14.58 50.48
CA GLY F 89 5.79 -13.46 50.55
C GLY F 89 5.17 -13.03 49.23
N ILE F 90 5.29 -13.88 48.18
CA ILE F 90 4.77 -13.58 46.85
C ILE F 90 3.97 -14.75 46.25
N LYS F 91 2.80 -14.42 45.69
CA LYS F 91 1.91 -15.29 44.90
C LYS F 91 1.72 -14.51 43.62
N SER F 92 2.28 -15.01 42.49
CA SER F 92 2.26 -14.19 41.28
C SER F 92 1.98 -14.93 39.98
N ASP F 93 1.25 -14.23 39.11
CA ASP F 93 0.95 -14.59 37.73
C ASP F 93 1.75 -13.64 36.83
N GLN F 94 1.90 -12.37 37.28
CA GLN F 94 2.60 -11.28 36.58
C GLN F 94 4.05 -11.61 36.27
N VAL F 95 4.76 -12.34 37.18
CA VAL F 95 6.17 -12.73 37.00
C VAL F 95 6.39 -13.56 35.72
N TYR F 96 5.33 -14.26 35.23
CA TYR F 96 5.38 -15.04 33.98
C TYR F 96 5.68 -14.16 32.77
N GLY F 97 5.32 -12.87 32.86
CA GLY F 97 5.56 -11.88 31.80
C GLY F 97 6.88 -11.13 31.95
N GLN F 98 7.62 -11.39 33.05
CA GLN F 98 8.93 -10.79 33.32
C GLN F 98 9.97 -11.75 32.75
N ILE F 99 10.28 -11.58 31.46
CA ILE F 99 11.15 -12.50 30.72
C ILE F 99 12.56 -11.90 30.49
N VAL F 100 12.66 -10.66 29.96
CA VAL F 100 13.95 -10.04 29.65
C VAL F 100 14.40 -9.12 30.79
N GLY F 101 15.56 -9.46 31.34
CA GLY F 101 16.20 -8.70 32.41
C GLY F 101 15.82 -9.11 33.80
N ASN F 102 16.75 -8.89 34.74
CA ASN F 102 16.55 -9.15 36.17
C ASN F 102 15.87 -7.92 36.75
N ASP F 103 14.56 -7.78 36.44
CA ASP F 103 13.71 -6.66 36.84
C ASP F 103 12.24 -7.08 36.82
N HIS F 104 11.35 -6.20 37.28
CA HIS F 104 9.92 -6.46 37.38
C HIS F 104 9.13 -5.77 36.26
N TYR F 105 9.84 -5.30 35.21
CA TYR F 105 9.20 -4.66 34.07
C TYR F 105 8.80 -5.75 33.08
N ASN F 106 7.49 -6.02 33.01
CA ASN F 106 6.92 -7.04 32.16
C ASN F 106 7.09 -6.74 30.68
N GLU F 107 7.42 -7.80 29.92
CA GLU F 107 7.55 -7.82 28.47
C GLU F 107 6.20 -8.24 27.89
N VAL F 108 5.52 -9.16 28.61
CA VAL F 108 4.24 -9.77 28.23
C VAL F 108 3.20 -9.50 29.32
N PHE F 109 1.96 -9.20 28.92
CA PHE F 109 0.83 -8.96 29.81
C PHE F 109 0.16 -10.30 30.12
N ILE F 110 0.00 -10.59 31.42
CA ILE F 110 -0.58 -11.84 31.91
C ILE F 110 -1.98 -11.58 32.47
N GLY F 111 -2.90 -12.48 32.13
CA GLY F 111 -4.28 -12.47 32.60
C GLY F 111 -4.75 -13.88 32.90
N ARG F 112 -5.79 -14.00 33.73
CA ARG F 112 -6.29 -15.32 34.08
C ARG F 112 -7.82 -15.42 34.10
N PHE F 113 -8.34 -16.50 33.48
CA PHE F 113 -9.74 -16.93 33.51
C PHE F 113 -9.79 -18.03 34.56
N SER F 114 -9.93 -17.67 35.86
CA SER F 114 -9.95 -18.65 36.95
C SER F 114 -11.29 -19.36 37.00
N CYS F 115 -11.24 -20.69 36.80
CA CYS F 115 -12.44 -21.52 36.76
C CYS F 115 -12.24 -22.84 37.48
N GLU F 116 -13.34 -23.36 38.05
CA GLU F 116 -13.39 -24.64 38.75
C GLU F 116 -14.49 -25.55 38.14
N SER F 117 -15.13 -25.07 37.07
CA SER F 117 -16.17 -25.75 36.31
C SER F 117 -16.19 -25.25 34.88
N LYS F 118 -16.88 -25.96 33.97
CA LYS F 118 -17.03 -25.57 32.57
C LYS F 118 -17.88 -24.29 32.46
N GLU F 119 -18.84 -24.10 33.39
CA GLU F 119 -19.70 -22.91 33.45
C GLU F 119 -18.90 -21.66 33.79
N ASP F 120 -17.89 -21.78 34.69
CA ASP F 120 -17.02 -20.68 35.10
C ASP F 120 -16.21 -20.16 33.92
N LEU F 121 -15.77 -21.08 33.04
CA LEU F 121 -15.01 -20.73 31.84
C LEU F 121 -15.95 -20.11 30.80
N LYS F 122 -17.08 -20.79 30.50
CA LYS F 122 -18.07 -20.36 29.52
C LYS F 122 -18.51 -18.90 29.74
N THR F 123 -18.84 -18.52 30.99
CA THR F 123 -19.28 -17.17 31.33
C THR F 123 -18.16 -16.12 31.15
N GLN F 124 -16.88 -16.49 31.36
CA GLN F 124 -15.76 -15.57 31.19
C GLN F 124 -15.46 -15.38 29.70
N ILE F 125 -15.68 -16.43 28.88
CA ILE F 125 -15.52 -16.36 27.42
C ILE F 125 -16.65 -15.49 26.85
N ASP F 126 -17.92 -15.83 27.20
CA ASP F 126 -19.12 -15.13 26.74
C ASP F 126 -19.11 -13.63 27.05
N ARG F 127 -18.67 -13.24 28.27
CA ARG F 127 -18.66 -11.84 28.67
C ARG F 127 -17.59 -11.05 27.90
N THR F 128 -16.45 -11.68 27.59
CA THR F 128 -15.35 -11.06 26.86
C THR F 128 -15.76 -10.85 25.39
N ILE F 129 -16.32 -11.90 24.73
CA ILE F 129 -16.75 -11.81 23.34
C ILE F 129 -17.86 -10.76 23.20
N HIS F 130 -18.89 -10.78 24.09
CA HIS F 130 -20.01 -9.83 24.04
C HIS F 130 -19.53 -8.38 24.18
N TYR F 131 -18.60 -8.11 25.12
CA TYR F 131 -18.03 -6.78 25.39
C TYR F 131 -17.33 -6.20 24.17
N GLU F 132 -16.57 -7.04 23.47
CA GLU F 132 -15.79 -6.62 22.32
C GLU F 132 -16.59 -6.62 21.02
N ARG F 133 -17.54 -7.57 20.87
CA ARG F 133 -18.30 -7.75 19.64
C ARG F 133 -19.72 -7.17 19.63
N ASN F 134 -20.49 -7.33 20.72
CA ASN F 134 -21.92 -7.04 20.73
C ASN F 134 -22.39 -5.74 21.40
N ILE F 135 -21.48 -4.93 22.00
CA ILE F 135 -21.88 -3.69 22.64
C ILE F 135 -22.33 -2.67 21.55
N THR F 136 -23.49 -2.00 21.75
CA THR F 136 -24.07 -1.03 20.81
C THR F 136 -24.27 0.34 21.47
N THR F 137 -24.84 1.30 20.71
CA THR F 137 -25.15 2.66 21.18
C THR F 137 -26.25 2.63 22.26
N GLU F 138 -26.96 1.48 22.38
CA GLU F 138 -28.04 1.24 23.34
C GLU F 138 -27.50 0.83 24.72
N ASP F 139 -26.19 0.53 24.83
CA ASP F 139 -25.54 0.16 26.08
C ASP F 139 -25.20 1.45 26.85
N LYS F 140 -26.25 2.06 27.45
CA LYS F 140 -26.21 3.34 28.16
C LYS F 140 -25.63 3.26 29.58
N TRP F 141 -25.38 2.03 30.08
CA TRP F 141 -24.76 1.79 31.39
C TRP F 141 -23.27 2.19 31.35
N LEU F 142 -22.69 2.30 30.14
CA LEU F 142 -21.30 2.72 29.91
C LEU F 142 -21.14 4.23 30.20
N GLY F 143 -19.91 4.64 30.49
CA GLY F 143 -19.63 6.03 30.83
C GLY F 143 -20.12 6.37 32.23
N GLN F 144 -20.32 5.34 33.06
CA GLN F 144 -20.77 5.48 34.45
C GLN F 144 -19.79 4.74 35.34
N ALA F 145 -19.24 5.45 36.34
CA ALA F 145 -18.22 4.90 37.22
C ALA F 145 -18.62 4.88 38.70
N LEU F 146 -18.03 3.94 39.44
CA LEU F 146 -18.22 3.78 40.88
C LEU F 146 -16.89 4.04 41.60
N CYS F 147 -16.87 5.02 42.51
CA CYS F 147 -15.70 5.38 43.32
C CYS F 147 -15.96 4.96 44.77
N ILE F 148 -15.12 4.08 45.32
CA ILE F 148 -15.27 3.58 46.70
C ILE F 148 -14.00 3.91 47.49
N ALA F 149 -14.17 4.43 48.73
CA ALA F 149 -13.03 4.81 49.56
C ALA F 149 -13.29 4.62 51.05
N SER F 150 -12.21 4.29 51.79
CA SER F 150 -12.22 4.19 53.24
C SER F 150 -12.17 5.60 53.84
N ALA F 151 -12.46 5.73 55.14
CA ALA F 151 -12.41 7.02 55.85
C ALA F 151 -11.01 7.29 56.43
N GLU F 152 -9.99 6.57 55.94
CA GLU F 152 -8.60 6.67 56.41
C GLU F 152 -7.68 7.30 55.36
N GLY F 153 -6.43 7.56 55.76
CA GLY F 153 -5.40 8.15 54.91
C GLY F 153 -5.18 9.62 55.24
N GLY F 154 -3.98 10.12 54.95
CA GLY F 154 -3.63 11.52 55.24
C GLY F 154 -2.36 12.03 54.61
N PRO F 155 -1.61 12.94 55.31
CA PRO F 155 -0.40 13.54 54.72
C PRO F 155 0.72 12.58 54.34
N SER F 156 0.81 11.40 55.01
CA SER F 156 1.84 10.38 54.76
C SER F 156 1.51 9.47 53.56
N ALA F 157 0.28 9.55 53.01
CA ALA F 157 -0.16 8.75 51.86
C ALA F 157 0.32 9.36 50.51
N ASP F 158 0.03 8.69 49.38
CA ASP F 158 0.41 9.16 48.04
C ASP F 158 -0.28 10.49 47.71
N ASN F 159 0.55 11.53 47.40
CA ASN F 159 0.15 12.93 47.13
C ASN F 159 -0.53 13.57 48.36
N GLY F 160 -0.22 13.03 49.54
CA GLY F 160 -0.73 13.47 50.83
C GLY F 160 -2.25 13.44 50.96
N GLU F 161 -2.91 12.60 50.16
CA GLU F 161 -4.36 12.51 50.16
C GLU F 161 -4.90 11.32 50.91
N SER F 162 -6.07 11.51 51.54
CA SER F 162 -6.82 10.43 52.17
C SER F 162 -7.39 9.59 51.05
N ASP F 163 -7.92 8.38 51.33
CA ASP F 163 -8.50 7.55 50.29
C ASP F 163 -9.68 8.26 49.60
N ILE F 164 -10.47 9.06 50.37
CA ILE F 164 -11.59 9.86 49.89
C ILE F 164 -11.08 10.97 48.94
N GLN F 165 -10.05 11.74 49.36
CA GLN F 165 -9.45 12.80 48.53
C GLN F 165 -8.86 12.22 47.24
N HIS F 166 -8.21 11.04 47.35
CA HIS F 166 -7.62 10.30 46.24
C HIS F 166 -8.71 9.88 45.25
N GLU F 167 -9.84 9.32 45.73
CA GLU F 167 -10.97 8.91 44.88
C GLU F 167 -11.74 10.11 44.30
N ASN F 168 -11.74 11.26 44.98
CA ASN F 168 -12.40 12.49 44.49
C ASN F 168 -11.64 13.07 43.29
N ILE F 169 -10.30 12.94 43.27
CA ILE F 169 -9.43 13.39 42.18
C ILE F 169 -9.66 12.47 40.96
N ILE F 170 -9.81 11.15 41.20
CA ILE F 170 -10.10 10.15 40.16
C ILE F 170 -11.45 10.47 39.52
N ALA F 171 -12.46 10.74 40.37
CA ALA F 171 -13.83 11.09 39.97
C ALA F 171 -13.83 12.31 39.04
N ASN F 172 -13.04 13.35 39.37
CA ASN F 172 -12.91 14.57 38.56
C ASN F 172 -12.27 14.29 37.22
N LEU F 173 -11.22 13.42 37.19
CA LEU F 173 -10.50 13.03 35.98
C LEU F 173 -11.45 12.30 35.01
N LEU F 174 -12.29 11.41 35.54
CA LEU F 174 -13.25 10.60 34.77
C LEU F 174 -14.35 11.48 34.18
N THR F 175 -14.87 12.43 34.97
CA THR F 175 -15.92 13.39 34.58
C THR F 175 -15.38 14.27 33.43
N GLN F 176 -14.13 14.77 33.56
CA GLN F 176 -13.46 15.60 32.56
C GLN F 176 -13.31 14.84 31.23
N TYR F 177 -13.03 13.53 31.32
CA TYR F 177 -12.84 12.66 30.17
C TYR F 177 -14.14 12.42 29.40
N GLY F 178 -15.27 12.37 30.13
CA GLY F 178 -16.57 12.15 29.52
C GLY F 178 -17.55 11.28 30.30
N TYR F 179 -17.12 10.71 31.44
CA TYR F 179 -17.99 9.87 32.28
C TYR F 179 -19.17 10.72 32.75
N THR F 180 -20.38 10.31 32.36
CA THR F 180 -21.63 11.03 32.62
C THR F 180 -22.15 10.85 34.04
N LYS F 181 -21.70 9.83 34.77
CA LYS F 181 -22.15 9.61 36.14
C LYS F 181 -21.07 9.00 37.01
N ILE F 182 -20.90 9.55 38.23
CA ILE F 182 -19.96 9.05 39.22
C ILE F 182 -20.74 8.71 40.49
N ILE F 183 -20.67 7.45 40.92
CA ILE F 183 -21.31 7.00 42.15
C ILE F 183 -20.21 6.93 43.21
N LYS F 184 -20.36 7.74 44.28
CA LYS F 184 -19.38 7.79 45.37
C LYS F 184 -19.90 7.05 46.60
N CYS F 185 -19.16 6.01 47.00
CA CYS F 185 -19.47 5.20 48.18
C CYS F 185 -18.30 5.33 49.15
N TYR F 186 -18.35 6.39 49.99
CA TYR F 186 -17.28 6.69 50.94
C TYR F 186 -17.69 6.36 52.38
N ASP F 187 -16.77 5.73 53.14
CA ASP F 187 -16.98 5.37 54.54
C ASP F 187 -17.02 6.65 55.41
N PRO F 188 -17.73 6.67 56.56
CA PRO F 188 -18.47 5.55 57.18
C PRO F 188 -19.89 5.35 56.63
N GLY F 189 -20.42 4.15 56.82
CA GLY F 189 -21.79 3.82 56.46
C GLY F 189 -22.07 3.09 55.17
N VAL F 190 -21.04 2.76 54.38
CA VAL F 190 -21.26 2.03 53.13
C VAL F 190 -21.69 0.60 53.48
N THR F 191 -22.78 0.15 52.86
CA THR F 191 -23.37 -1.17 53.09
C THR F 191 -23.21 -2.05 51.83
N PRO F 192 -23.40 -3.39 51.92
CA PRO F 192 -23.28 -4.22 50.69
C PRO F 192 -24.33 -3.82 49.66
N LYS F 193 -25.54 -3.38 50.11
CA LYS F 193 -26.66 -2.93 49.26
C LYS F 193 -26.24 -1.76 48.37
N ASN F 194 -25.40 -0.83 48.88
CA ASN F 194 -24.90 0.31 48.12
C ASN F 194 -24.12 -0.12 46.88
N ILE F 195 -23.29 -1.17 47.03
CA ILE F 195 -22.47 -1.73 45.95
C ILE F 195 -23.37 -2.53 44.98
N ILE F 196 -24.28 -3.37 45.52
CA ILE F 196 -25.23 -4.18 44.75
C ILE F 196 -26.04 -3.25 43.81
N ASP F 197 -26.61 -2.15 44.36
CA ASP F 197 -27.40 -1.16 43.63
C ASP F 197 -26.58 -0.43 42.56
N ALA F 198 -25.30 -0.16 42.82
CA ALA F 198 -24.42 0.52 41.86
C ALA F 198 -24.17 -0.37 40.64
N PHE F 199 -23.90 -1.69 40.86
CA PHE F 199 -23.69 -2.69 39.82
C PHE F 199 -24.96 -2.90 38.98
N ASN F 200 -26.12 -3.09 39.66
CA ASN F 200 -27.42 -3.34 39.02
C ASN F 200 -27.95 -2.11 38.29
N GLY F 201 -27.58 -0.91 38.75
CA GLY F 201 -27.95 0.34 38.11
C GLY F 201 -27.20 0.55 36.80
N GLY F 202 -26.03 -0.09 36.69
CA GLY F 202 -25.18 -0.06 35.50
C GLY F 202 -23.96 0.83 35.64
N ILE F 203 -22.76 0.21 35.59
CA ILE F 203 -21.46 0.89 35.67
C ILE F 203 -20.48 0.20 34.73
N SER F 204 -19.55 0.96 34.13
CA SER F 204 -18.53 0.42 33.22
C SER F 204 -17.14 0.39 33.89
N LEU F 205 -17.00 1.10 35.02
CA LEU F 205 -15.74 1.20 35.75
C LEU F 205 -15.99 1.31 37.25
N ALA F 206 -15.12 0.67 38.05
CA ALA F 206 -15.14 0.78 39.50
C ALA F 206 -13.73 0.93 40.02
N ASN F 207 -13.56 1.87 40.94
CA ASN F 207 -12.28 2.16 41.60
C ASN F 207 -12.51 1.98 43.09
N TYR F 208 -11.66 1.17 43.74
CA TYR F 208 -11.72 0.93 45.17
C TYR F 208 -10.38 1.30 45.81
N THR F 209 -10.44 1.99 46.96
CA THR F 209 -9.27 2.35 47.77
C THR F 209 -9.62 2.18 49.24
N GLY F 210 -9.05 1.16 49.87
CA GLY F 210 -9.26 0.87 51.28
C GLY F 210 -8.67 -0.44 51.75
N HIS F 211 -9.33 -1.08 52.72
CA HIS F 211 -8.94 -2.38 53.27
C HIS F 211 -9.70 -3.49 52.58
N GLY F 212 -9.16 -4.69 52.63
CA GLY F 212 -9.78 -5.85 52.04
C GLY F 212 -9.39 -7.16 52.69
N SER F 213 -10.28 -8.16 52.53
CA SER F 213 -10.09 -9.53 52.98
C SER F 213 -10.09 -10.39 51.71
N GLU F 214 -9.84 -11.70 51.82
CA GLU F 214 -9.81 -12.57 50.64
C GLU F 214 -11.14 -12.60 49.89
N THR F 215 -12.26 -12.41 50.61
CA THR F 215 -13.60 -12.53 50.04
C THR F 215 -14.43 -11.25 50.07
N ALA F 216 -13.94 -10.14 50.68
CA ALA F 216 -14.76 -8.92 50.76
C ALA F 216 -13.97 -7.62 50.78
N TRP F 217 -14.72 -6.51 50.60
CA TRP F 217 -14.25 -5.13 50.70
C TRP F 217 -14.48 -4.64 52.13
N GLY F 218 -13.47 -4.03 52.73
CA GLY F 218 -13.54 -3.48 54.08
C GLY F 218 -14.57 -2.36 54.15
N THR F 219 -14.56 -1.49 53.11
CA THR F 219 -15.51 -0.40 52.95
C THR F 219 -16.66 -0.99 52.15
N SER F 220 -17.84 -1.10 52.79
CA SER F 220 -19.13 -1.64 52.29
C SER F 220 -19.46 -3.00 52.87
N HIS F 221 -18.44 -3.86 53.07
CA HIS F 221 -18.56 -5.24 53.52
C HIS F 221 -19.20 -6.11 52.42
N PHE F 222 -19.16 -5.61 51.16
CA PHE F 222 -19.62 -6.33 49.97
C PHE F 222 -18.59 -7.41 49.69
N GLY F 223 -19.06 -8.65 49.58
CA GLY F 223 -18.20 -9.81 49.33
C GLY F 223 -18.80 -10.86 48.43
N THR F 224 -18.12 -12.03 48.39
CA THR F 224 -18.47 -13.20 47.58
C THR F 224 -19.91 -13.70 47.82
N THR F 225 -20.44 -13.55 49.05
CA THR F 225 -21.80 -13.99 49.39
C THR F 225 -22.87 -13.08 48.76
N HIS F 226 -22.55 -11.79 48.52
CA HIS F 226 -23.48 -10.82 47.95
C HIS F 226 -23.47 -10.82 46.40
N VAL F 227 -22.52 -11.52 45.78
CA VAL F 227 -22.36 -11.58 44.32
C VAL F 227 -23.61 -12.19 43.63
N LYS F 228 -24.31 -13.14 44.30
CA LYS F 228 -25.53 -13.78 43.74
C LYS F 228 -26.73 -12.78 43.66
N GLN F 229 -26.60 -11.61 44.30
CA GLN F 229 -27.62 -10.55 44.30
C GLN F 229 -27.46 -9.60 43.10
N LEU F 230 -26.36 -9.74 42.33
CA LEU F 230 -26.10 -8.91 41.16
C LEU F 230 -26.92 -9.37 39.97
N THR F 231 -27.54 -8.41 39.26
CA THR F 231 -28.41 -8.64 38.11
C THR F 231 -27.93 -7.88 36.85
N ASN F 232 -26.68 -7.40 36.85
CA ASN F 232 -26.11 -6.61 35.74
C ASN F 232 -25.74 -7.51 34.55
N SER F 233 -26.75 -8.17 33.96
CA SER F 233 -26.59 -9.08 32.82
C SER F 233 -25.94 -8.38 31.62
N ASN F 234 -24.66 -8.73 31.37
CA ASN F 234 -23.79 -8.21 30.30
C ASN F 234 -23.62 -6.67 30.36
N GLN F 235 -23.65 -6.11 31.59
CA GLN F 235 -23.44 -4.70 31.92
C GLN F 235 -22.35 -4.73 32.95
N LEU F 236 -21.14 -5.08 32.50
CA LEU F 236 -20.05 -5.36 33.41
C LEU F 236 -18.93 -4.32 33.43
N PRO F 237 -18.61 -3.83 34.64
CA PRO F 237 -17.46 -2.92 34.76
C PRO F 237 -16.15 -3.67 34.87
N PHE F 238 -15.03 -2.97 34.66
CA PHE F 238 -13.70 -3.48 34.94
C PHE F 238 -13.25 -2.71 36.19
N ILE F 239 -12.48 -3.34 37.09
CA ILE F 239 -12.15 -2.72 38.38
C ILE F 239 -10.64 -2.58 38.64
N PHE F 240 -10.24 -1.39 39.11
CA PHE F 240 -8.89 -1.10 39.60
C PHE F 240 -9.02 -1.18 41.12
N ASP F 241 -8.60 -2.31 41.70
CA ASP F 241 -8.81 -2.58 43.12
C ASP F 241 -7.58 -2.40 44.01
N VAL F 242 -7.62 -1.35 44.86
CA VAL F 242 -6.58 -1.08 45.86
C VAL F 242 -7.13 -1.61 47.20
N ALA F 243 -6.74 -2.84 47.53
CA ALA F 243 -7.15 -3.58 48.71
C ALA F 243 -6.26 -4.79 48.92
N VAL F 245 -5.38 -8.73 49.72
CA VAL F 245 -5.72 -10.14 49.41
C VAL F 245 -7.03 -10.40 48.59
N ASN F 246 -7.67 -9.38 48.00
CA ASN F 246 -8.90 -9.54 47.19
C ASN F 246 -8.69 -10.47 45.98
N GLY F 247 -7.45 -10.55 45.51
CA GLY F 247 -7.05 -11.41 44.40
C GLY F 247 -6.32 -12.66 44.80
N ASP F 248 -6.40 -13.07 46.10
CA ASP F 248 -5.75 -14.30 46.56
C ASP F 248 -6.59 -15.50 46.11
N PHE F 249 -6.39 -15.91 44.85
CA PHE F 249 -7.14 -17.00 44.23
C PHE F 249 -6.65 -18.38 44.72
N LEU F 250 -5.64 -18.39 45.62
CA LEU F 250 -5.07 -19.59 46.22
C LEU F 250 -5.80 -19.96 47.52
N TYR F 251 -6.73 -19.08 47.96
CA TYR F 251 -7.55 -19.23 49.17
C TYR F 251 -8.44 -20.48 49.07
N ASN F 252 -8.83 -21.06 50.23
CA ASN F 252 -9.62 -22.30 50.32
C ASN F 252 -11.04 -22.17 49.74
N VAL F 253 -11.58 -20.94 49.65
CA VAL F 253 -12.89 -20.67 49.03
C VAL F 253 -12.65 -19.67 47.89
N PRO F 254 -13.54 -19.52 46.86
CA PRO F 254 -13.27 -18.53 45.79
C PRO F 254 -13.05 -17.13 46.36
N CYS F 255 -11.96 -16.45 45.90
CA CYS F 255 -11.65 -15.11 46.39
C CYS F 255 -12.59 -14.08 45.73
N PHE F 256 -12.58 -12.82 46.26
CA PHE F 256 -13.40 -11.69 45.83
C PHE F 256 -13.41 -11.51 44.29
N ALA F 257 -12.22 -11.46 43.67
CA ALA F 257 -12.06 -11.29 42.22
C ALA F 257 -12.63 -12.47 41.43
N GLU F 258 -12.42 -13.71 41.92
CA GLU F 258 -12.93 -14.93 41.30
C GLU F 258 -14.46 -14.98 41.29
N ALA F 259 -15.11 -14.63 42.43
CA ALA F 259 -16.57 -14.63 42.53
C ALA F 259 -17.21 -13.64 41.52
N LEU F 260 -16.59 -12.45 41.33
CA LEU F 260 -17.10 -11.44 40.41
C LEU F 260 -16.89 -11.83 38.94
N MET F 261 -15.82 -12.60 38.65
CA MET F 261 -15.50 -13.09 37.31
C MET F 261 -16.38 -14.28 36.88
N ARG F 262 -16.78 -15.12 37.86
CA ARG F 262 -17.55 -16.35 37.62
C ARG F 262 -19.08 -16.17 37.78
N ALA F 263 -19.53 -14.99 38.26
CA ALA F 263 -20.94 -14.66 38.52
C ALA F 263 -21.84 -14.82 37.29
N GLN F 264 -22.98 -15.49 37.50
CA GLN F 264 -24.01 -15.76 36.51
C GLN F 264 -25.40 -15.62 37.10
N LYS F 265 -26.34 -15.15 36.27
CA LYS F 265 -27.76 -15.03 36.63
C LYS F 265 -28.57 -15.42 35.41
N ASP F 266 -29.27 -16.58 35.49
CA ASP F 266 -30.09 -17.18 34.45
C ASP F 266 -29.28 -17.42 33.15
N GLY F 267 -28.05 -17.90 33.32
CA GLY F 267 -27.15 -18.19 32.21
C GLY F 267 -26.49 -16.98 31.57
N LYS F 268 -26.74 -15.77 32.11
CA LYS F 268 -26.17 -14.52 31.60
C LYS F 268 -25.05 -14.03 32.53
N PRO F 269 -23.95 -13.45 31.98
CA PRO F 269 -22.85 -13.00 32.86
C PRO F 269 -23.19 -11.76 33.69
N THR F 270 -22.85 -11.83 34.99
CA THR F 270 -22.99 -10.75 35.97
C THR F 270 -21.61 -10.53 36.61
N GLY F 271 -21.47 -9.47 37.39
CA GLY F 271 -20.21 -9.16 38.06
C GLY F 271 -19.31 -8.27 37.23
N THR F 272 -18.07 -8.72 36.97
CA THR F 272 -17.07 -7.93 36.26
C THR F 272 -16.56 -8.58 34.98
N VAL F 273 -16.12 -7.73 34.00
CA VAL F 273 -15.55 -8.18 32.74
C VAL F 273 -14.04 -8.44 32.98
N ALA F 274 -13.44 -7.70 33.94
CA ALA F 274 -12.02 -7.77 34.33
C ALA F 274 -11.81 -7.05 35.67
N ILE F 275 -10.78 -7.46 36.42
CA ILE F 275 -10.43 -6.85 37.70
C ILE F 275 -8.96 -7.12 37.99
N ILE F 276 -8.25 -6.10 38.51
CA ILE F 276 -6.87 -6.24 38.94
C ILE F 276 -6.91 -6.17 40.47
N ALA F 277 -6.55 -7.29 41.12
CA ALA F 277 -6.61 -7.42 42.58
C ALA F 277 -5.38 -8.16 43.10
N SER F 278 -4.92 -7.79 44.31
CA SER F 278 -3.71 -8.30 44.95
C SER F 278 -3.88 -9.67 45.60
N THR F 279 -2.87 -10.53 45.46
CA THR F 279 -2.84 -11.87 46.08
C THR F 279 -2.40 -11.78 47.55
N ILE F 280 -1.77 -10.65 47.95
CA ILE F 280 -1.23 -10.40 49.28
C ILE F 280 -1.73 -9.06 49.85
N ASN F 281 -1.27 -8.71 51.07
CA ASN F 281 -1.58 -7.43 51.69
C ASN F 281 -0.87 -6.34 50.91
N GLN F 282 -1.57 -5.24 50.61
CA GLN F 282 -1.01 -4.14 49.86
C GLN F 282 -0.48 -3.05 50.77
N SER F 283 0.51 -2.30 50.27
CA SER F 283 1.07 -1.13 50.95
C SER F 283 0.06 0.02 50.83
N TRP F 284 0.22 1.09 51.61
CA TRP F 284 -0.74 2.18 51.57
C TRP F 284 -0.58 3.09 50.35
N ALA F 285 0.63 3.63 50.12
CA ALA F 285 0.90 4.64 49.12
C ALA F 285 1.18 4.15 47.69
N SER F 286 2.07 3.13 47.50
CA SER F 286 2.42 2.67 46.14
C SER F 286 1.19 2.25 45.29
N PRO F 287 0.18 1.45 45.76
CA PRO F 287 -0.95 1.10 44.90
C PRO F 287 -1.82 2.30 44.51
N MET F 288 -1.85 3.38 45.33
CA MET F 288 -2.58 4.62 45.04
C MET F 288 -2.00 5.29 43.77
N ARG F 289 -0.66 5.27 43.65
CA ARG F 289 0.09 5.79 42.51
C ARG F 289 -0.24 4.97 41.27
N GLY F 290 -0.22 3.64 41.40
CA GLY F 290 -0.54 2.69 40.34
C GLY F 290 -1.96 2.90 39.83
N GLN F 291 -2.94 3.02 40.77
CA GLN F 291 -4.36 3.23 40.49
C GLN F 291 -4.58 4.56 39.74
N ASP F 292 -3.89 5.64 40.17
CA ASP F 292 -3.95 6.95 39.52
C ASP F 292 -3.50 6.88 38.08
N GLU F 293 -2.34 6.26 37.86
CA GLU F 293 -1.72 6.11 36.54
C GLU F 293 -2.62 5.27 35.64
N MET F 294 -3.25 4.19 36.18
CA MET F 294 -4.20 3.34 35.45
C MET F 294 -5.34 4.18 34.87
N ASN F 295 -5.95 5.03 35.72
CA ASN F 295 -7.06 5.92 35.35
C ASN F 295 -6.61 7.01 34.37
N GLU F 296 -5.36 7.51 34.52
CA GLU F 296 -4.79 8.50 33.61
C GLU F 296 -4.52 7.91 32.23
N ILE F 297 -4.03 6.64 32.17
CA ILE F 297 -3.76 5.93 30.90
C ILE F 297 -5.09 5.60 30.23
N LEU F 298 -6.11 5.24 31.03
CA LEU F 298 -7.47 4.96 30.55
C LEU F 298 -8.09 6.22 29.94
N CYS F 299 -7.84 7.39 30.57
CA CYS F 299 -8.39 8.67 30.11
C CYS F 299 -7.47 9.38 29.08
N GLU F 300 -6.59 8.63 28.39
CA GLU F 300 -5.74 9.17 27.33
C GLU F 300 -6.53 9.19 26.04
N LYS F 301 -6.60 10.37 25.39
CA LYS F 301 -7.33 10.57 24.14
C LYS F 301 -6.58 9.92 22.97
N HIS F 302 -5.23 10.05 22.94
CA HIS F 302 -4.36 9.49 21.90
C HIS F 302 -4.48 7.95 21.86
N PRO F 303 -4.88 7.36 20.71
CA PRO F 303 -5.07 5.91 20.65
C PRO F 303 -3.78 5.13 20.40
N ASN F 304 -3.63 4.03 21.17
CA ASN F 304 -2.51 3.06 21.19
C ASN F 304 -3.15 1.69 21.50
N ASN F 305 -2.99 0.68 20.61
CA ASN F 305 -3.73 -0.59 20.73
C ASN F 305 -3.39 -1.43 21.97
N ILE F 306 -2.13 -1.46 22.44
CA ILE F 306 -1.77 -2.19 23.64
C ILE F 306 -2.30 -1.44 24.88
N LYS F 307 -2.16 -0.09 24.91
CA LYS F 307 -2.66 0.75 26.00
C LYS F 307 -4.20 0.93 25.91
N ARG F 308 -4.84 0.17 25.03
CA ARG F 308 -6.29 0.13 24.84
C ARG F 308 -6.83 -1.18 25.44
N THR F 309 -5.92 -2.04 25.94
CA THR F 309 -6.25 -3.34 26.53
C THR F 309 -6.16 -3.25 28.05
N PHE F 310 -6.92 -4.11 28.78
CA PHE F 310 -6.92 -4.13 30.24
C PHE F 310 -5.53 -4.42 30.81
N GLY F 311 -4.81 -5.36 30.18
CA GLY F 311 -3.44 -5.72 30.56
C GLY F 311 -2.48 -4.58 30.34
N GLY F 312 -2.57 -3.93 29.19
CA GLY F 312 -1.74 -2.79 28.83
C GLY F 312 -1.96 -1.57 29.71
N VAL F 313 -3.24 -1.24 30.02
CA VAL F 313 -3.62 -0.09 30.86
C VAL F 313 -3.08 -0.30 32.29
N THR F 314 -3.34 -1.47 32.89
CA THR F 314 -2.95 -1.77 34.27
C THR F 314 -1.43 -1.90 34.42
N MET F 315 -0.76 -2.65 33.53
CA MET F 315 0.71 -2.86 33.60
C MET F 315 1.47 -1.54 33.44
N ASN F 316 1.08 -0.70 32.46
CA ASN F 316 1.73 0.60 32.25
C ASN F 316 1.49 1.54 33.44
N GLY F 317 0.35 1.36 34.13
CA GLY F 317 0.01 2.10 35.33
C GLY F 317 0.93 1.70 36.47
N MET F 318 1.24 0.39 36.57
CA MET F 318 2.11 -0.21 37.59
C MET F 318 3.60 0.10 37.33
N PHE F 319 3.98 0.49 36.10
CA PHE F 319 5.36 0.85 35.77
C PHE F 319 5.78 2.11 36.52
N ALA F 320 4.87 3.10 36.63
CA ALA F 320 5.06 4.36 37.35
C ALA F 320 5.25 4.10 38.85
N MET F 321 4.57 3.06 39.37
CA MET F 321 4.63 2.62 40.75
C MET F 321 6.06 2.12 41.08
N VAL F 322 6.73 1.42 40.13
CA VAL F 322 8.11 0.94 40.31
C VAL F 322 9.08 2.13 40.19
N GLU F 323 8.83 3.02 39.22
CA GLU F 323 9.61 4.23 38.98
C GLU F 323 9.66 5.11 40.25
N LYS F 324 8.54 5.25 40.94
CA LYS F 324 8.42 6.13 42.10
C LYS F 324 8.59 5.45 43.46
N TYR F 325 8.13 4.20 43.63
CA TYR F 325 8.18 3.54 44.94
C TYR F 325 9.19 2.37 45.05
N LYS F 326 9.95 2.10 43.97
CA LYS F 326 11.05 1.13 43.87
C LYS F 326 10.64 -0.30 44.29
N LYS F 327 11.40 -0.93 45.22
CA LYS F 327 11.21 -2.30 45.71
C LYS F 327 9.78 -2.57 46.21
N ASP F 328 9.17 -1.59 46.92
CA ASP F 328 7.80 -1.72 47.38
C ASP F 328 6.83 -1.76 46.19
N GLY F 329 7.10 -0.92 45.18
CA GLY F 329 6.32 -0.87 43.94
C GLY F 329 6.41 -2.16 43.16
N GLU F 330 7.62 -2.77 43.13
CA GLU F 330 7.91 -4.05 42.48
C GLU F 330 7.11 -5.19 43.12
N LYS F 331 7.05 -5.21 44.48
CA LYS F 331 6.32 -6.20 45.26
C LYS F 331 4.82 -6.12 44.94
N MET F 332 4.30 -4.88 44.78
CA MET F 332 2.89 -4.64 44.48
C MET F 332 2.56 -5.03 43.05
N LEU F 333 3.48 -4.75 42.09
CA LEU F 333 3.32 -5.09 40.67
C LEU F 333 3.18 -6.60 40.49
N ASP F 334 4.10 -7.38 41.10
CA ASP F 334 4.14 -8.85 41.02
C ASP F 334 2.84 -9.51 41.49
N THR F 335 2.25 -8.98 42.57
CA THR F 335 1.09 -9.57 43.21
C THR F 335 -0.26 -8.97 42.75
N TRP F 336 -0.25 -7.82 42.04
CA TRP F 336 -1.49 -7.21 41.54
C TRP F 336 -1.89 -7.96 40.26
N THR F 337 -2.73 -8.99 40.46
CA THR F 337 -3.13 -9.99 39.46
C THR F 337 -4.34 -9.59 38.61
N VAL F 338 -4.20 -9.76 37.29
CA VAL F 338 -5.25 -9.52 36.31
C VAL F 338 -6.15 -10.76 36.24
N PHE F 339 -7.44 -10.54 36.52
CA PHE F 339 -8.49 -11.53 36.40
C PHE F 339 -9.30 -11.11 35.19
N GLY F 340 -9.29 -11.96 34.18
CA GLY F 340 -9.94 -11.69 32.91
C GLY F 340 -8.94 -11.68 31.77
N ASP F 341 -9.42 -11.32 30.57
CA ASP F 341 -8.62 -11.30 29.36
C ASP F 341 -7.64 -10.10 29.38
N PRO F 342 -6.29 -10.34 29.33
CA PRO F 342 -5.35 -9.20 29.35
C PRO F 342 -5.39 -8.37 28.07
N SER F 343 -5.91 -8.93 26.98
CA SER F 343 -6.03 -8.25 25.70
C SER F 343 -7.41 -7.59 25.52
N LEU F 344 -8.26 -7.62 26.59
CA LEU F 344 -9.60 -7.04 26.56
C LEU F 344 -9.57 -5.59 26.12
N LEU F 345 -10.26 -5.28 25.01
CA LEU F 345 -10.34 -3.89 24.54
C LEU F 345 -11.34 -3.16 25.44
N VAL F 346 -10.80 -2.37 26.39
CA VAL F 346 -11.57 -1.60 27.38
C VAL F 346 -12.48 -0.56 26.69
N ARG F 347 -13.68 -0.38 27.28
CA ARG F 347 -14.67 0.62 26.85
C ARG F 347 -14.84 1.59 27.99
N THR F 348 -14.80 2.90 27.69
CA THR F 348 -14.94 3.94 28.71
C THR F 348 -16.29 4.63 28.62
N LEU F 349 -16.77 4.91 27.40
CA LEU F 349 -18.01 5.64 27.19
C LEU F 349 -18.97 4.87 26.28
N VAL F 350 -20.23 5.36 26.16
CA VAL F 350 -21.26 4.79 25.28
C VAL F 350 -20.66 4.84 23.86
N PRO F 351 -20.60 3.71 23.13
CA PRO F 351 -19.94 3.76 21.82
C PRO F 351 -20.72 4.53 20.76
N THR F 352 -19.98 4.99 19.74
CA THR F 352 -20.50 5.70 18.57
C THR F 352 -20.32 4.78 17.38
N LYS F 353 -21.12 4.97 16.34
CA LYS F 353 -21.03 4.13 15.16
C LYS F 353 -19.88 4.57 14.25
N MET F 354 -19.29 3.59 13.54
CA MET F 354 -18.24 3.81 12.55
C MET F 354 -18.85 3.76 11.17
N GLN F 355 -18.33 4.54 10.24
CA GLN F 355 -18.79 4.51 8.85
C GLN F 355 -17.81 3.59 8.12
N VAL F 356 -18.26 2.36 7.82
CA VAL F 356 -17.41 1.35 7.16
C VAL F 356 -17.96 1.07 5.76
N THR F 357 -17.12 1.30 4.75
CA THR F 357 -17.43 1.06 3.33
C THR F 357 -16.45 0.03 2.81
N ALA F 358 -16.99 -1.12 2.39
CA ALA F 358 -16.20 -2.22 1.86
C ALA F 358 -16.91 -2.87 0.68
N PRO F 359 -16.18 -3.36 -0.35
CA PRO F 359 -16.85 -4.06 -1.47
C PRO F 359 -17.61 -5.30 -0.98
N ALA F 360 -18.80 -5.53 -1.55
CA ALA F 360 -19.67 -6.67 -1.20
C ALA F 360 -19.04 -8.01 -1.60
N ASN F 361 -18.15 -7.98 -2.61
CA ASN F 361 -17.44 -9.16 -3.12
C ASN F 361 -15.93 -8.94 -3.14
N ILE F 362 -15.18 -10.05 -3.23
CA ILE F 362 -13.72 -10.09 -3.33
C ILE F 362 -13.36 -11.14 -4.40
N SER F 363 -12.38 -10.83 -5.25
CA SER F 363 -11.92 -11.74 -6.29
C SER F 363 -11.19 -12.92 -5.65
N ALA F 364 -11.32 -14.13 -6.23
CA ALA F 364 -10.68 -15.35 -5.74
C ALA F 364 -9.14 -15.24 -5.80
N SER F 365 -8.63 -14.44 -6.74
CA SER F 365 -7.20 -14.23 -6.96
C SER F 365 -6.68 -12.92 -6.31
N ALA F 366 -7.47 -12.29 -5.41
CA ALA F 366 -7.09 -11.04 -4.75
C ALA F 366 -5.96 -11.24 -3.75
N GLN F 367 -5.05 -10.25 -3.69
CA GLN F 367 -3.88 -10.20 -2.81
C GLN F 367 -4.09 -9.13 -1.73
N THR F 368 -5.00 -8.17 -1.99
CA THR F 368 -5.38 -7.07 -1.09
C THR F 368 -6.90 -6.86 -1.06
N PHE F 369 -7.39 -6.17 -0.02
CA PHE F 369 -8.80 -5.82 0.14
C PHE F 369 -8.88 -4.47 0.84
N GLU F 370 -9.42 -3.48 0.12
CA GLU F 370 -9.53 -2.10 0.58
C GLU F 370 -10.82 -1.91 1.38
N VAL F 371 -10.70 -1.28 2.56
CA VAL F 371 -11.83 -0.99 3.45
C VAL F 371 -11.75 0.47 3.88
N ALA F 372 -12.80 1.25 3.56
CA ALA F 372 -12.89 2.67 3.94
C ALA F 372 -13.55 2.76 5.33
N CYS F 373 -12.93 3.51 6.24
CA CYS F 373 -13.42 3.68 7.60
C CYS F 373 -13.15 5.10 8.08
N ASP F 374 -14.15 5.74 8.69
CA ASP F 374 -14.06 7.14 9.16
C ASP F 374 -13.29 7.25 10.49
N TYR F 375 -12.95 6.12 11.13
CA TYR F 375 -12.22 6.14 12.40
C TYR F 375 -10.78 5.62 12.21
N ASN F 376 -9.78 6.53 12.21
CA ASN F 376 -8.37 6.18 12.10
C ASN F 376 -7.90 5.53 13.39
N GLY F 377 -7.21 4.41 13.26
CA GLY F 377 -6.74 3.62 14.40
C GLY F 377 -7.55 2.35 14.57
N ALA F 378 -8.67 2.25 13.83
CA ALA F 378 -9.54 1.07 13.84
C ALA F 378 -8.83 -0.11 13.19
N ILE F 379 -9.19 -1.34 13.62
CA ILE F 379 -8.57 -2.56 13.12
C ILE F 379 -9.56 -3.29 12.22
N ALA F 380 -9.21 -3.43 10.93
CA ALA F 380 -10.01 -4.14 9.94
C ALA F 380 -9.37 -5.49 9.66
N THR F 381 -10.15 -6.56 9.82
CA THR F 381 -9.62 -7.92 9.68
C THR F 381 -10.53 -8.79 8.82
N LEU F 382 -9.90 -9.53 7.89
CA LEU F 382 -10.55 -10.54 7.07
C LEU F 382 -10.28 -11.90 7.70
N SER F 383 -11.34 -12.67 7.95
CA SER F 383 -11.21 -13.99 8.56
C SER F 383 -12.09 -15.03 7.88
N ASP F 384 -11.70 -16.30 8.04
CA ASP F 384 -12.36 -17.46 7.48
C ASP F 384 -12.60 -18.47 8.62
N ASP F 385 -13.82 -18.44 9.19
CA ASP F 385 -14.31 -19.28 10.28
C ASP F 385 -13.31 -19.32 11.47
N GLY F 386 -12.88 -18.14 11.90
CA GLY F 386 -11.94 -18.01 13.01
C GLY F 386 -10.47 -18.01 12.63
N ASP F 387 -10.15 -18.16 11.33
CA ASP F 387 -8.79 -18.16 10.82
C ASP F 387 -8.50 -16.84 10.14
N MET F 388 -7.53 -16.08 10.67
CA MET F 388 -7.15 -14.77 10.15
C MET F 388 -6.50 -14.89 8.77
N VAL F 389 -7.10 -14.21 7.79
CA VAL F 389 -6.67 -14.17 6.38
C VAL F 389 -5.75 -12.93 6.18
N GLY F 390 -6.05 -11.86 6.90
CA GLY F 390 -5.28 -10.62 6.86
C GLY F 390 -5.85 -9.57 7.78
N THR F 391 -4.98 -8.68 8.28
CA THR F 391 -5.39 -7.59 9.18
C THR F 391 -4.61 -6.32 8.84
N ALA F 392 -5.26 -5.16 9.04
CA ALA F 392 -4.68 -3.85 8.79
C ALA F 392 -5.32 -2.78 9.68
N ILE F 393 -4.54 -1.75 10.02
CA ILE F 393 -4.98 -0.59 10.80
C ILE F 393 -5.50 0.45 9.80
N VAL F 394 -6.57 1.18 10.19
CA VAL F 394 -7.15 2.24 9.38
C VAL F 394 -6.24 3.47 9.48
N LYS F 395 -5.56 3.80 8.37
CA LYS F 395 -4.63 4.92 8.26
C LYS F 395 -5.07 5.78 7.09
N ASP F 396 -5.30 7.09 7.35
CA ASP F 396 -5.75 8.09 6.37
C ASP F 396 -7.11 7.67 5.76
N GLY F 397 -8.03 7.25 6.62
CA GLY F 397 -9.39 6.87 6.24
C GLY F 397 -9.60 5.51 5.60
N LYS F 398 -8.52 4.71 5.42
CA LYS F 398 -8.64 3.38 4.82
C LYS F 398 -7.71 2.35 5.44
N ALA F 399 -8.09 1.07 5.28
CA ALA F 399 -7.31 -0.07 5.70
C ALA F 399 -7.06 -0.96 4.49
N ILE F 400 -5.77 -1.17 4.15
CA ILE F 400 -5.40 -2.01 3.01
C ILE F 400 -5.00 -3.35 3.57
N ILE F 401 -5.95 -4.29 3.59
CA ILE F 401 -5.73 -5.62 4.13
C ILE F 401 -4.93 -6.46 3.12
N LYS F 402 -3.72 -6.88 3.51
CA LYS F 402 -2.86 -7.75 2.70
C LYS F 402 -3.18 -9.19 3.07
N LEU F 403 -3.63 -9.98 2.08
CA LEU F 403 -4.00 -11.39 2.25
C LEU F 403 -2.72 -12.21 2.40
N ASN F 404 -2.62 -13.00 3.50
CA ASN F 404 -1.43 -13.83 3.79
C ASN F 404 -1.59 -15.27 3.29
N GLU F 405 -2.72 -15.57 2.60
CA GLU F 405 -3.02 -16.89 2.05
C GLU F 405 -4.02 -16.79 0.91
N SER F 406 -4.01 -17.79 0.00
CA SER F 406 -4.94 -17.86 -1.12
C SER F 406 -6.37 -18.12 -0.63
N ILE F 407 -7.35 -17.47 -1.26
CA ILE F 407 -8.78 -17.60 -0.94
C ILE F 407 -9.54 -18.12 -2.18
N ALA F 408 -8.81 -18.67 -3.17
CA ALA F 408 -9.32 -19.13 -4.48
C ALA F 408 -10.48 -20.13 -4.36
N ASP F 409 -10.47 -21.02 -3.35
CA ASP F 409 -11.52 -22.04 -3.18
C ASP F 409 -12.64 -21.61 -2.22
N GLU F 410 -12.45 -20.49 -1.51
CA GLU F 410 -13.40 -19.95 -0.54
C GLU F 410 -14.67 -19.42 -1.20
N THR F 411 -15.80 -19.45 -0.47
CA THR F 411 -17.07 -18.95 -0.96
C THR F 411 -17.39 -17.60 -0.33
N ASN F 412 -17.05 -17.45 0.96
CA ASN F 412 -17.31 -16.24 1.75
C ASN F 412 -16.19 -15.97 2.75
N LEU F 413 -15.99 -14.70 3.09
CA LEU F 413 -15.05 -14.24 4.11
C LEU F 413 -15.76 -13.29 5.05
N THR F 414 -15.32 -13.25 6.30
CA THR F 414 -15.89 -12.33 7.28
C THR F 414 -14.96 -11.12 7.42
N LEU F 415 -15.55 -9.92 7.41
CA LEU F 415 -14.83 -8.67 7.65
C LEU F 415 -15.25 -8.15 9.01
N THR F 416 -14.27 -7.90 9.88
CA THR F 416 -14.54 -7.35 11.20
C THR F 416 -13.74 -6.06 11.35
N VAL F 417 -14.41 -5.01 11.83
CA VAL F 417 -13.78 -3.72 12.09
C VAL F 417 -14.07 -3.36 13.55
N VAL F 418 -13.00 -3.24 14.36
CA VAL F 418 -13.09 -2.86 15.78
C VAL F 418 -12.43 -1.49 15.96
N GLY F 419 -12.93 -0.71 16.90
CA GLY F 419 -12.40 0.60 17.20
C GLY F 419 -12.69 1.01 18.62
N TYR F 420 -11.78 1.79 19.23
CA TYR F 420 -11.92 2.28 20.60
C TYR F 420 -13.21 3.09 20.76
N ASN F 421 -14.06 2.66 21.71
CA ASN F 421 -15.38 3.21 22.04
C ASN F 421 -16.27 3.24 20.79
N LYS F 422 -16.14 2.22 19.93
CA LYS F 422 -16.94 2.10 18.71
C LYS F 422 -17.73 0.80 18.68
N VAL F 423 -18.88 0.83 17.99
CA VAL F 423 -19.71 -0.36 17.77
C VAL F 423 -18.99 -1.18 16.69
N THR F 424 -18.59 -2.41 17.03
CA THR F 424 -17.90 -3.35 16.12
C THR F 424 -18.74 -3.59 14.89
N VAL F 425 -18.11 -3.51 13.71
CA VAL F 425 -18.76 -3.71 12.42
C VAL F 425 -18.34 -5.09 11.88
N ILE F 426 -19.34 -5.94 11.54
CA ILE F 426 -19.11 -7.27 10.99
C ILE F 426 -19.91 -7.39 9.70
N LYS F 427 -19.21 -7.66 8.59
CA LYS F 427 -19.80 -7.80 7.26
C LYS F 427 -19.34 -9.09 6.60
N ASP F 428 -20.22 -9.67 5.77
CA ASP F 428 -19.89 -10.86 4.99
C ASP F 428 -19.41 -10.41 3.62
N VAL F 429 -18.32 -11.00 3.14
CA VAL F 429 -17.74 -10.69 1.84
C VAL F 429 -17.82 -11.95 0.97
N LYS F 430 -18.58 -11.87 -0.14
CA LYS F 430 -18.73 -13.00 -1.07
C LYS F 430 -17.47 -13.13 -1.93
N VAL F 431 -17.02 -14.37 -2.16
CA VAL F 431 -15.84 -14.62 -3.00
C VAL F 431 -16.32 -14.95 -4.41
N GLU F 432 -15.80 -14.21 -5.41
CA GLU F 432 -16.11 -14.41 -6.83
C GLU F 432 -14.90 -14.05 -7.69
N ARG G 12 -30.07 -60.46 -10.38
CA ARG G 12 -29.93 -60.50 -11.84
C ARG G 12 -30.84 -61.58 -12.45
N ASN G 13 -30.90 -62.82 -11.86
CA ASN G 13 -31.78 -63.88 -12.34
C ASN G 13 -33.23 -63.42 -12.09
N PRO G 14 -33.99 -63.09 -13.16
CA PRO G 14 -35.35 -62.55 -12.94
C PRO G 14 -36.34 -63.60 -12.44
N GLN G 15 -36.00 -64.89 -12.63
CA GLN G 15 -36.85 -66.01 -12.26
C GLN G 15 -36.69 -66.37 -10.76
N VAL G 16 -35.67 -65.81 -10.07
CA VAL G 16 -35.48 -66.01 -8.63
C VAL G 16 -36.38 -65.00 -7.92
N ARG G 17 -37.34 -65.49 -7.12
CA ARG G 17 -38.27 -64.61 -6.42
C ARG G 17 -38.62 -65.10 -5.02
N LEU G 18 -39.09 -64.16 -4.19
CA LEU G 18 -39.54 -64.41 -2.83
C LEU G 18 -41.02 -64.76 -2.90
N LEU G 19 -41.37 -66.03 -2.63
CA LEU G 19 -42.75 -66.50 -2.66
C LEU G 19 -43.52 -66.07 -1.42
N SER G 20 -42.92 -66.26 -0.22
CA SER G 20 -43.52 -65.92 1.07
C SER G 20 -42.47 -65.42 2.07
N ALA G 21 -42.90 -64.58 3.02
CA ALA G 21 -42.08 -64.03 4.10
C ALA G 21 -42.93 -63.64 5.30
N GLU G 22 -42.64 -64.25 6.46
CA GLU G 22 -43.34 -64.01 7.73
C GLU G 22 -42.31 -64.05 8.86
N GLN G 23 -42.09 -62.90 9.54
CA GLN G 23 -41.12 -62.73 10.64
C GLN G 23 -39.70 -63.15 10.15
N SER G 24 -39.23 -64.36 10.54
CA SER G 24 -37.93 -64.91 10.13
C SER G 24 -38.07 -65.88 8.96
N MET G 25 -39.25 -66.54 8.85
CA MET G 25 -39.60 -67.50 7.81
C MET G 25 -39.57 -66.83 6.44
N SER G 26 -39.03 -67.54 5.45
CA SER G 26 -38.92 -67.06 4.08
C SER G 26 -38.96 -68.22 3.08
N LYS G 27 -39.77 -68.06 2.04
CA LYS G 27 -39.93 -69.05 0.96
C LYS G 27 -39.33 -68.45 -0.30
N VAL G 28 -38.20 -69.02 -0.76
CA VAL G 28 -37.48 -68.52 -1.93
C VAL G 28 -37.54 -69.55 -3.07
N GLN G 29 -37.92 -69.06 -4.26
CA GLN G 29 -38.01 -69.88 -5.46
C GLN G 29 -36.84 -69.56 -6.39
N PHE G 30 -36.18 -70.63 -6.85
CA PHE G 30 -35.14 -70.56 -7.85
C PHE G 30 -35.69 -71.20 -9.11
N ARG G 31 -35.38 -70.60 -10.25
CA ARG G 31 -35.71 -71.16 -11.56
C ARG G 31 -34.50 -70.98 -12.45
N MET G 32 -34.14 -72.06 -13.18
CA MET G 32 -33.00 -72.06 -14.10
C MET G 32 -33.23 -71.06 -15.23
N ASP G 33 -32.27 -70.15 -15.42
CA ASP G 33 -32.37 -69.12 -16.44
C ASP G 33 -31.10 -69.06 -17.27
N ASN G 34 -31.26 -69.15 -18.61
CA ASN G 34 -30.20 -69.06 -19.63
C ASN G 34 -29.03 -70.03 -19.36
N LEU G 35 -29.34 -71.33 -19.10
CA LEU G 35 -28.29 -72.32 -18.87
C LEU G 35 -27.53 -72.56 -20.19
N GLN G 36 -26.23 -72.32 -20.17
CA GLN G 36 -25.36 -72.51 -21.34
C GLN G 36 -24.16 -73.37 -20.97
N PHE G 37 -23.54 -73.97 -21.99
CA PHE G 37 -22.36 -74.80 -21.84
C PHE G 37 -21.29 -74.32 -22.83
N THR G 38 -20.11 -74.00 -22.30
CA THR G 38 -18.97 -73.53 -23.09
C THR G 38 -17.96 -74.67 -23.20
N GLY G 39 -17.64 -75.05 -24.43
CA GLY G 39 -16.67 -76.11 -24.73
C GLY G 39 -15.26 -75.63 -24.49
N VAL G 40 -14.50 -76.38 -23.67
CA VAL G 40 -13.11 -76.05 -23.35
C VAL G 40 -12.22 -77.27 -23.62
N GLN G 41 -10.96 -77.04 -24.03
CA GLN G 41 -10.00 -78.11 -24.31
C GLN G 41 -9.39 -78.64 -23.02
N THR G 42 -9.47 -79.97 -22.78
CA THR G 42 -8.91 -80.62 -21.59
C THR G 42 -8.17 -81.90 -22.01
N SER G 43 -7.43 -82.51 -21.05
CA SER G 43 -6.69 -83.75 -21.23
C SER G 43 -7.61 -84.93 -21.57
N LYS G 44 -8.89 -84.87 -21.11
CA LYS G 44 -9.90 -85.90 -21.36
C LYS G 44 -10.79 -85.55 -22.58
N GLY G 45 -10.36 -84.55 -23.36
CA GLY G 45 -11.08 -84.08 -24.54
C GLY G 45 -11.84 -82.80 -24.28
N VAL G 46 -12.87 -82.52 -25.10
CA VAL G 46 -13.68 -81.31 -24.94
C VAL G 46 -14.64 -81.50 -23.77
N ALA G 47 -14.53 -80.61 -22.78
CA ALA G 47 -15.37 -80.58 -21.59
C ALA G 47 -16.25 -79.34 -21.61
N GLN G 48 -17.34 -79.34 -20.82
CA GLN G 48 -18.30 -78.24 -20.79
C GLN G 48 -18.21 -77.42 -19.51
N VAL G 49 -18.16 -76.09 -19.67
CA VAL G 49 -18.18 -75.14 -18.55
C VAL G 49 -19.63 -74.63 -18.47
N PRO G 50 -20.41 -75.05 -17.45
CA PRO G 50 -21.81 -74.57 -17.36
C PRO G 50 -21.88 -73.15 -16.83
N THR G 51 -22.82 -72.36 -17.37
CA THR G 51 -23.10 -70.98 -16.95
C THR G 51 -24.60 -70.73 -16.97
N PHE G 52 -25.10 -69.94 -16.02
CA PHE G 52 -26.51 -69.53 -15.94
C PHE G 52 -26.60 -68.17 -15.27
N THR G 53 -27.71 -67.45 -15.50
CA THR G 53 -27.94 -66.10 -14.95
C THR G 53 -27.76 -66.13 -13.42
N GLU G 54 -26.86 -65.28 -12.90
CA GLU G 54 -26.49 -65.11 -11.49
C GLU G 54 -25.77 -66.36 -10.91
N GLY G 55 -25.32 -67.25 -11.79
CA GLY G 55 -24.57 -68.46 -11.43
C GLY G 55 -23.13 -68.12 -11.14
N VAL G 56 -22.59 -68.64 -10.03
CA VAL G 56 -21.21 -68.38 -9.61
C VAL G 56 -20.48 -69.70 -9.31
N ASN G 57 -19.28 -69.85 -9.88
CA ASN G 57 -18.44 -71.02 -9.68
C ASN G 57 -17.53 -70.80 -8.46
N ILE G 58 -17.81 -71.55 -7.38
CA ILE G 58 -17.03 -71.55 -6.13
C ILE G 58 -16.53 -72.99 -5.89
N SER G 59 -16.61 -73.85 -6.94
CA SER G 59 -16.18 -75.25 -6.91
C SER G 59 -14.68 -75.36 -6.68
N GLU G 60 -14.31 -76.27 -5.77
CA GLU G 60 -12.94 -76.59 -5.38
C GLU G 60 -12.14 -77.05 -6.60
N LYS G 61 -10.85 -76.65 -6.67
CA LYS G 61 -9.94 -76.98 -7.77
C LYS G 61 -9.91 -78.50 -8.02
N GLY G 62 -10.14 -78.90 -9.27
CA GLY G 62 -10.15 -80.30 -9.68
C GLY G 62 -11.49 -81.01 -9.59
N THR G 63 -12.49 -80.34 -8.99
CA THR G 63 -13.85 -80.89 -8.86
C THR G 63 -14.72 -80.28 -9.99
N PRO G 64 -15.81 -80.95 -10.44
CA PRO G 64 -16.62 -80.38 -11.55
C PRO G 64 -17.12 -78.95 -11.28
N ILE G 65 -17.08 -78.09 -12.35
CA ILE G 65 -17.59 -76.71 -12.29
C ILE G 65 -19.10 -76.81 -12.23
N LEU G 66 -19.68 -76.58 -11.06
CA LEU G 66 -21.12 -76.65 -10.87
C LEU G 66 -21.59 -75.36 -10.19
N PRO G 67 -21.85 -74.32 -11.01
CA PRO G 67 -22.23 -73.01 -10.46
C PRO G 67 -23.44 -73.02 -9.53
N ILE G 68 -23.42 -72.11 -8.56
CA ILE G 68 -24.47 -71.95 -7.56
C ILE G 68 -25.09 -70.54 -7.66
N LEU G 69 -26.29 -70.37 -7.09
CA LEU G 69 -26.98 -69.08 -7.00
C LEU G 69 -27.18 -68.77 -5.52
N SER G 70 -26.68 -67.59 -5.08
CA SER G 70 -26.74 -67.18 -3.69
C SER G 70 -27.57 -65.92 -3.49
N ARG G 71 -28.37 -65.89 -2.41
CA ARG G 71 -29.23 -64.78 -2.02
C ARG G 71 -29.20 -64.58 -0.52
N SER G 72 -29.20 -63.32 -0.09
CA SER G 72 -29.15 -62.93 1.33
C SER G 72 -30.55 -62.74 1.90
N LEU G 73 -30.74 -63.20 3.13
CA LEU G 73 -32.01 -63.09 3.82
C LEU G 73 -31.84 -62.55 5.22
N ALA G 74 -32.77 -61.66 5.63
CA ALA G 74 -32.87 -61.16 6.99
C ALA G 74 -33.47 -62.30 7.81
N VAL G 75 -32.71 -62.81 8.77
CA VAL G 75 -33.14 -63.96 9.56
C VAL G 75 -33.35 -63.57 11.04
N SER G 76 -33.60 -64.58 11.91
CA SER G 76 -33.81 -64.41 13.35
C SER G 76 -32.60 -63.75 14.01
N GLU G 77 -32.83 -62.98 15.10
CA GLU G 77 -31.77 -62.29 15.83
C GLU G 77 -30.98 -63.24 16.72
N THR G 78 -31.63 -64.31 17.24
CA THR G 78 -31.01 -65.24 18.19
C THR G 78 -31.10 -66.73 17.80
N ARG G 79 -32.02 -67.09 16.90
CA ARG G 79 -32.25 -68.50 16.57
C ARG G 79 -31.46 -69.01 15.37
N ALA G 80 -31.07 -70.31 15.45
CA ALA G 80 -30.41 -71.05 14.39
C ALA G 80 -31.40 -71.35 13.29
N MET G 81 -31.06 -70.99 12.05
CA MET G 81 -31.94 -71.18 10.90
C MET G 81 -31.68 -72.52 10.23
N LYS G 82 -32.69 -73.01 9.50
CA LYS G 82 -32.60 -74.24 8.72
C LYS G 82 -33.14 -73.98 7.31
N VAL G 83 -32.70 -74.79 6.34
CA VAL G 83 -33.16 -74.69 4.97
C VAL G 83 -33.76 -76.05 4.57
N GLU G 84 -34.99 -76.04 4.05
CA GLU G 84 -35.69 -77.23 3.59
C GLU G 84 -36.13 -77.05 2.16
N VAL G 85 -35.89 -78.06 1.31
CA VAL G 85 -36.34 -78.05 -0.08
C VAL G 85 -37.80 -78.49 -0.04
N VAL G 86 -38.74 -77.57 -0.29
CA VAL G 86 -40.17 -77.89 -0.24
C VAL G 86 -40.68 -78.30 -1.63
N SER G 87 -39.95 -77.92 -2.69
CA SER G 87 -40.30 -78.22 -4.08
C SER G 87 -39.03 -78.25 -4.94
N SER G 88 -38.91 -79.26 -5.80
CA SER G 88 -37.78 -79.43 -6.74
C SER G 88 -38.21 -80.21 -7.98
N LYS G 89 -37.59 -79.88 -9.13
CA LYS G 89 -37.87 -80.47 -10.43
C LYS G 89 -36.58 -80.51 -11.23
N PHE G 90 -36.22 -81.67 -11.81
CA PHE G 90 -34.99 -81.75 -12.59
C PHE G 90 -35.15 -82.56 -13.88
N ILE G 91 -34.23 -82.34 -14.82
CA ILE G 91 -34.09 -83.05 -16.10
C ILE G 91 -32.68 -83.64 -16.13
N GLU G 92 -32.50 -84.75 -16.82
CA GLU G 92 -31.20 -85.41 -16.89
C GLU G 92 -30.55 -85.25 -18.26
N LYS G 93 -29.25 -84.96 -18.24
CA LYS G 93 -28.39 -84.81 -19.41
C LYS G 93 -27.32 -85.92 -19.32
N LYS G 94 -27.36 -86.87 -20.27
CA LYS G 94 -26.48 -88.03 -20.26
C LYS G 94 -25.23 -87.84 -21.14
N ASP G 95 -24.15 -88.57 -20.79
CA ASP G 95 -22.82 -88.59 -21.43
C ASP G 95 -22.25 -87.17 -21.58
N VAL G 96 -22.27 -86.40 -20.48
CA VAL G 96 -21.77 -85.04 -20.44
C VAL G 96 -20.43 -85.01 -19.69
N LEU G 97 -19.40 -84.39 -20.30
CA LEU G 97 -18.12 -84.22 -19.65
C LEU G 97 -18.07 -82.79 -19.13
N ILE G 98 -18.20 -82.62 -17.79
CA ILE G 98 -18.17 -81.31 -17.13
C ILE G 98 -16.70 -80.99 -16.84
N ALA G 99 -16.27 -79.76 -17.18
CA ALA G 99 -14.91 -79.28 -16.98
C ALA G 99 -14.54 -79.18 -15.50
N PRO G 100 -13.27 -79.49 -15.12
CA PRO G 100 -12.89 -79.38 -13.70
C PRO G 100 -12.58 -77.94 -13.33
N SER G 101 -12.85 -77.56 -12.08
CA SER G 101 -12.60 -76.21 -11.62
C SER G 101 -11.10 -75.91 -11.52
N LYS G 102 -10.73 -74.68 -11.89
CA LYS G 102 -9.35 -74.19 -11.80
C LYS G 102 -9.13 -73.60 -10.41
N GLY G 103 -10.21 -73.51 -9.64
CA GLY G 103 -10.21 -72.95 -8.29
C GLY G 103 -10.10 -71.44 -8.32
N VAL G 104 -9.65 -70.85 -7.20
CA VAL G 104 -9.46 -69.41 -7.10
C VAL G 104 -8.17 -69.07 -7.86
N ILE G 105 -8.32 -68.25 -8.91
CA ILE G 105 -7.20 -67.79 -9.74
C ILE G 105 -6.81 -66.39 -9.27
N SER G 106 -5.51 -66.17 -9.07
CA SER G 106 -5.00 -64.85 -8.69
C SER G 106 -4.84 -64.01 -9.96
N ARG G 107 -4.84 -62.68 -9.82
CA ARG G 107 -4.64 -61.78 -10.95
C ARG G 107 -3.14 -61.59 -11.22
N ALA G 108 -2.28 -62.38 -10.53
CA ALA G 108 -0.83 -62.42 -10.76
C ALA G 108 -0.53 -63.45 -11.86
N GLU G 109 -1.56 -64.24 -12.23
CA GLU G 109 -1.53 -65.30 -13.23
C GLU G 109 -2.39 -64.96 -14.46
N ASN G 110 -2.17 -65.72 -15.55
CA ASN G 110 -2.97 -65.65 -16.78
C ASN G 110 -3.86 -66.91 -16.82
N PRO G 111 -5.20 -66.79 -16.67
CA PRO G 111 -6.05 -68.00 -16.64
C PRO G 111 -6.08 -68.79 -17.96
N ASP G 112 -5.82 -68.09 -19.09
CA ASP G 112 -5.76 -68.68 -20.44
C ASP G 112 -4.57 -69.64 -20.55
N GLN G 113 -3.53 -69.45 -19.71
CA GLN G 113 -2.33 -70.25 -19.64
C GLN G 113 -2.40 -71.35 -18.55
N ILE G 114 -3.45 -71.33 -17.70
CA ILE G 114 -3.66 -72.34 -16.65
C ILE G 114 -4.49 -73.48 -17.26
N PRO G 115 -4.02 -74.75 -17.20
CA PRO G 115 -4.79 -75.84 -17.80
C PRO G 115 -5.87 -76.39 -16.88
N TYR G 116 -6.87 -77.07 -17.49
CA TYR G 116 -7.94 -77.73 -16.75
C TYR G 116 -7.38 -79.06 -16.26
N VAL G 117 -7.33 -79.23 -14.94
CA VAL G 117 -6.77 -80.44 -14.33
C VAL G 117 -7.88 -81.16 -13.54
N TYR G 118 -8.08 -82.44 -13.85
CA TYR G 118 -9.08 -83.28 -13.19
C TYR G 118 -8.53 -83.85 -11.89
N GLY G 119 -9.33 -83.75 -10.82
CA GLY G 119 -8.99 -84.28 -9.50
C GLY G 119 -9.51 -85.69 -9.30
N GLN G 120 -9.26 -86.28 -8.12
CA GLN G 120 -9.68 -87.64 -7.76
C GLN G 120 -11.22 -87.78 -7.69
N SER G 121 -11.94 -86.67 -7.45
CA SER G 121 -13.41 -86.59 -7.38
C SER G 121 -14.09 -87.11 -8.66
N TYR G 122 -13.35 -87.15 -9.79
CA TYR G 122 -13.85 -87.62 -11.09
C TYR G 122 -13.92 -89.16 -11.19
N ASN G 123 -13.37 -89.87 -10.19
CA ASN G 123 -13.40 -91.34 -10.12
C ASN G 123 -14.45 -91.83 -9.11
N GLU G 124 -15.15 -90.88 -8.45
CA GLU G 124 -16.16 -91.18 -7.42
C GLU G 124 -17.57 -91.24 -8.03
N ASP G 125 -18.23 -92.41 -7.90
CA ASP G 125 -19.57 -92.66 -8.43
C ASP G 125 -20.62 -92.16 -7.45
N LYS G 126 -20.84 -90.82 -7.47
CA LYS G 126 -21.82 -90.09 -6.65
C LYS G 126 -22.07 -88.71 -7.29
N PHE G 127 -23.18 -88.05 -6.89
CA PHE G 127 -23.53 -86.74 -7.40
C PHE G 127 -22.88 -85.64 -6.56
N PHE G 128 -22.14 -84.75 -7.24
CA PHE G 128 -21.47 -83.59 -6.65
C PHE G 128 -22.30 -82.33 -6.90
N PRO G 129 -22.39 -81.36 -5.96
CA PRO G 129 -21.77 -81.31 -4.62
C PRO G 129 -22.46 -82.23 -3.60
N GLY G 130 -23.70 -82.63 -3.89
CA GLY G 130 -24.50 -83.49 -3.03
C GLY G 130 -25.82 -82.89 -2.61
N GLU G 131 -25.77 -81.67 -2.03
CA GLU G 131 -26.96 -80.93 -1.57
C GLU G 131 -27.37 -79.91 -2.64
N ILE G 132 -28.69 -79.79 -2.87
CA ILE G 132 -29.20 -78.84 -3.87
C ILE G 132 -29.48 -77.47 -3.22
N ALA G 133 -29.48 -77.40 -1.87
CA ALA G 133 -29.69 -76.17 -1.10
C ALA G 133 -28.96 -76.20 0.24
N THR G 134 -28.22 -75.12 0.55
CA THR G 134 -27.45 -74.95 1.79
C THR G 134 -27.56 -73.52 2.32
N LEU G 135 -27.10 -73.32 3.56
CA LEU G 135 -27.02 -72.01 4.19
C LEU G 135 -25.57 -71.66 4.48
N SER G 136 -25.17 -70.41 4.23
CA SER G 136 -23.83 -69.94 4.57
C SER G 136 -23.86 -69.49 6.04
N ASP G 137 -22.69 -69.22 6.65
CA ASP G 137 -22.60 -68.82 8.06
C ASP G 137 -23.34 -67.52 8.33
N PRO G 138 -24.14 -67.43 9.42
CA PRO G 138 -24.88 -66.18 9.69
C PRO G 138 -23.96 -65.00 9.98
N PHE G 139 -24.41 -63.80 9.59
CA PHE G 139 -23.67 -62.57 9.77
C PHE G 139 -24.55 -61.50 10.40
N ILE G 140 -23.93 -60.43 10.92
CA ILE G 140 -24.67 -59.30 11.45
C ILE G 140 -24.29 -58.07 10.64
N LEU G 141 -25.31 -57.42 10.06
CA LEU G 141 -25.14 -56.16 9.33
C LEU G 141 -25.86 -55.10 10.16
N ARG G 142 -25.08 -54.44 11.03
CA ARG G 142 -25.50 -53.40 11.98
C ARG G 142 -26.55 -53.95 12.96
N ASP G 143 -27.85 -53.76 12.70
CA ASP G 143 -28.93 -54.20 13.60
C ASP G 143 -29.72 -55.40 13.04
N VAL G 144 -29.29 -55.97 11.90
CA VAL G 144 -29.99 -57.10 11.29
C VAL G 144 -29.05 -58.31 11.15
N ARG G 145 -29.51 -59.48 11.62
CA ARG G 145 -28.81 -60.74 11.49
C ARG G 145 -29.23 -61.34 10.16
N GLY G 146 -28.26 -61.57 9.30
CA GLY G 146 -28.50 -62.12 7.97
C GLY G 146 -27.89 -63.48 7.75
N GLN G 147 -28.38 -64.17 6.70
CA GLN G 147 -27.87 -65.48 6.30
C GLN G 147 -28.12 -65.68 4.81
N VAL G 148 -27.12 -66.23 4.12
CA VAL G 148 -27.19 -66.46 2.67
C VAL G 148 -27.66 -67.90 2.40
N VAL G 149 -28.68 -68.03 1.53
CA VAL G 149 -29.19 -69.32 1.08
C VAL G 149 -28.56 -69.60 -0.30
N ASN G 150 -28.05 -70.82 -0.49
CA ASN G 150 -27.39 -71.22 -1.72
C ASN G 150 -28.14 -72.30 -2.45
N PHE G 151 -28.39 -72.08 -3.74
CA PHE G 151 -29.03 -73.08 -4.60
C PHE G 151 -27.96 -73.74 -5.45
N ALA G 152 -27.90 -75.07 -5.46
CA ALA G 152 -26.96 -75.82 -6.29
C ALA G 152 -27.80 -76.64 -7.32
N PRO G 153 -28.21 -76.00 -8.43
CA PRO G 153 -29.12 -76.68 -9.37
C PRO G 153 -28.43 -77.60 -10.39
N LEU G 154 -27.11 -77.74 -10.29
CA LEU G 154 -26.34 -78.59 -11.19
C LEU G 154 -25.62 -79.65 -10.37
N GLN G 155 -26.14 -80.88 -10.46
CA GLN G 155 -25.63 -82.06 -9.75
C GLN G 155 -25.04 -83.02 -10.78
N TYR G 156 -23.79 -83.45 -10.57
CA TYR G 156 -23.10 -84.26 -11.54
C TYR G 156 -22.42 -85.50 -10.98
N ASN G 157 -22.53 -86.61 -11.71
CA ASN G 157 -21.86 -87.86 -11.41
C ASN G 157 -20.77 -88.02 -12.45
N PRO G 158 -19.49 -87.90 -12.05
CA PRO G 158 -18.39 -87.98 -13.04
C PRO G 158 -18.19 -89.37 -13.65
N VAL G 159 -18.64 -90.44 -12.96
CA VAL G 159 -18.50 -91.82 -13.42
C VAL G 159 -19.57 -92.16 -14.46
N THR G 160 -20.85 -91.86 -14.18
CA THR G 160 -21.94 -92.15 -15.10
C THR G 160 -22.06 -91.06 -16.19
N LYS G 161 -21.32 -89.92 -16.03
CA LYS G 161 -21.29 -88.74 -16.92
C LYS G 161 -22.72 -88.15 -17.05
N THR G 162 -23.52 -88.31 -15.99
CA THR G 162 -24.90 -87.85 -15.93
C THR G 162 -24.95 -86.55 -15.13
N LEU G 163 -25.60 -85.54 -15.73
CA LEU G 163 -25.82 -84.22 -15.15
C LEU G 163 -27.31 -84.03 -14.91
N ARG G 164 -27.66 -83.63 -13.68
CA ARG G 164 -29.02 -83.33 -13.28
C ARG G 164 -29.18 -81.81 -13.26
N ILE G 165 -30.11 -81.30 -14.09
CA ILE G 165 -30.38 -79.87 -14.22
C ILE G 165 -31.68 -79.58 -13.49
N TYR G 166 -31.59 -78.90 -12.33
CA TYR G 166 -32.77 -78.54 -11.56
C TYR G 166 -33.35 -77.24 -12.13
N THR G 167 -34.48 -77.38 -12.84
CA THR G 167 -35.15 -76.27 -13.51
C THR G 167 -35.87 -75.39 -12.47
N GLU G 168 -36.30 -75.98 -11.34
CA GLU G 168 -36.95 -75.26 -10.26
C GLU G 168 -36.60 -75.86 -8.91
N ILE G 169 -36.31 -74.98 -7.93
CA ILE G 169 -36.03 -75.30 -6.53
C ILE G 169 -36.74 -74.26 -5.66
N VAL G 170 -37.64 -74.72 -4.77
CA VAL G 170 -38.30 -73.84 -3.81
C VAL G 170 -37.83 -74.26 -2.43
N VAL G 171 -37.25 -73.31 -1.68
CA VAL G 171 -36.76 -73.59 -0.33
C VAL G 171 -37.53 -72.79 0.72
N ALA G 172 -37.65 -73.36 1.93
CA ALA G 172 -38.22 -72.73 3.09
C ALA G 172 -37.11 -72.50 4.11
N VAL G 173 -36.78 -71.24 4.38
CA VAL G 173 -35.75 -70.88 5.35
C VAL G 173 -36.50 -70.41 6.60
N SER G 174 -36.43 -71.21 7.66
CA SER G 174 -37.13 -70.97 8.92
C SER G 174 -36.23 -71.16 10.13
N GLU G 175 -36.64 -70.61 11.28
CA GLU G 175 -35.89 -70.71 12.52
C GLU G 175 -36.19 -72.03 13.22
N THR G 176 -35.22 -72.52 14.00
CA THR G 176 -35.33 -73.74 14.81
C THR G 176 -35.51 -73.34 16.27
N ALA G 177 -35.61 -74.32 17.19
CA ALA G 177 -35.73 -74.06 18.63
C ALA G 177 -34.36 -73.77 19.24
N GLU G 178 -33.29 -73.93 18.42
CA GLU G 178 -31.90 -73.79 18.81
C GLU G 178 -31.37 -72.37 18.69
N ALA G 179 -30.48 -71.98 19.63
CA ALA G 179 -29.82 -70.69 19.58
C ALA G 179 -28.74 -70.75 18.50
N GLY G 180 -28.68 -69.69 17.70
CA GLY G 180 -27.76 -69.63 16.57
C GLY G 180 -26.36 -69.16 16.87
N GLN G 181 -25.54 -69.22 15.82
CA GLN G 181 -24.17 -68.73 15.79
C GLN G 181 -24.22 -67.26 15.41
N ASN G 182 -23.28 -66.45 15.93
CA ASN G 182 -23.13 -65.02 15.63
C ASN G 182 -24.49 -64.28 15.79
N THR G 183 -25.00 -64.17 17.03
CA THR G 183 -26.32 -63.57 17.30
C THR G 183 -26.26 -62.14 17.89
N ILE G 184 -27.40 -61.42 17.80
CA ILE G 184 -27.63 -60.06 18.28
C ILE G 184 -28.14 -60.10 19.72
N SER G 185 -27.56 -59.26 20.60
CA SER G 185 -27.92 -59.12 22.02
C SER G 185 -29.32 -58.51 22.20
N PHE G 192 -31.22 -44.69 15.16
CA PHE G 192 -30.58 -44.53 13.85
C PHE G 192 -31.38 -45.30 12.77
N THR G 193 -31.68 -44.61 11.64
CA THR G 193 -32.51 -45.13 10.55
C THR G 193 -31.76 -45.17 9.19
N GLY G 194 -30.51 -44.72 9.16
CA GLY G 194 -29.68 -44.64 7.95
C GLY G 194 -29.38 -45.91 7.19
N PHE G 195 -29.47 -47.08 7.87
CA PHE G 195 -29.16 -48.36 7.24
C PHE G 195 -30.40 -49.08 6.68
N GLU G 196 -31.60 -48.48 6.82
CA GLU G 196 -32.87 -49.06 6.34
C GLU G 196 -32.83 -49.41 4.85
N ASP G 197 -32.32 -48.49 4.01
CA ASP G 197 -32.22 -48.69 2.56
C ASP G 197 -31.14 -49.72 2.21
N ILE G 198 -30.12 -49.89 3.09
CA ILE G 198 -29.07 -50.88 2.90
C ILE G 198 -29.69 -52.26 3.12
N TYR G 199 -30.50 -52.42 4.20
CA TYR G 199 -31.19 -53.67 4.53
C TYR G 199 -32.13 -54.11 3.40
N LYS G 200 -32.84 -53.15 2.79
CA LYS G 200 -33.79 -53.37 1.70
C LYS G 200 -33.09 -53.90 0.44
N SER G 201 -31.87 -53.40 0.15
CA SER G 201 -31.10 -53.80 -1.03
C SER G 201 -30.30 -55.07 -0.81
N VAL G 202 -29.82 -55.33 0.42
CA VAL G 202 -29.03 -56.54 0.74
C VAL G 202 -29.98 -57.75 0.90
N PHE G 203 -31.04 -57.61 1.72
CA PHE G 203 -31.97 -58.69 2.00
C PHE G 203 -33.21 -58.62 1.10
N MET G 204 -33.50 -59.73 0.39
CA MET G 204 -34.64 -59.79 -0.53
C MET G 204 -35.99 -59.97 0.21
N ASN G 205 -35.95 -60.24 1.54
CA ASN G 205 -37.14 -60.42 2.37
C ASN G 205 -37.32 -59.30 3.44
N TYR G 206 -36.42 -58.30 3.51
CA TYR G 206 -36.52 -57.21 4.49
C TYR G 206 -37.74 -56.33 4.19
N GLU G 207 -37.89 -55.96 2.90
CA GLU G 207 -38.99 -55.16 2.33
C GLU G 207 -39.15 -55.54 0.86
N ASN H 9 -28.95 -40.27 9.44
CA ASN H 9 -27.98 -39.21 9.17
C ASN H 9 -26.55 -39.69 9.48
N GLY H 10 -26.30 -40.06 10.72
CA GLY H 10 -25.01 -40.57 11.18
C GLY H 10 -23.99 -39.55 11.59
N ARG H 11 -22.76 -40.03 11.88
CA ARG H 11 -21.63 -39.20 12.31
C ARG H 11 -20.27 -39.79 11.90
N MET H 12 -19.26 -38.92 11.78
CA MET H 12 -17.91 -39.30 11.39
C MET H 12 -16.90 -38.93 12.48
N ILE H 13 -15.87 -39.78 12.63
CA ILE H 13 -14.74 -39.52 13.53
C ILE H 13 -13.50 -39.51 12.66
N VAL H 14 -12.70 -38.45 12.80
CA VAL H 14 -11.43 -38.31 12.09
C VAL H 14 -10.33 -38.64 13.11
N ILE H 15 -9.61 -39.76 12.88
CA ILE H 15 -8.50 -40.18 13.74
C ILE H 15 -7.25 -39.54 13.12
N VAL H 16 -6.61 -38.64 13.86
CA VAL H 16 -5.51 -37.85 13.32
C VAL H 16 -4.25 -37.91 14.21
N PRO H 17 -3.04 -38.04 13.61
CA PRO H 17 -1.81 -37.94 14.42
C PRO H 17 -1.69 -36.52 14.97
N LYS H 18 -1.13 -36.37 16.18
CA LYS H 18 -0.98 -35.07 16.86
C LYS H 18 -0.35 -34.00 15.96
N LYS H 19 0.64 -34.37 15.12
CA LYS H 19 1.34 -33.44 14.23
C LYS H 19 0.42 -32.82 13.13
N TYR H 20 -0.71 -33.48 12.82
CA TYR H 20 -1.66 -33.03 11.80
C TYR H 20 -2.99 -32.51 12.37
N GLU H 21 -3.10 -32.39 13.71
CA GLU H 21 -4.31 -31.97 14.43
C GLU H 21 -4.83 -30.58 13.98
N GLU H 22 -3.92 -29.60 13.83
CA GLU H 22 -4.29 -28.23 13.43
C GLU H 22 -4.69 -28.14 11.95
N ASP H 23 -4.11 -29.01 11.12
CA ASP H 23 -4.28 -29.05 9.66
C ASP H 23 -5.65 -29.56 9.19
N ILE H 24 -6.32 -30.41 9.99
CA ILE H 24 -7.61 -30.98 9.58
C ILE H 24 -8.82 -30.12 10.02
N GLU H 25 -8.57 -29.00 10.70
CA GLU H 25 -9.59 -28.11 11.26
C GLU H 25 -10.63 -27.62 10.22
N ASP H 26 -10.17 -27.15 9.04
CA ASP H 26 -11.03 -26.65 7.97
C ASP H 26 -11.91 -27.78 7.39
N PHE H 27 -11.36 -29.01 7.33
CA PHE H 27 -12.06 -30.19 6.83
C PHE H 27 -13.24 -30.54 7.77
N VAL H 28 -12.99 -30.50 9.09
CA VAL H 28 -13.99 -30.79 10.13
C VAL H 28 -15.06 -29.70 10.11
N ASP H 29 -14.65 -28.44 9.93
CA ASP H 29 -15.54 -27.28 9.78
C ASP H 29 -16.51 -27.49 8.61
N TRP H 30 -16.00 -27.91 7.42
CA TRP H 30 -16.82 -28.14 6.24
C TRP H 30 -17.80 -29.30 6.44
N LYS H 31 -17.33 -30.46 6.91
CA LYS H 31 -18.17 -31.64 7.12
C LYS H 31 -19.38 -31.33 8.02
N ASN H 32 -19.14 -30.59 9.13
CA ASN H 32 -20.21 -30.17 10.04
C ASN H 32 -21.09 -29.09 9.39
N GLN H 33 -20.47 -28.15 8.62
CA GLN H 33 -21.15 -27.07 7.89
C GLN H 33 -22.21 -27.63 6.92
N ARG H 34 -21.90 -28.75 6.24
CA ARG H 34 -22.77 -29.37 5.24
C ARG H 34 -23.77 -30.41 5.83
N GLY H 35 -23.79 -30.58 7.15
CA GLY H 35 -24.74 -31.46 7.82
C GLY H 35 -24.27 -32.79 8.35
N LEU H 36 -22.97 -33.09 8.30
CA LEU H 36 -22.46 -34.37 8.85
C LEU H 36 -21.65 -34.11 10.12
N ARG H 37 -22.18 -34.56 11.28
CA ARG H 37 -21.53 -34.40 12.58
C ARG H 37 -20.20 -35.12 12.56
N THR H 38 -19.12 -34.32 12.56
CA THR H 38 -17.74 -34.78 12.48
C THR H 38 -16.97 -34.30 13.71
N GLU H 39 -16.31 -35.26 14.37
CA GLU H 39 -15.49 -35.07 15.57
C GLU H 39 -14.08 -35.56 15.29
N VAL H 40 -13.12 -35.09 16.09
CA VAL H 40 -11.70 -35.42 15.95
C VAL H 40 -11.23 -36.21 17.16
N LYS H 41 -10.39 -37.20 16.90
CA LYS H 41 -9.71 -37.96 17.93
C LYS H 41 -8.22 -38.00 17.62
N VAL H 42 -7.38 -37.49 18.53
CA VAL H 42 -5.92 -37.52 18.37
C VAL H 42 -5.49 -38.96 18.59
N ALA H 43 -4.80 -39.55 17.58
CA ALA H 43 -4.36 -40.97 17.57
C ALA H 43 -3.57 -41.36 18.85
N GLU H 44 -2.67 -40.46 19.31
CA GLU H 44 -1.82 -40.65 20.49
C GLU H 44 -2.66 -40.66 21.80
N ASP H 45 -3.85 -40.02 21.78
CA ASP H 45 -4.75 -39.98 22.93
C ASP H 45 -5.47 -41.31 23.11
N ILE H 46 -5.56 -42.13 22.03
CA ILE H 46 -6.17 -43.45 22.07
C ILE H 46 -5.23 -44.39 22.78
N ALA H 47 -3.99 -44.50 22.25
CA ALA H 47 -3.04 -45.45 22.77
C ALA H 47 -1.60 -45.10 22.45
N SER H 48 -0.70 -45.71 23.25
CA SER H 48 0.74 -45.61 23.19
C SER H 48 1.36 -47.03 23.34
N PRO H 49 1.91 -47.62 22.25
CA PRO H 49 2.01 -47.09 20.87
C PRO H 49 0.67 -47.12 20.16
N VAL H 50 0.50 -46.42 19.02
CA VAL H 50 -0.76 -46.50 18.23
C VAL H 50 -0.75 -47.85 17.46
N THR H 51 -1.66 -48.77 17.80
CA THR H 51 -1.74 -50.09 17.18
C THR H 51 -3.08 -50.29 16.54
N ALA H 52 -3.18 -51.35 15.73
CA ALA H 52 -4.37 -51.81 15.03
C ALA H 52 -5.50 -52.18 16.02
N ASN H 53 -5.17 -52.94 17.10
CA ASN H 53 -6.12 -53.34 18.15
C ASN H 53 -6.70 -52.13 18.90
N ALA H 54 -5.84 -51.11 19.16
CA ALA H 54 -6.21 -49.88 19.84
C ALA H 54 -7.20 -49.08 19.01
N ILE H 55 -6.93 -48.94 17.70
CA ILE H 55 -7.80 -48.26 16.74
C ILE H 55 -9.10 -49.08 16.64
N GLN H 56 -8.98 -50.42 16.53
CA GLN H 56 -10.11 -51.34 16.43
C GLN H 56 -11.04 -51.23 17.65
N GLN H 57 -10.47 -51.19 18.88
CA GLN H 57 -11.24 -51.11 20.12
C GLN H 57 -11.85 -49.70 20.30
N PHE H 58 -11.11 -48.62 19.93
CA PHE H 58 -11.61 -47.24 20.04
C PHE H 58 -12.88 -47.08 19.21
N VAL H 59 -12.81 -47.48 17.92
CA VAL H 59 -13.91 -47.43 16.95
C VAL H 59 -15.12 -48.24 17.50
N LYS H 60 -14.85 -49.42 18.10
CA LYS H 60 -15.86 -50.30 18.72
C LYS H 60 -16.56 -49.59 19.88
N GLN H 61 -15.79 -48.93 20.76
CA GLN H 61 -16.31 -48.21 21.92
C GLN H 61 -17.10 -46.97 21.49
N GLU H 62 -16.62 -46.25 20.46
CA GLU H 62 -17.31 -45.07 19.92
C GLU H 62 -18.63 -45.46 19.27
N TYR H 63 -18.66 -46.63 18.61
CA TYR H 63 -19.85 -47.20 17.97
C TYR H 63 -20.93 -47.49 19.02
N GLU H 64 -20.51 -48.01 20.19
CA GLU H 64 -21.38 -48.41 21.30
C GLU H 64 -21.91 -47.22 22.13
N LYS H 65 -21.48 -45.98 21.82
CA LYS H 65 -21.96 -44.79 22.52
C LYS H 65 -23.42 -44.52 22.17
N GLU H 66 -24.19 -43.99 23.15
CA GLU H 66 -25.63 -43.68 23.05
C GLU H 66 -25.99 -43.07 21.69
N GLY H 67 -27.02 -43.66 21.07
CA GLY H 67 -27.49 -43.25 19.75
C GLY H 67 -27.15 -44.23 18.65
N ASN H 68 -26.02 -44.99 18.81
CA ASN H 68 -25.52 -46.01 17.88
C ASN H 68 -25.50 -45.46 16.43
N ASP H 69 -24.97 -44.22 16.27
CA ASP H 69 -25.00 -43.47 15.02
C ASP H 69 -23.63 -43.33 14.31
N LEU H 70 -22.55 -43.97 14.82
CA LEU H 70 -21.24 -43.92 14.15
C LEU H 70 -21.37 -44.60 12.79
N THR H 71 -21.02 -43.87 11.70
CA THR H 71 -21.16 -44.40 10.34
C THR H 71 -19.83 -44.32 9.57
N TYR H 72 -19.02 -43.28 9.81
CA TYR H 72 -17.77 -43.13 9.08
C TYR H 72 -16.59 -42.90 9.99
N VAL H 73 -15.43 -43.44 9.59
CA VAL H 73 -14.15 -43.23 10.27
C VAL H 73 -13.14 -42.88 9.20
N LEU H 74 -12.52 -41.70 9.32
CA LEU H 74 -11.47 -41.28 8.40
C LEU H 74 -10.14 -41.35 9.14
N LEU H 75 -9.21 -42.15 8.60
CA LEU H 75 -7.85 -42.28 9.15
C LEU H 75 -6.94 -41.30 8.42
N VAL H 76 -6.17 -40.51 9.17
CA VAL H 76 -5.25 -39.52 8.58
C VAL H 76 -3.81 -39.99 8.78
N GLY H 77 -3.06 -40.02 7.69
CA GLY H 77 -1.65 -40.41 7.70
C GLY H 77 -1.36 -41.72 7.01
N ASP H 78 -0.07 -41.99 6.80
CA ASP H 78 0.39 -43.26 6.20
C ASP H 78 0.40 -44.36 7.30
N HIS H 79 0.85 -45.57 6.94
CA HIS H 79 0.92 -46.74 7.85
C HIS H 79 1.76 -46.45 9.12
N LYS H 80 2.86 -45.67 9.00
CA LYS H 80 3.74 -45.31 10.13
C LYS H 80 3.03 -44.41 11.16
N ASP H 81 2.01 -43.65 10.73
CA ASP H 81 1.20 -42.77 11.58
C ASP H 81 0.07 -43.55 12.22
N ILE H 82 -0.80 -44.16 11.40
CA ILE H 82 -1.91 -45.00 11.83
C ILE H 82 -1.73 -46.32 11.09
N PRO H 83 -1.41 -47.43 11.81
CA PRO H 83 -1.17 -48.68 11.09
C PRO H 83 -2.44 -49.34 10.58
N ALA H 84 -2.26 -50.20 9.57
CA ALA H 84 -3.31 -51.06 9.05
C ALA H 84 -3.24 -52.33 9.88
N LYS H 85 -4.36 -53.07 10.01
CA LYS H 85 -4.35 -54.33 10.74
C LYS H 85 -3.66 -55.38 9.86
N ILE H 86 -2.68 -56.08 10.44
CA ILE H 86 -1.90 -57.08 9.70
C ILE H 86 -2.15 -58.45 10.32
N THR H 87 -2.66 -59.38 9.51
CA THR H 87 -2.93 -60.78 9.85
C THR H 87 -2.39 -61.62 8.67
N PRO H 88 -2.17 -62.97 8.80
CA PRO H 88 -1.60 -63.72 7.66
C PRO H 88 -2.29 -63.44 6.32
N GLY H 89 -1.51 -62.92 5.38
CA GLY H 89 -1.93 -62.57 4.03
C GLY H 89 -2.91 -61.41 3.92
N ILE H 90 -3.06 -60.60 5.00
CA ILE H 90 -3.99 -59.48 5.04
C ILE H 90 -3.35 -58.21 5.60
N LYS H 91 -3.58 -57.09 4.90
CA LYS H 91 -3.26 -55.71 5.28
C LYS H 91 -4.61 -55.00 5.17
N SER H 92 -5.21 -54.59 6.29
CA SER H 92 -6.56 -54.04 6.24
C SER H 92 -6.84 -52.82 7.08
N ASP H 93 -7.65 -51.90 6.51
CA ASP H 93 -8.24 -50.72 7.14
C ASP H 93 -9.73 -51.00 7.35
N GLN H 94 -10.35 -51.73 6.40
CA GLN H 94 -11.76 -52.10 6.38
C GLN H 94 -12.23 -52.86 7.63
N VAL H 95 -11.35 -53.73 8.20
CA VAL H 95 -11.65 -54.52 9.40
C VAL H 95 -12.01 -53.62 10.62
N TYR H 96 -11.54 -52.36 10.62
CA TYR H 96 -11.84 -51.40 11.68
C TYR H 96 -13.34 -51.07 11.75
N GLY H 97 -14.05 -51.25 10.63
CA GLY H 97 -15.49 -51.04 10.53
C GLY H 97 -16.33 -52.27 10.79
N GLN H 98 -15.66 -53.44 10.98
CA GLN H 98 -16.30 -54.71 11.28
C GLN H 98 -16.37 -54.81 12.81
N ILE H 99 -17.47 -54.29 13.39
CA ILE H 99 -17.66 -54.15 14.83
C ILE H 99 -18.66 -55.14 15.41
N VAL H 100 -19.85 -55.27 14.80
CA VAL H 100 -20.90 -56.16 15.31
C VAL H 100 -20.92 -57.46 14.52
N GLY H 101 -20.68 -58.55 15.25
CA GLY H 101 -20.66 -59.90 14.72
C GLY H 101 -19.31 -60.38 14.23
N ASN H 102 -19.09 -61.69 14.31
CA ASN H 102 -17.87 -62.35 13.83
C ASN H 102 -18.07 -62.62 12.33
N ASP H 103 -18.01 -61.54 11.53
CA ASP H 103 -18.22 -61.53 10.09
C ASP H 103 -17.49 -60.35 9.45
N HIS H 104 -17.51 -60.28 8.12
CA HIS H 104 -16.80 -59.24 7.37
C HIS H 104 -17.77 -58.17 6.85
N TYR H 105 -19.01 -58.15 7.38
CA TYR H 105 -20.01 -57.14 7.01
C TYR H 105 -19.81 -55.92 7.89
N ASN H 106 -19.25 -54.86 7.29
CA ASN H 106 -18.96 -53.60 7.97
C ASN H 106 -20.20 -52.87 8.44
N GLU H 107 -20.09 -52.32 9.64
CA GLU H 107 -21.10 -51.48 10.30
C GLU H 107 -20.76 -50.03 10.01
N VAL H 108 -19.45 -49.75 9.94
CA VAL H 108 -18.87 -48.41 9.73
C VAL H 108 -17.98 -48.43 8.49
N PHE H 109 -18.06 -47.35 7.68
CA PHE H 109 -17.29 -47.17 6.47
C PHE H 109 -15.97 -46.50 6.81
N ILE H 110 -14.86 -47.14 6.40
CA ILE H 110 -13.50 -46.68 6.67
C ILE H 110 -12.87 -46.10 5.41
N GLY H 111 -12.18 -44.97 5.59
CA GLY H 111 -11.44 -44.27 4.54
C GLY H 111 -10.14 -43.73 5.08
N ARG H 112 -9.17 -43.47 4.19
CA ARG H 112 -7.87 -42.97 4.63
C ARG H 112 -7.32 -41.84 3.74
N PHE H 113 -6.84 -40.77 4.41
CA PHE H 113 -6.09 -39.66 3.82
C PHE H 113 -4.63 -39.98 4.09
N SER H 114 -3.99 -40.74 3.19
CA SER H 114 -2.61 -41.18 3.38
C SER H 114 -1.66 -40.08 2.96
N CYS H 115 -0.90 -39.59 3.93
CA CYS H 115 0.01 -38.48 3.74
C CYS H 115 1.33 -38.68 4.48
N GLU H 116 2.41 -38.09 3.93
CA GLU H 116 3.77 -38.14 4.48
C GLU H 116 4.33 -36.71 4.67
N SER H 117 3.49 -35.70 4.38
CA SER H 117 3.79 -34.28 4.51
C SER H 117 2.51 -33.50 4.75
N LYS H 118 2.63 -32.23 5.17
CA LYS H 118 1.48 -31.35 5.39
C LYS H 118 0.79 -31.02 4.06
N GLU H 119 1.56 -30.97 2.95
CA GLU H 119 1.06 -30.72 1.60
C GLU H 119 0.16 -31.87 1.11
N ASP H 120 0.53 -33.12 1.44
CA ASP H 120 -0.23 -34.33 1.08
C ASP H 120 -1.60 -34.31 1.73
N LEU H 121 -1.67 -33.83 2.98
CA LEU H 121 -2.93 -33.73 3.72
C LEU H 121 -3.77 -32.57 3.17
N LYS H 122 -3.15 -31.37 3.03
CA LYS H 122 -3.79 -30.15 2.53
C LYS H 122 -4.52 -30.40 1.20
N THR H 123 -3.85 -31.06 0.22
CA THR H 123 -4.44 -31.32 -1.10
C THR H 123 -5.61 -32.32 -1.03
N GLN H 124 -5.60 -33.27 -0.08
CA GLN H 124 -6.68 -34.24 0.08
C GLN H 124 -7.89 -33.57 0.76
N ILE H 125 -7.64 -32.60 1.65
CA ILE H 125 -8.69 -31.81 2.31
C ILE H 125 -9.33 -30.89 1.27
N ASP H 126 -8.49 -30.09 0.56
CA ASP H 126 -8.91 -29.12 -0.45
C ASP H 126 -9.72 -29.75 -1.58
N ARG H 127 -9.31 -30.94 -2.08
CA ARG H 127 -10.03 -31.61 -3.17
C ARG H 127 -11.40 -32.11 -2.73
N THR H 128 -11.53 -32.57 -1.47
CA THR H 128 -12.77 -33.08 -0.90
C THR H 128 -13.75 -31.92 -0.71
N ILE H 129 -13.28 -30.80 -0.14
CA ILE H 129 -14.11 -29.61 0.08
C ILE H 129 -14.55 -29.02 -1.27
N HIS H 130 -13.63 -28.84 -2.26
CA HIS H 130 -13.99 -28.28 -3.58
C HIS H 130 -15.07 -29.13 -4.26
N TYR H 131 -14.92 -30.47 -4.24
CA TYR H 131 -15.85 -31.43 -4.85
C TYR H 131 -17.28 -31.31 -4.30
N GLU H 132 -17.41 -31.12 -2.99
CA GLU H 132 -18.70 -31.06 -2.32
C GLU H 132 -19.28 -29.66 -2.29
N ARG H 133 -18.42 -28.63 -2.18
CA ARG H 133 -18.83 -27.25 -2.03
C ARG H 133 -18.75 -26.37 -3.29
N ASN H 134 -17.72 -26.55 -4.13
CA ASN H 134 -17.47 -25.62 -5.23
C ASN H 134 -17.78 -26.11 -6.66
N ILE H 135 -18.29 -27.33 -6.85
CA ILE H 135 -18.62 -27.81 -8.20
C ILE H 135 -19.88 -27.07 -8.72
N THR H 136 -19.83 -26.54 -9.97
CA THR H 136 -20.92 -25.80 -10.59
C THR H 136 -21.40 -26.47 -11.90
N THR H 137 -22.38 -25.84 -12.60
CA THR H 137 -22.92 -26.29 -13.89
C THR H 137 -21.85 -26.22 -14.99
N GLU H 138 -20.73 -25.48 -14.72
CA GLU H 138 -19.62 -25.28 -15.64
C GLU H 138 -18.61 -26.42 -15.57
N ASP H 139 -18.76 -27.33 -14.59
CA ASP H 139 -17.90 -28.51 -14.45
C ASP H 139 -18.41 -29.60 -15.41
N LYS H 140 -18.09 -29.43 -16.70
CA LYS H 140 -18.55 -30.27 -17.81
C LYS H 140 -17.77 -31.57 -17.96
N TRP H 141 -16.69 -31.75 -17.18
CA TRP H 141 -15.86 -32.96 -17.16
C TRP H 141 -16.62 -34.12 -16.49
N LEU H 142 -17.65 -33.78 -15.69
CA LEU H 142 -18.53 -34.71 -15.00
C LEU H 142 -19.46 -35.41 -16.01
N GLY H 143 -19.87 -36.64 -15.70
CA GLY H 143 -20.70 -37.43 -16.59
C GLY H 143 -19.89 -38.03 -17.73
N GLN H 144 -18.57 -38.17 -17.49
CA GLN H 144 -17.61 -38.73 -18.46
C GLN H 144 -16.81 -39.79 -17.72
N ALA H 145 -16.80 -41.02 -18.26
CA ALA H 145 -16.15 -42.15 -17.60
C ALA H 145 -15.05 -42.79 -18.45
N LEU H 146 -14.08 -43.41 -17.76
CA LEU H 146 -12.97 -44.11 -18.37
C LEU H 146 -13.05 -45.59 -17.99
N CYS H 147 -13.10 -46.47 -19.00
CA CYS H 147 -13.16 -47.93 -18.84
C CYS H 147 -11.84 -48.52 -19.34
N ILE H 148 -11.11 -49.21 -18.44
CA ILE H 148 -9.81 -49.81 -18.76
C ILE H 148 -9.88 -51.31 -18.52
N ALA H 149 -9.37 -52.11 -19.47
CA ALA H 149 -9.41 -53.57 -19.34
C ALA H 149 -8.21 -54.27 -19.99
N SER H 150 -7.83 -55.40 -19.38
CA SER H 150 -6.77 -56.28 -19.88
C SER H 150 -7.35 -57.14 -21.01
N ALA H 151 -6.47 -57.77 -21.83
CA ALA H 151 -6.89 -58.64 -22.95
C ALA H 151 -7.05 -60.11 -22.49
N GLU H 152 -7.22 -60.33 -21.18
CA GLU H 152 -7.34 -61.65 -20.58
C GLU H 152 -8.73 -61.86 -19.98
N GLY H 153 -8.99 -63.08 -19.52
CA GLY H 153 -10.26 -63.46 -18.91
C GLY H 153 -11.08 -64.35 -19.81
N GLY H 154 -11.75 -65.31 -19.20
CA GLY H 154 -12.59 -66.27 -19.90
C GLY H 154 -13.67 -66.92 -19.08
N PRO H 155 -13.96 -68.22 -19.35
CA PRO H 155 -15.05 -68.92 -18.65
C PRO H 155 -14.91 -69.02 -17.12
N SER H 156 -13.66 -68.99 -16.60
CA SER H 156 -13.34 -69.09 -15.17
C SER H 156 -13.59 -67.76 -14.40
N ALA H 157 -13.84 -66.66 -15.13
CA ALA H 157 -14.09 -65.33 -14.55
C ALA H 157 -15.55 -65.17 -14.12
N ASP H 158 -15.88 -64.01 -13.50
CA ASP H 158 -17.24 -63.68 -13.04
C ASP H 158 -18.16 -63.48 -14.26
N ASN H 159 -19.24 -64.30 -14.33
CA ASN H 159 -20.23 -64.38 -15.42
C ASN H 159 -19.56 -64.85 -16.73
N GLY H 160 -18.41 -65.53 -16.62
CA GLY H 160 -17.63 -66.03 -17.74
C GLY H 160 -17.21 -64.94 -18.71
N GLU H 161 -17.02 -63.72 -18.20
CA GLU H 161 -16.70 -62.55 -18.98
C GLU H 161 -15.22 -62.23 -18.97
N SER H 162 -14.68 -61.82 -20.13
CA SER H 162 -13.30 -61.37 -20.26
C SER H 162 -13.21 -59.99 -19.56
N ASP H 163 -12.00 -59.47 -19.30
CA ASP H 163 -11.93 -58.15 -18.64
C ASP H 163 -12.58 -57.08 -19.55
N ILE H 164 -12.46 -57.24 -20.88
CA ILE H 164 -13.04 -56.36 -21.90
C ILE H 164 -14.58 -56.47 -21.91
N GLN H 165 -15.14 -57.70 -21.92
CA GLN H 165 -16.59 -57.93 -21.88
C GLN H 165 -17.20 -57.36 -20.61
N HIS H 166 -16.48 -57.48 -19.47
CA HIS H 166 -16.83 -56.97 -18.16
C HIS H 166 -16.96 -55.43 -18.20
N GLU H 167 -15.94 -54.76 -18.76
CA GLU H 167 -15.92 -53.29 -18.88
C GLU H 167 -16.94 -52.78 -19.87
N ASN H 168 -17.23 -53.58 -20.91
CA ASN H 168 -18.22 -53.19 -21.93
C ASN H 168 -19.63 -53.15 -21.34
N ILE H 169 -19.95 -54.07 -20.39
CA ILE H 169 -21.24 -54.15 -19.70
C ILE H 169 -21.37 -52.92 -18.77
N ILE H 170 -20.29 -52.57 -18.03
CA ILE H 170 -20.21 -51.40 -17.14
C ILE H 170 -20.43 -50.13 -17.98
N ALA H 171 -19.76 -50.02 -19.14
CA ALA H 171 -19.86 -48.90 -20.08
C ALA H 171 -21.30 -48.67 -20.53
N ASN H 172 -22.04 -49.77 -20.84
CA ASN H 172 -23.45 -49.71 -21.27
C ASN H 172 -24.34 -49.24 -20.13
N LEU H 173 -24.09 -49.71 -18.89
CA LEU H 173 -24.85 -49.34 -17.70
C LEU H 173 -24.70 -47.85 -17.41
N LEU H 174 -23.48 -47.30 -17.55
CA LEU H 174 -23.16 -45.89 -17.30
C LEU H 174 -23.81 -44.99 -18.33
N THR H 175 -23.78 -45.39 -19.62
CA THR H 175 -24.40 -44.68 -20.74
C THR H 175 -25.92 -44.61 -20.53
N GLN H 176 -26.54 -45.74 -20.14
CA GLN H 176 -27.99 -45.84 -19.86
C GLN H 176 -28.40 -44.90 -18.73
N TYR H 177 -27.54 -44.77 -17.71
CA TYR H 177 -27.76 -43.92 -16.54
C TYR H 177 -27.71 -42.43 -16.90
N GLY H 178 -26.86 -42.06 -17.86
CA GLY H 178 -26.72 -40.68 -18.28
C GLY H 178 -25.32 -40.20 -18.63
N TYR H 179 -24.29 -41.05 -18.44
CA TYR H 179 -22.90 -40.70 -18.76
C TYR H 179 -22.82 -40.38 -20.26
N THR H 180 -22.43 -39.14 -20.57
CA THR H 180 -22.38 -38.57 -21.92
C THR H 180 -21.16 -39.04 -22.73
N LYS H 181 -20.11 -39.54 -22.07
CA LYS H 181 -18.92 -40.01 -22.76
C LYS H 181 -18.26 -41.17 -22.03
N ILE H 182 -17.90 -42.21 -22.78
CA ILE H 182 -17.17 -43.38 -22.27
C ILE H 182 -15.87 -43.49 -23.06
N ILE H 183 -14.73 -43.45 -22.34
CA ILE H 183 -13.43 -43.64 -22.96
C ILE H 183 -13.00 -45.07 -22.66
N LYS H 184 -12.80 -45.88 -23.72
CA LYS H 184 -12.40 -47.27 -23.59
C LYS H 184 -10.92 -47.44 -23.92
N CYS H 185 -10.14 -47.91 -22.95
CA CYS H 185 -8.71 -48.18 -23.08
C CYS H 185 -8.49 -49.68 -22.84
N TYR H 186 -8.63 -50.47 -23.91
CA TYR H 186 -8.52 -51.93 -23.83
C TYR H 186 -7.23 -52.41 -24.46
N ASP H 187 -6.57 -53.35 -23.76
CA ASP H 187 -5.34 -53.97 -24.23
C ASP H 187 -5.62 -54.87 -25.46
N PRO H 188 -4.63 -55.11 -26.36
CA PRO H 188 -3.23 -54.65 -26.30
C PRO H 188 -3.03 -53.23 -26.85
N GLY H 189 -1.93 -52.62 -26.46
CA GLY H 189 -1.52 -51.30 -26.96
C GLY H 189 -1.80 -50.07 -26.15
N VAL H 190 -2.42 -50.21 -24.95
CA VAL H 190 -2.69 -49.04 -24.12
C VAL H 190 -1.37 -48.54 -23.58
N THR H 191 -1.13 -47.23 -23.73
CA THR H 191 0.10 -46.55 -23.31
C THR H 191 -0.18 -45.63 -22.10
N PRO H 192 0.86 -45.12 -21.37
CA PRO H 192 0.57 -44.19 -20.26
C PRO H 192 -0.07 -42.89 -20.76
N LYS H 193 0.27 -42.47 -22.01
CA LYS H 193 -0.26 -41.27 -22.66
C LYS H 193 -1.78 -41.36 -22.81
N ASN H 194 -2.32 -42.55 -23.12
CA ASN H 194 -3.78 -42.79 -23.26
C ASN H 194 -4.52 -42.44 -21.97
N ILE H 195 -3.95 -42.84 -20.80
CA ILE H 195 -4.52 -42.58 -19.47
C ILE H 195 -4.36 -41.11 -19.12
N ILE H 196 -3.15 -40.54 -19.35
CA ILE H 196 -2.82 -39.13 -19.09
C ILE H 196 -3.84 -38.23 -19.82
N ASP H 197 -4.06 -38.48 -21.13
CA ASP H 197 -5.00 -37.74 -21.98
C ASP H 197 -6.46 -37.88 -21.52
N ALA H 198 -6.86 -39.06 -21.01
CA ALA H 198 -8.22 -39.29 -20.52
C ALA H 198 -8.48 -38.46 -19.26
N PHE H 199 -7.50 -38.41 -18.34
CA PHE H 199 -7.55 -37.63 -17.11
C PHE H 199 -7.58 -36.12 -17.41
N ASN H 200 -6.65 -35.66 -18.27
CA ASN H 200 -6.50 -34.26 -18.67
C ASN H 200 -7.67 -33.75 -19.50
N GLY H 201 -8.34 -34.65 -20.22
CA GLY H 201 -9.53 -34.33 -21.01
C GLY H 201 -10.75 -34.11 -20.13
N GLY H 202 -10.73 -34.72 -18.94
CA GLY H 202 -11.79 -34.61 -17.96
C GLY H 202 -12.67 -35.83 -17.84
N ILE H 203 -12.63 -36.48 -16.66
CA ILE H 203 -13.44 -37.67 -16.33
C ILE H 203 -13.87 -37.57 -14.86
N SER H 204 -15.08 -38.09 -14.54
CA SER H 204 -15.62 -38.09 -13.18
C SER H 204 -15.65 -39.50 -12.58
N LEU H 205 -15.36 -40.51 -13.41
CA LEU H 205 -15.32 -41.91 -12.99
C LEU H 205 -14.33 -42.71 -13.83
N ALA H 206 -13.62 -43.64 -13.20
CA ALA H 206 -12.73 -44.56 -13.88
C ALA H 206 -12.91 -45.96 -13.30
N ASN H 207 -13.01 -46.94 -14.20
CA ASN H 207 -13.11 -48.35 -13.86
C ASN H 207 -11.93 -49.07 -14.49
N TYR H 208 -11.20 -49.86 -13.69
CA TYR H 208 -10.06 -50.64 -14.15
C TYR H 208 -10.29 -52.11 -13.83
N THR H 209 -9.99 -52.99 -14.79
CA THR H 209 -10.05 -54.44 -14.63
C THR H 209 -8.85 -55.05 -15.34
N GLY H 210 -7.87 -55.49 -14.55
CA GLY H 210 -6.66 -56.11 -15.08
C GLY H 210 -5.66 -56.46 -14.02
N HIS H 211 -4.37 -56.37 -14.40
CA HIS H 211 -3.24 -56.63 -13.53
C HIS H 211 -2.71 -55.33 -12.96
N GLY H 212 -2.08 -55.42 -11.80
CA GLY H 212 -1.47 -54.28 -11.15
C GLY H 212 -0.23 -54.61 -10.37
N SER H 213 0.63 -53.61 -10.22
CA SER H 213 1.82 -53.62 -9.39
C SER H 213 1.55 -52.59 -8.30
N GLU H 214 2.46 -52.45 -7.30
CA GLU H 214 2.26 -51.48 -6.21
C GLU H 214 2.17 -50.05 -6.74
N THR H 215 2.86 -49.74 -7.83
CA THR H 215 2.94 -48.38 -8.36
C THR H 215 2.32 -48.16 -9.75
N ALA H 216 1.82 -49.23 -10.42
CA ALA H 216 1.29 -49.04 -11.78
C ALA H 216 0.17 -50.00 -12.17
N TRP H 217 -0.48 -49.67 -13.31
CA TRP H 217 -1.49 -50.49 -13.98
C TRP H 217 -0.82 -51.35 -15.03
N GLY H 218 -1.14 -52.65 -15.05
CA GLY H 218 -0.59 -53.59 -16.01
C GLY H 218 -1.00 -53.22 -17.42
N THR H 219 -2.28 -52.86 -17.58
CA THR H 219 -2.86 -52.37 -18.83
C THR H 219 -2.66 -50.86 -18.82
N SER H 220 -1.79 -50.37 -19.74
CA SER H 220 -1.38 -48.98 -20.00
C SER H 220 0.04 -48.70 -19.52
N HIS H 221 0.45 -49.31 -18.40
CA HIS H 221 1.74 -49.10 -17.73
C HIS H 221 1.77 -47.70 -17.10
N PHE H 222 0.57 -47.08 -16.90
CA PHE H 222 0.42 -45.79 -16.22
C PHE H 222 0.67 -46.04 -14.75
N GLY H 223 1.58 -45.26 -14.16
CA GLY H 223 1.93 -45.39 -12.77
C GLY H 223 2.25 -44.09 -12.06
N THR H 224 2.84 -44.21 -10.85
CA THR H 224 3.21 -43.12 -9.94
C THR H 224 4.13 -42.07 -10.60
N THR H 225 5.00 -42.50 -11.55
CA THR H 225 5.93 -41.59 -12.24
C THR H 225 5.19 -40.69 -13.25
N HIS H 226 4.05 -41.15 -13.80
CA HIS H 226 3.29 -40.40 -14.80
C HIS H 226 2.28 -39.44 -14.17
N VAL H 227 2.09 -39.50 -12.83
CA VAL H 227 1.10 -38.71 -12.11
C VAL H 227 1.44 -37.18 -12.14
N LYS H 228 2.72 -36.82 -12.31
CA LYS H 228 3.16 -35.41 -12.42
C LYS H 228 2.78 -34.80 -13.80
N GLN H 229 2.36 -35.65 -14.76
CA GLN H 229 1.93 -35.22 -16.11
C GLN H 229 0.44 -34.86 -16.16
N LEU H 230 -0.30 -35.13 -15.07
CA LEU H 230 -1.74 -34.83 -14.98
C LEU H 230 -1.95 -33.35 -14.70
N THR H 231 -2.90 -32.74 -15.43
CA THR H 231 -3.23 -31.32 -15.32
C THR H 231 -4.73 -31.12 -15.01
N ASN H 232 -5.42 -32.19 -14.54
CA ASN H 232 -6.85 -32.14 -14.23
C ASN H 232 -7.11 -31.41 -12.89
N SER H 233 -6.77 -30.11 -12.84
CA SER H 233 -6.93 -29.25 -11.65
C SER H 233 -8.40 -29.17 -11.22
N ASN H 234 -8.68 -29.82 -10.07
CA ASN H 234 -10.00 -29.96 -9.43
C ASN H 234 -11.07 -30.52 -10.40
N GLN H 235 -10.65 -31.43 -11.32
CA GLN H 235 -11.49 -32.17 -12.27
C GLN H 235 -11.15 -33.63 -12.04
N LEU H 236 -11.49 -34.12 -10.84
CA LEU H 236 -11.03 -35.42 -10.35
C LEU H 236 -12.07 -36.53 -10.36
N PRO H 237 -11.72 -37.66 -10.98
CA PRO H 237 -12.61 -38.83 -10.91
C PRO H 237 -12.40 -39.63 -9.63
N PHE H 238 -13.36 -40.51 -9.32
CA PHE H 238 -13.23 -41.51 -8.25
C PHE H 238 -13.06 -42.84 -9.00
N ILE H 239 -12.25 -43.78 -8.47
CA ILE H 239 -11.95 -45.01 -9.20
C ILE H 239 -12.31 -46.30 -8.46
N PHE H 240 -12.93 -47.24 -9.20
CA PHE H 240 -13.21 -48.61 -8.76
C PHE H 240 -12.10 -49.42 -9.41
N ASP H 241 -11.07 -49.78 -8.63
CA ASP H 241 -9.88 -50.42 -9.17
C ASP H 241 -9.79 -51.92 -8.88
N VAL H 242 -9.92 -52.74 -9.93
CA VAL H 242 -9.74 -54.20 -9.89
C VAL H 242 -8.33 -54.47 -10.43
N ALA H 243 -7.37 -54.62 -9.50
CA ALA H 243 -5.95 -54.84 -9.75
C ALA H 243 -5.25 -55.25 -8.47
N VAL H 245 -2.30 -55.22 -5.61
CA VAL H 245 -1.42 -54.37 -4.78
C VAL H 245 -1.38 -52.84 -5.11
N ASN H 246 -2.33 -52.31 -5.91
CA ASN H 246 -2.38 -50.87 -6.24
C ASN H 246 -2.59 -50.01 -4.99
N GLY H 247 -3.23 -50.59 -3.96
CA GLY H 247 -3.50 -49.94 -2.69
C GLY H 247 -2.60 -50.38 -1.55
N ASP H 248 -1.44 -51.00 -1.85
CA ASP H 248 -0.50 -51.42 -0.82
C ASP H 248 0.26 -50.19 -0.32
N PHE H 249 -0.37 -49.43 0.59
CA PHE H 249 0.20 -48.19 1.12
C PHE H 249 1.31 -48.46 2.15
N LEU H 250 1.62 -49.75 2.41
CA LEU H 250 2.68 -50.18 3.32
C LEU H 250 4.00 -50.33 2.56
N TYR H 251 3.97 -50.18 1.22
CA TYR H 251 5.11 -50.25 0.32
C TYR H 251 6.12 -49.15 0.64
N ASN H 252 7.42 -49.37 0.34
CA ASN H 252 8.51 -48.45 0.67
C ASN H 252 8.42 -47.09 -0.06
N VAL H 253 7.74 -47.05 -1.21
CA VAL H 253 7.52 -45.81 -1.97
C VAL H 253 6.00 -45.59 -2.07
N PRO H 254 5.49 -44.36 -2.34
CA PRO H 254 4.02 -44.18 -2.41
C PRO H 254 3.42 -45.12 -3.46
N CYS H 255 2.35 -45.82 -3.08
CA CYS H 255 1.72 -46.75 -4.01
C CYS H 255 0.89 -45.97 -5.03
N PHE H 256 0.33 -46.68 -6.01
CA PHE H 256 -0.49 -46.15 -7.09
C PHE H 256 -1.62 -45.23 -6.57
N ALA H 257 -2.42 -45.72 -5.61
CA ALA H 257 -3.55 -44.99 -5.01
C ALA H 257 -3.11 -43.73 -4.29
N GLU H 258 -2.00 -43.81 -3.52
CA GLU H 258 -1.45 -42.67 -2.78
C GLU H 258 -0.97 -41.56 -3.71
N ALA H 259 -0.24 -41.93 -4.80
CA ALA H 259 0.27 -40.94 -5.76
C ALA H 259 -0.87 -40.15 -6.42
N LEU H 260 -1.98 -40.82 -6.75
CA LEU H 260 -3.14 -40.17 -7.36
C LEU H 260 -3.89 -39.28 -6.36
N MET H 261 -3.89 -39.66 -5.08
CA MET H 261 -4.53 -38.92 -4.01
C MET H 261 -3.73 -37.69 -3.57
N ARG H 262 -2.39 -37.72 -3.71
CA ARG H 262 -1.47 -36.67 -3.27
C ARG H 262 -1.04 -35.72 -4.38
N ALA H 263 -1.37 -36.04 -5.65
CA ALA H 263 -0.97 -35.28 -6.83
C ALA H 263 -1.40 -33.82 -6.78
N GLN H 264 -0.45 -32.94 -7.12
CA GLN H 264 -0.60 -31.49 -7.16
C GLN H 264 0.09 -30.89 -8.36
N LYS H 265 -0.50 -29.84 -8.93
CA LYS H 265 0.06 -29.06 -10.03
C LYS H 265 -0.22 -27.60 -9.76
N ASP H 266 0.85 -26.82 -9.47
CA ASP H 266 0.83 -25.39 -9.13
C ASP H 266 -0.11 -25.12 -7.92
N GLY H 267 -0.01 -25.97 -6.91
CA GLY H 267 -0.81 -25.89 -5.69
C GLY H 267 -2.27 -26.29 -5.81
N LYS H 268 -2.68 -26.79 -6.99
CA LYS H 268 -4.05 -27.23 -7.25
C LYS H 268 -4.12 -28.76 -7.28
N PRO H 269 -5.22 -29.37 -6.78
CA PRO H 269 -5.29 -30.84 -6.76
C PRO H 269 -5.48 -31.45 -8.15
N THR H 270 -4.70 -32.49 -8.44
CA THR H 270 -4.75 -33.32 -9.64
C THR H 270 -4.88 -34.78 -9.20
N GLY H 271 -5.16 -35.69 -10.13
CA GLY H 271 -5.31 -37.09 -9.84
C GLY H 271 -6.74 -37.48 -9.52
N THR H 272 -6.97 -38.10 -8.36
CA THR H 272 -8.28 -38.61 -7.95
C THR H 272 -8.83 -37.98 -6.68
N VAL H 273 -10.17 -37.93 -6.57
CA VAL H 273 -10.88 -37.43 -5.38
C VAL H 273 -11.00 -38.60 -4.35
N ALA H 274 -11.06 -39.85 -4.87
CA ALA H 274 -11.16 -41.09 -4.11
C ALA H 274 -10.85 -42.29 -5.00
N ILE H 275 -10.34 -43.37 -4.40
CA ILE H 275 -10.02 -44.61 -5.10
C ILE H 275 -10.08 -45.75 -4.10
N ILE H 276 -10.64 -46.89 -4.53
CA ILE H 276 -10.68 -48.13 -3.74
C ILE H 276 -9.73 -49.09 -4.45
N ALA H 277 -8.62 -49.43 -3.78
CA ALA H 277 -7.58 -50.28 -4.33
C ALA H 277 -7.09 -51.28 -3.29
N SER H 278 -6.68 -52.48 -3.75
CA SER H 278 -6.27 -53.60 -2.91
C SER H 278 -4.84 -53.49 -2.37
N THR H 279 -4.66 -53.88 -1.09
CA THR H 279 -3.35 -53.92 -0.43
C THR H 279 -2.56 -55.18 -0.80
N ILE H 280 -3.26 -56.19 -1.35
CA ILE H 280 -2.69 -57.49 -1.73
C ILE H 280 -3.06 -57.86 -3.18
N ASN H 281 -2.63 -59.05 -3.63
CA ASN H 281 -3.00 -59.60 -4.92
C ASN H 281 -4.46 -59.95 -4.88
N GLN H 282 -5.20 -59.56 -5.93
CA GLN H 282 -6.63 -59.82 -5.99
C GLN H 282 -6.93 -61.09 -6.75
N SER H 283 -8.06 -61.73 -6.42
CA SER H 283 -8.57 -62.91 -7.11
C SER H 283 -9.11 -62.46 -8.46
N TRP H 284 -9.33 -63.39 -9.39
CA TRP H 284 -9.81 -63.01 -10.71
C TRP H 284 -11.30 -62.62 -10.73
N ALA H 285 -12.18 -63.52 -10.24
CA ALA H 285 -13.64 -63.38 -10.35
C ALA H 285 -14.32 -62.51 -9.27
N SER H 286 -14.07 -62.75 -7.95
CA SER H 286 -14.76 -62.01 -6.90
C SER H 286 -14.68 -60.47 -7.03
N PRO H 287 -13.52 -59.79 -7.32
CA PRO H 287 -13.53 -58.33 -7.43
C PRO H 287 -14.36 -57.81 -8.60
N MET H 288 -14.52 -58.62 -9.68
CA MET H 288 -15.35 -58.29 -10.85
C MET H 288 -16.82 -58.12 -10.43
N ARG H 289 -17.28 -58.99 -9.53
CA ARG H 289 -18.63 -58.97 -8.94
C ARG H 289 -18.82 -57.72 -8.10
N GLY H 290 -17.83 -57.42 -7.26
CA GLY H 290 -17.80 -56.23 -6.41
C GLY H 290 -17.85 -54.95 -7.21
N GLN H 291 -17.02 -54.86 -8.27
CA GLN H 291 -16.93 -53.73 -9.20
C GLN H 291 -18.28 -53.49 -9.91
N ASP H 292 -18.95 -54.58 -10.37
CA ASP H 292 -20.25 -54.51 -11.02
C ASP H 292 -21.30 -53.90 -10.12
N GLU H 293 -21.37 -54.41 -8.88
CA GLU H 293 -22.33 -53.97 -7.88
C GLU H 293 -22.08 -52.52 -7.50
N MET H 294 -20.80 -52.09 -7.40
CA MET H 294 -20.40 -50.70 -7.12
C MET H 294 -21.02 -49.75 -8.16
N ASN H 295 -20.86 -50.10 -9.45
CA ASN H 295 -21.38 -49.32 -10.58
C ASN H 295 -22.90 -49.34 -10.63
N GLU H 296 -23.53 -50.47 -10.23
CA GLU H 296 -24.99 -50.61 -10.18
C GLU H 296 -25.57 -49.75 -9.05
N ILE H 297 -24.88 -49.70 -7.89
CA ILE H 297 -25.33 -48.90 -6.73
C ILE H 297 -25.14 -47.41 -7.06
N LEU H 298 -24.05 -47.07 -7.76
CA LEU H 298 -23.76 -45.71 -8.21
C LEU H 298 -24.85 -45.23 -9.17
N CYS H 299 -25.37 -46.16 -10.00
CA CYS H 299 -26.39 -45.87 -10.99
C CYS H 299 -27.81 -46.11 -10.46
N GLU H 300 -27.96 -46.40 -9.15
CA GLU H 300 -29.26 -46.62 -8.50
C GLU H 300 -30.03 -45.30 -8.37
N LYS H 301 -31.34 -45.41 -8.12
CA LYS H 301 -32.23 -44.26 -7.98
C LYS H 301 -32.71 -44.10 -6.54
N HIS H 302 -32.51 -42.88 -6.00
CA HIS H 302 -32.89 -42.40 -4.67
C HIS H 302 -32.66 -43.41 -3.51
N PRO H 303 -31.41 -43.86 -3.24
CA PRO H 303 -31.23 -44.69 -2.04
C PRO H 303 -31.09 -43.77 -0.83
N ASN H 304 -30.43 -44.21 0.26
CA ASN H 304 -30.23 -43.33 1.41
C ASN H 304 -29.04 -42.40 1.11
N ASN H 305 -28.77 -41.41 1.98
CA ASN H 305 -27.62 -40.52 1.85
C ASN H 305 -26.29 -41.28 2.02
N ILE H 306 -26.32 -42.47 2.64
CA ILE H 306 -25.15 -43.32 2.85
C ILE H 306 -24.71 -43.93 1.51
N LYS H 307 -25.66 -44.43 0.70
CA LYS H 307 -25.38 -45.01 -0.62
C LYS H 307 -25.09 -43.90 -1.67
N ARG H 308 -24.96 -42.64 -1.20
CA ARG H 308 -24.58 -41.48 -2.02
C ARG H 308 -23.12 -41.09 -1.70
N THR H 309 -22.49 -41.84 -0.76
CA THR H 309 -21.10 -41.60 -0.34
C THR H 309 -20.18 -42.65 -0.96
N PHE H 310 -18.89 -42.32 -1.14
CA PHE H 310 -17.91 -43.23 -1.73
C PHE H 310 -17.76 -44.51 -0.89
N GLY H 311 -17.75 -44.37 0.43
CA GLY H 311 -17.67 -45.50 1.36
C GLY H 311 -18.89 -46.39 1.27
N GLY H 312 -20.07 -45.78 1.26
CA GLY H 312 -21.35 -46.48 1.15
C GLY H 312 -21.54 -47.23 -0.15
N VAL H 313 -21.17 -46.59 -1.29
CA VAL H 313 -21.27 -47.19 -2.63
C VAL H 313 -20.36 -48.42 -2.75
N THR H 314 -19.07 -48.27 -2.37
CA THR H 314 -18.08 -49.34 -2.49
C THR H 314 -18.35 -50.51 -1.51
N MET H 315 -18.64 -50.21 -0.24
CA MET H 315 -18.90 -51.24 0.77
C MET H 315 -20.12 -52.09 0.41
N ASN H 316 -21.24 -51.44 0.01
CA ASN H 316 -22.46 -52.15 -0.37
C ASN H 316 -22.23 -53.01 -1.63
N GLY H 317 -21.30 -52.56 -2.47
CA GLY H 317 -20.90 -53.31 -3.66
C GLY H 317 -20.14 -54.58 -3.29
N MET H 318 -19.28 -54.47 -2.26
CA MET H 318 -18.46 -55.56 -1.75
C MET H 318 -19.27 -56.58 -0.92
N PHE H 319 -20.49 -56.19 -0.46
CA PHE H 319 -21.37 -57.10 0.29
C PHE H 319 -21.83 -58.25 -0.61
N ALA H 320 -22.14 -57.97 -1.88
CA ALA H 320 -22.56 -58.94 -2.89
C ALA H 320 -21.44 -59.94 -3.18
N MET H 321 -20.20 -59.46 -3.11
CA MET H 321 -18.98 -60.24 -3.32
C MET H 321 -18.85 -61.34 -2.23
N VAL H 322 -19.24 -61.02 -0.96
CA VAL H 322 -19.20 -61.98 0.15
C VAL H 322 -20.37 -62.96 0.00
N GLU H 323 -21.55 -62.44 -0.37
CA GLU H 323 -22.76 -63.22 -0.60
C GLU H 323 -22.51 -64.32 -1.64
N LYS H 324 -21.79 -63.98 -2.73
CA LYS H 324 -21.59 -64.90 -3.85
C LYS H 324 -20.28 -65.67 -3.83
N TYR H 325 -19.17 -65.06 -3.35
CA TYR H 325 -17.86 -65.72 -3.40
C TYR H 325 -17.31 -66.18 -2.03
N LYS H 326 -18.08 -65.96 -0.94
CA LYS H 326 -17.82 -66.39 0.44
C LYS H 326 -16.45 -65.94 0.98
N LYS H 327 -15.62 -66.88 1.51
CA LYS H 327 -14.31 -66.62 2.11
C LYS H 327 -13.37 -65.84 1.20
N ASP H 328 -13.36 -66.14 -0.13
CA ASP H 328 -12.54 -65.41 -1.09
C ASP H 328 -13.04 -63.97 -1.20
N GLY H 329 -14.37 -63.80 -1.21
CA GLY H 329 -15.05 -62.51 -1.24
C GLY H 329 -14.74 -61.67 -0.01
N GLU H 330 -14.67 -62.31 1.18
CA GLU H 330 -14.33 -61.72 2.49
C GLU H 330 -12.89 -61.21 2.51
N LYS H 331 -11.95 -62.00 1.94
CA LYS H 331 -10.53 -61.67 1.84
C LYS H 331 -10.34 -60.42 0.95
N MET H 332 -11.13 -60.32 -0.13
CA MET H 332 -11.08 -59.18 -1.05
C MET H 332 -11.67 -57.93 -0.43
N LEU H 333 -12.78 -58.07 0.34
CA LEU H 333 -13.46 -56.97 1.03
C LEU H 333 -12.50 -56.31 2.04
N ASP H 334 -11.84 -57.14 2.88
CA ASP H 334 -10.91 -56.68 3.92
C ASP H 334 -9.75 -55.86 3.37
N THR H 335 -9.22 -56.26 2.21
CA THR H 335 -8.03 -55.64 1.62
C THR H 335 -8.33 -54.55 0.57
N TRP H 336 -9.59 -54.43 0.10
CA TRP H 336 -9.96 -53.40 -0.87
C TRP H 336 -10.16 -52.10 -0.09
N THR H 337 -9.07 -51.32 0.01
CA THR H 337 -8.92 -50.11 0.82
C THR H 337 -9.39 -48.82 0.15
N VAL H 338 -10.18 -48.04 0.89
CA VAL H 338 -10.68 -46.74 0.46
C VAL H 338 -9.60 -45.68 0.76
N PHE H 339 -9.16 -44.99 -0.28
CA PHE H 339 -8.25 -43.87 -0.23
C PHE H 339 -9.10 -42.65 -0.52
N GLY H 340 -9.20 -41.77 0.47
CA GLY H 340 -10.03 -40.59 0.40
C GLY H 340 -11.09 -40.59 1.48
N ASP H 341 -11.98 -39.60 1.44
CA ASP H 341 -13.04 -39.42 2.41
C ASP H 341 -14.16 -40.47 2.19
N PRO H 342 -14.45 -41.35 3.20
CA PRO H 342 -15.49 -42.36 3.01
C PRO H 342 -16.90 -41.76 2.95
N SER H 343 -17.07 -40.54 3.45
CA SER H 343 -18.35 -39.83 3.45
C SER H 343 -18.49 -38.92 2.24
N LEU H 344 -17.51 -38.97 1.30
CA LEU H 344 -17.51 -38.14 0.09
C LEU H 344 -18.79 -38.30 -0.69
N LEU H 345 -19.53 -37.19 -0.89
CA LEU H 345 -20.76 -37.21 -1.65
C LEU H 345 -20.39 -37.29 -3.12
N VAL H 346 -20.52 -38.50 -3.70
CA VAL H 346 -20.17 -38.76 -5.09
C VAL H 346 -21.06 -37.96 -6.06
N ARG H 347 -20.46 -37.60 -7.20
CA ARG H 347 -21.10 -36.88 -8.30
C ARG H 347 -20.97 -37.76 -9.54
N THR H 348 -22.07 -37.95 -10.26
CA THR H 348 -22.06 -38.79 -11.46
C THR H 348 -22.21 -37.98 -12.72
N LEU H 349 -23.06 -36.94 -12.68
CA LEU H 349 -23.36 -36.08 -13.83
C LEU H 349 -23.09 -34.61 -13.54
N VAL H 350 -23.14 -33.76 -14.58
CA VAL H 350 -23.00 -32.31 -14.49
C VAL H 350 -24.14 -31.81 -13.57
N PRO H 351 -23.85 -31.07 -12.48
CA PRO H 351 -24.94 -30.69 -11.57
C PRO H 351 -25.90 -29.66 -12.14
N THR H 352 -27.11 -29.61 -11.57
CA THR H 352 -28.14 -28.62 -11.90
C THR H 352 -28.31 -27.72 -10.68
N LYS H 353 -28.82 -26.50 -10.87
CA LYS H 353 -29.00 -25.56 -9.78
C LYS H 353 -30.25 -25.86 -8.97
N MET H 354 -30.19 -25.51 -7.67
CA MET H 354 -31.30 -25.60 -6.73
C MET H 354 -31.90 -24.23 -6.51
N GLN H 355 -33.22 -24.14 -6.31
CA GLN H 355 -33.86 -22.88 -5.99
C GLN H 355 -34.02 -22.86 -4.48
N VAL H 356 -33.19 -22.07 -3.79
CA VAL H 356 -33.19 -21.99 -2.33
C VAL H 356 -33.67 -20.60 -1.90
N THR H 357 -34.74 -20.57 -1.08
CA THR H 357 -35.32 -19.36 -0.53
C THR H 357 -35.26 -19.46 0.98
N ALA H 358 -34.53 -18.52 1.60
CA ALA H 358 -34.36 -18.46 3.04
C ALA H 358 -34.40 -17.03 3.53
N PRO H 359 -34.96 -16.75 4.75
CA PRO H 359 -34.96 -15.37 5.25
C PRO H 359 -33.54 -14.84 5.42
N ALA H 360 -33.33 -13.56 5.07
CA ALA H 360 -32.03 -12.89 5.16
C ALA H 360 -31.55 -12.76 6.61
N ASN H 361 -32.50 -12.73 7.56
CA ASN H 361 -32.24 -12.61 8.99
C ASN H 361 -32.91 -13.72 9.79
N ILE H 362 -32.44 -13.93 11.03
CA ILE H 362 -32.96 -14.88 12.00
C ILE H 362 -33.00 -14.18 13.37
N SER H 363 -34.07 -14.39 14.14
CA SER H 363 -34.23 -13.82 15.47
C SER H 363 -33.23 -14.48 16.43
N ALA H 364 -32.70 -13.72 17.39
CA ALA H 364 -31.75 -14.20 18.40
C ALA H 364 -32.38 -15.28 19.31
N SER H 365 -33.71 -15.23 19.49
CA SER H 365 -34.48 -16.15 20.31
C SER H 365 -35.18 -17.25 19.48
N ALA H 366 -34.78 -17.43 18.19
CA ALA H 366 -35.39 -18.43 17.32
C ALA H 366 -35.00 -19.86 17.71
N GLN H 367 -35.97 -20.78 17.59
CA GLN H 367 -35.85 -22.21 17.90
C GLN H 367 -35.86 -23.03 16.60
N THR H 368 -36.40 -22.45 15.52
CA THR H 368 -36.50 -23.04 14.18
C THR H 368 -36.12 -22.02 13.08
N PHE H 369 -35.80 -22.53 11.88
CA PHE H 369 -35.47 -21.71 10.71
C PHE H 369 -35.97 -22.44 9.47
N GLU H 370 -36.93 -21.81 8.78
CA GLU H 370 -37.58 -22.36 7.59
C GLU H 370 -36.78 -22.03 6.34
N VAL H 371 -36.54 -23.05 5.50
CA VAL H 371 -35.79 -22.91 4.24
C VAL H 371 -36.58 -23.60 3.13
N ALA H 372 -36.96 -22.84 2.10
CA ALA H 372 -37.66 -23.36 0.92
C ALA H 372 -36.64 -23.83 -0.11
N CYS H 373 -36.83 -25.05 -0.61
CA CYS H 373 -35.93 -25.65 -1.60
C CYS H 373 -36.75 -26.49 -2.59
N ASP H 374 -36.48 -26.33 -3.90
CA ASP H 374 -37.19 -27.04 -4.97
C ASP H 374 -36.70 -28.49 -5.13
N TYR H 375 -35.61 -28.88 -4.44
CA TYR H 375 -35.09 -30.24 -4.53
C TYR H 375 -35.33 -31.01 -3.23
N ASN H 376 -36.30 -31.94 -3.24
CA ASN H 376 -36.63 -32.78 -2.09
C ASN H 376 -35.54 -33.83 -1.92
N GLY H 377 -35.08 -33.98 -0.68
CA GLY H 377 -33.99 -34.88 -0.34
C GLY H 377 -32.71 -34.14 -0.02
N ALA H 378 -32.69 -32.82 -0.34
CA ALA H 378 -31.56 -31.94 -0.09
C ALA H 378 -31.37 -31.75 1.42
N ILE H 379 -30.11 -31.50 1.84
CA ILE H 379 -29.78 -31.30 3.25
C ILE H 379 -29.49 -29.82 3.49
N ALA H 380 -30.31 -29.18 4.34
CA ALA H 380 -30.16 -27.77 4.72
C ALA H 380 -29.59 -27.72 6.13
N THR H 381 -28.49 -26.99 6.30
CA THR H 381 -27.78 -26.92 7.58
C THR H 381 -27.39 -25.50 7.97
N LEU H 382 -27.64 -25.16 9.25
CA LEU H 382 -27.23 -23.90 9.85
C LEU H 382 -25.97 -24.17 10.66
N SER H 383 -24.91 -23.38 10.42
CA SER H 383 -23.63 -23.54 11.11
C SER H 383 -23.07 -22.20 11.58
N ASP H 384 -22.20 -22.28 12.61
CA ASP H 384 -21.52 -21.16 13.22
C ASP H 384 -20.02 -21.47 13.25
N ASP H 385 -19.29 -20.98 12.23
CA ASP H 385 -17.84 -21.12 12.02
C ASP H 385 -17.39 -22.60 12.17
N GLY H 386 -18.10 -23.49 11.47
CA GLY H 386 -17.81 -24.93 11.47
C GLY H 386 -18.51 -25.73 12.55
N ASP H 387 -19.33 -25.06 13.39
CA ASP H 387 -20.08 -25.72 14.45
C ASP H 387 -21.55 -25.81 14.04
N MET H 388 -22.07 -27.03 13.90
CA MET H 388 -23.43 -27.30 13.48
C MET H 388 -24.44 -26.83 14.53
N VAL H 389 -25.34 -25.92 14.11
CA VAL H 389 -26.38 -25.32 14.94
C VAL H 389 -27.69 -26.14 14.78
N GLY H 390 -27.90 -26.67 13.58
CA GLY H 390 -29.06 -27.49 13.25
C GLY H 390 -29.04 -27.95 11.81
N THR H 391 -29.66 -29.11 11.53
CA THR H 391 -29.73 -29.68 10.19
C THR H 391 -31.10 -30.34 9.97
N ALA H 392 -31.59 -30.28 8.73
CA ALA H 392 -32.88 -30.86 8.31
C ALA H 392 -32.88 -31.24 6.84
N ILE H 393 -33.67 -32.27 6.50
CA ILE H 393 -33.86 -32.74 5.12
C ILE H 393 -35.03 -31.95 4.50
N VAL H 394 -34.93 -31.61 3.20
CA VAL H 394 -36.00 -30.90 2.49
C VAL H 394 -37.10 -31.92 2.17
N LYS H 395 -38.27 -31.73 2.80
CA LYS H 395 -39.43 -32.59 2.62
C LYS H 395 -40.63 -31.72 2.27
N ASP H 396 -41.29 -32.03 1.14
CA ASP H 396 -42.45 -31.31 0.59
C ASP H 396 -42.10 -29.83 0.33
N GLY H 397 -40.94 -29.62 -0.31
CA GLY H 397 -40.43 -28.33 -0.72
C GLY H 397 -39.80 -27.44 0.35
N LYS H 398 -39.75 -27.90 1.62
CA LYS H 398 -39.14 -27.10 2.70
C LYS H 398 -38.35 -27.93 3.71
N ALA H 399 -37.41 -27.26 4.40
CA ALA H 399 -36.60 -27.83 5.46
C ALA H 399 -36.81 -26.99 6.72
N ILE H 400 -37.30 -27.61 7.80
CA ILE H 400 -37.54 -26.92 9.06
C ILE H 400 -36.37 -27.27 9.98
N ILE H 401 -35.37 -26.38 10.00
CA ILE H 401 -34.17 -26.59 10.80
C ILE H 401 -34.46 -26.28 12.27
N LYS H 402 -34.31 -27.29 13.13
CA LYS H 402 -34.49 -27.15 14.58
C LYS H 402 -33.14 -26.81 15.19
N LEU H 403 -33.05 -25.64 15.85
CA LEU H 403 -31.82 -25.16 16.49
C LEU H 403 -31.55 -25.96 17.77
N ASN H 404 -30.36 -26.56 17.89
CA ASN H 404 -29.99 -27.39 19.05
C ASN H 404 -29.20 -26.60 20.10
N GLU H 405 -29.06 -25.28 19.90
CA GLU H 405 -28.34 -24.38 20.82
C GLU H 405 -28.77 -22.93 20.61
N SER H 406 -28.60 -22.11 21.66
CA SER H 406 -28.93 -20.68 21.63
C SER H 406 -27.98 -19.93 20.70
N ILE H 407 -28.52 -18.96 19.96
CA ILE H 407 -27.77 -18.12 19.02
C ILE H 407 -27.92 -16.64 19.43
N ALA H 408 -28.41 -16.38 20.67
CA ALA H 408 -28.71 -15.06 21.21
C ALA H 408 -27.58 -14.02 21.10
N ASP H 409 -26.32 -14.45 21.28
CA ASP H 409 -25.17 -13.54 21.22
C ASP H 409 -24.48 -13.51 19.85
N GLU H 410 -24.89 -14.39 18.93
CA GLU H 410 -24.33 -14.50 17.58
C GLU H 410 -24.71 -13.29 16.70
N THR H 411 -23.86 -12.99 15.71
CA THR H 411 -24.09 -11.88 14.79
C THR H 411 -24.54 -12.42 13.44
N ASN H 412 -23.95 -13.55 13.01
CA ASN H 412 -24.23 -14.18 11.72
C ASN H 412 -24.18 -15.70 11.82
N LEU H 413 -24.94 -16.38 10.95
CA LEU H 413 -24.96 -17.84 10.81
C LEU H 413 -24.82 -18.21 9.34
N THR H 414 -24.27 -19.39 9.06
CA THR H 414 -24.08 -19.86 7.69
C THR H 414 -25.13 -20.90 7.37
N LEU H 415 -25.80 -20.73 6.23
CA LEU H 415 -26.77 -21.70 5.73
C LEU H 415 -26.15 -22.43 4.55
N THR H 416 -26.11 -23.77 4.62
CA THR H 416 -25.56 -24.61 3.56
C THR H 416 -26.64 -25.58 3.13
N VAL H 417 -26.86 -25.68 1.81
CA VAL H 417 -27.82 -26.62 1.24
C VAL H 417 -27.07 -27.47 0.22
N VAL H 418 -27.01 -28.79 0.46
CA VAL H 418 -26.37 -29.76 -0.44
C VAL H 418 -27.44 -30.69 -1.02
N GLY H 419 -27.22 -31.16 -2.25
CA GLY H 419 -28.11 -32.07 -2.93
C GLY H 419 -27.36 -32.93 -3.93
N TYR H 420 -27.83 -34.18 -4.12
CA TYR H 420 -27.22 -35.12 -5.06
C TYR H 420 -27.29 -34.57 -6.49
N ASN H 421 -26.12 -34.43 -7.14
CA ASN H 421 -25.93 -33.88 -8.48
C ASN H 421 -26.52 -32.45 -8.57
N LYS H 422 -26.38 -31.69 -7.46
CA LYS H 422 -26.85 -30.31 -7.35
C LYS H 422 -25.72 -29.40 -6.90
N VAL H 423 -25.77 -28.13 -7.35
CA VAL H 423 -24.79 -27.09 -7.00
C VAL H 423 -25.08 -26.68 -5.56
N THR H 424 -24.08 -26.81 -4.67
CA THR H 424 -24.20 -26.46 -3.25
C THR H 424 -24.52 -24.97 -3.10
N VAL H 425 -25.52 -24.66 -2.28
CA VAL H 425 -25.95 -23.30 -2.00
C VAL H 425 -25.46 -22.90 -0.60
N ILE H 426 -24.75 -21.76 -0.51
CA ILE H 426 -24.25 -21.21 0.75
C ILE H 426 -24.71 -19.76 0.86
N LYS H 427 -25.43 -19.45 1.96
CA LYS H 427 -25.96 -18.13 2.26
C LYS H 427 -25.61 -17.70 3.67
N ASP H 428 -25.40 -16.39 3.87
CA ASP H 428 -25.17 -15.82 5.19
C ASP H 428 -26.49 -15.35 5.77
N VAL H 429 -26.74 -15.67 7.04
CA VAL H 429 -27.97 -15.30 7.75
C VAL H 429 -27.60 -14.36 8.88
N LYS H 430 -28.16 -13.13 8.84
CA LYS H 430 -27.92 -12.10 9.85
C LYS H 430 -28.73 -12.39 11.12
N VAL H 431 -28.10 -12.28 12.30
CA VAL H 431 -28.84 -12.50 13.55
C VAL H 431 -29.32 -11.13 14.05
N GLU H 432 -30.64 -10.98 14.31
CA GLU H 432 -31.22 -9.73 14.80
C GLU H 432 -32.04 -9.98 16.06
#